data_2NUP
#
_entry.id   2NUP
#
_cell.length_a   148.200
_cell.length_b   97.400
_cell.length_c   129.620
_cell.angle_alpha   90.000
_cell.angle_beta   90.230
_cell.angle_gamma   90.000
#
_symmetry.space_group_name_H-M   'C 1 2 1'
#
loop_
_entity.id
_entity.type
_entity.pdbx_description
1 polymer 'Protein transport protein Sec23A'
2 polymer 'Protein transport protein Sec24A'
3 polymer 'Vesicle-trafficking protein SEC22b'
4 non-polymer 'ZINC ION'
5 water water
#
loop_
_entity_poly.entity_id
_entity_poly.type
_entity_poly.pdbx_seq_one_letter_code
_entity_poly.pdbx_strand_id
1 'polypeptide(L)'
;GAMGMTTYLEFIQQNEERDGVRFSWNVWPSSRLEATRMVVPVAALFTPLKERPDLPPIQYEPVLCSRTTCRAVLNPLCQV
DYRAKLWACNFCYQRNQFPPSYAGISELNQPAELLPQFSSIEYVVLRGPQMPLIFLYVVDTCMEDEDLQALKESMQMSLS
LLPPTALVGLITFGRMVQVHELGCEGISKSYVFRGTKDLSAKQLQEMLGLSKVPVTQATRGPQVQQPPPSNRFLQPVQKI
DMNLTDLLGELQRDPWPVPQGKRPLRSSGVALSIAVGLLECTFPNTGARIMMFIGGPATQGPGMVVGDELKTPIRSWHDI
DKDNAKYVKKGTKHFEALANRAATTGHVIDIYACALDQTGLLEMKCCPNLTGGYMVMGDSFNTSLFKQTFQRVFTKDMHG
QFKMGFGGTLEIKTSREIKISGAIGPCVSLNSKGPCVSENEIGTGGTCQWKICGLSPTTTLAIYFEVVNQHNAPIPQGGR
GAIQFVTQYQHSSGQRRIRVTTIARNWADAQTQIQNIAASFDQEAAAILMARLAIYRAETEEGPDVLRWLDRQLIRLCQK
FGEYHKDDPSSFRFSETFSLYPQFMFHLRRSSFLQVFNNSPDESSYYRHHFMRQDLTQSLIMIQPILYAYSFSGPPEPVL
LDSSSILADRILLMDTFFQILIYHGETIAQWRKSGYQDMPEYENFRHLLQAPVDDAQEILHSRFPMPRYIDTEHGGSQAR
FLLSKVNPSQTHNNMYAWGQESGAPILTDDVSLQVFMDHLKKLAVSSAA
;
A
2 'polypeptide(L)'
;LSLQPEGLRVVNLLQERNMLPSTPLKPPVPNLHEDIQKLNCNPELFRCTLTSIPQTQALLNKAKLPLGLLLHPFKDLVQL
PVVTSSTIVRCRSCRTYINPFVSFLDQRRWKCNLCYRVNDVPEEFLYNPLTRVYGEPHRRPEVQNATIEFMAPSEYMLRP
PQPPVYLFVFDVSHNAVETGYLNSVCQSLLDNLDLLPGNTRTKIGFITFDSTIHFYGLQESLSQPQMLIVSDIEDVFIPM
PENLLVNLNESKELVQDLLKTLPQMFTKTLETQSALGPALQAAFKLMSPTGGRMSVFQTQLPTLGVGALKPREEPNHRSS
AKDIHMTPSTDFYKKLALDCSGQQVAVDLFLLSGQYSDLASLGCISRYSAGSVYYYPSYHHQHNPVQVQKLQKELQRYLT
RKIGFEAVMRIRCTKGLSIHTFHGNFFVRSTDLLSLPNVNPDAGYAVQMSVEESLTDTQLVSFQSALLYTSSKGERRIRV
HTLCLPVVSTLNDVFLGADVQAISGLLANMAVDRSMTASLSDARDALVNAVIDSLSAYRSSVLSNQQPGLMVPFSLRLFP
LFVLALLKQKSFQTGTNARLDERIFAMCQVKNQPLVYLMLTTHPSLYRVDNLSDEGALNISDRTIPQPPILQLSVEKLSR
DGAFLMDAGSVLMLWVGKNCTQNFLSQVLGVQNYASIPQPMTDLPELDTPESARIIAFISWLREQRPFFPILYVIRDESP
MKANFLQNMIEDRTESALSYYEFLLHIQQQVNK
;
B
3 'polypeptide(L)'
;SMVLLTMIARVADGLPLAASMQEDEQSGRDLQQYQSQAKQLFRKLNEQSPTRCTLEAGAMTFHYIIEQGVCYLVLCEAAF
PKKLAFAYLEDLHSEFDEQHGKKVPTVSRPYSFIEFDTFIQKTKKLYIDSRARRNLGSINTELQDVQRIMVANIEEVLQR
GEALSALDSKANNLSSLSKKYRQDAKYLNMRSTYAK
;
C
#
loop_
_chem_comp.id
_chem_comp.type
_chem_comp.name
_chem_comp.formula
ZN non-polymer 'ZINC ION' 'Zn 2'
#
# COMPACT_ATOMS: atom_id res chain seq x y z
N THR A 7 -36.41 14.17 -58.23
CA THR A 7 -35.08 13.51 -58.38
C THR A 7 -34.76 12.53 -57.25
N TYR A 8 -34.43 11.29 -57.61
CA TYR A 8 -34.11 10.28 -56.60
C TYR A 8 -32.95 10.73 -55.74
N LEU A 9 -32.14 11.64 -56.26
CA LEU A 9 -30.99 12.15 -55.51
C LEU A 9 -31.47 13.19 -54.52
N GLU A 10 -32.28 14.15 -54.98
CA GLU A 10 -32.79 15.15 -54.07
C GLU A 10 -33.45 14.35 -52.94
N PHE A 11 -34.11 13.27 -53.32
CA PHE A 11 -34.79 12.41 -52.36
C PHE A 11 -33.85 11.86 -51.31
N ILE A 12 -32.78 11.20 -51.75
CA ILE A 12 -31.81 10.64 -50.82
C ILE A 12 -31.27 11.74 -49.90
N GLN A 13 -30.94 12.89 -50.50
CA GLN A 13 -30.40 14.04 -49.78
C GLN A 13 -31.31 14.55 -48.66
N GLN A 14 -32.53 14.93 -49.04
CA GLN A 14 -33.50 15.48 -48.09
C GLN A 14 -33.91 14.50 -46.99
N ASN A 15 -33.89 13.21 -47.30
CA ASN A 15 -34.28 12.23 -46.29
C ASN A 15 -33.18 11.97 -45.29
N GLU A 16 -31.93 12.20 -45.67
CA GLU A 16 -30.82 12.01 -44.73
C GLU A 16 -30.70 13.31 -43.91
N GLU A 17 -31.05 14.43 -44.53
CA GLU A 17 -31.00 15.72 -43.86
C GLU A 17 -32.09 15.80 -42.81
N ARG A 18 -33.24 15.20 -43.10
CA ARG A 18 -34.37 15.26 -42.17
C ARG A 18 -34.44 14.12 -41.18
N ASP A 19 -34.25 12.90 -41.68
CA ASP A 19 -34.35 11.72 -40.83
C ASP A 19 -33.05 11.00 -40.59
N GLY A 20 -31.94 11.68 -40.83
CA GLY A 20 -30.62 11.11 -40.62
C GLY A 20 -30.50 9.64 -40.99
N VAL A 21 -31.15 9.25 -42.08
CA VAL A 21 -31.08 7.86 -42.50
C VAL A 21 -30.79 7.70 -44.00
N ARG A 22 -30.21 6.56 -44.36
CA ARG A 22 -29.96 6.27 -45.77
C ARG A 22 -30.02 4.77 -46.00
N PHE A 23 -31.02 4.36 -46.78
CA PHE A 23 -31.26 2.96 -47.11
C PHE A 23 -30.52 2.49 -48.34
N SER A 24 -30.33 1.18 -48.42
CA SER A 24 -29.66 0.57 -49.56
C SER A 24 -30.62 0.60 -50.75
N TRP A 25 -31.92 0.61 -50.45
CA TRP A 25 -32.98 0.62 -51.44
C TRP A 25 -34.15 1.44 -50.87
N ASN A 26 -34.71 2.36 -51.66
CA ASN A 26 -35.82 3.18 -51.17
C ASN A 26 -37.18 2.69 -51.61
N VAL A 27 -37.18 1.54 -52.26
CA VAL A 27 -38.38 0.87 -52.73
C VAL A 27 -38.11 -0.56 -52.33
N TRP A 28 -39.10 -1.27 -51.82
CA TRP A 28 -38.84 -2.62 -51.37
C TRP A 28 -39.66 -3.71 -52.03
N PRO A 29 -39.14 -4.96 -52.01
CA PRO A 29 -39.80 -6.12 -52.61
C PRO A 29 -41.18 -6.36 -52.00
N SER A 30 -42.19 -6.25 -52.84
CA SER A 30 -43.58 -6.43 -52.43
C SER A 30 -43.95 -7.90 -52.45
N SER A 31 -43.04 -8.72 -52.99
CA SER A 31 -43.27 -10.15 -53.06
C SER A 31 -42.17 -10.96 -52.40
N ARG A 32 -42.49 -12.21 -52.13
CA ARG A 32 -41.59 -13.15 -51.48
C ARG A 32 -40.52 -13.65 -52.46
N LEU A 33 -40.84 -13.67 -53.74
CA LEU A 33 -39.93 -14.14 -54.78
C LEU A 33 -38.87 -13.10 -55.15
N GLU A 34 -38.98 -11.92 -54.55
CA GLU A 34 -38.03 -10.87 -54.82
C GLU A 34 -37.28 -10.54 -53.54
N ALA A 35 -37.95 -10.69 -52.40
CA ALA A 35 -37.32 -10.42 -51.11
C ALA A 35 -36.10 -11.33 -50.97
N THR A 36 -36.33 -12.62 -51.22
CA THR A 36 -35.30 -13.63 -51.13
C THR A 36 -34.17 -13.44 -52.15
N ARG A 37 -34.51 -12.93 -53.33
CA ARG A 37 -33.52 -12.72 -54.37
C ARG A 37 -32.92 -11.32 -54.35
N MET A 38 -32.92 -10.70 -53.18
CA MET A 38 -32.35 -9.36 -53.02
C MET A 38 -30.82 -9.55 -52.98
N VAL A 39 -30.09 -8.81 -53.79
CA VAL A 39 -28.64 -8.96 -53.83
C VAL A 39 -27.94 -8.24 -52.69
N VAL A 40 -28.28 -6.98 -52.51
CA VAL A 40 -27.73 -6.21 -51.41
C VAL A 40 -28.89 -6.13 -50.44
N PRO A 41 -28.67 -6.51 -49.17
CA PRO A 41 -29.76 -6.47 -48.19
C PRO A 41 -30.41 -5.11 -48.01
N VAL A 42 -31.69 -5.12 -47.66
CA VAL A 42 -32.41 -3.88 -47.38
C VAL A 42 -31.76 -3.43 -46.07
N ALA A 43 -31.06 -2.30 -46.13
CA ALA A 43 -30.37 -1.82 -44.95
C ALA A 43 -30.46 -0.32 -44.84
N ALA A 44 -30.16 0.18 -43.65
CA ALA A 44 -30.17 1.60 -43.41
C ALA A 44 -28.98 1.97 -42.55
N LEU A 45 -28.37 3.08 -42.91
CA LEU A 45 -27.24 3.64 -42.20
C LEU A 45 -28.00 4.69 -41.39
N PHE A 46 -28.23 4.38 -40.11
CA PHE A 46 -29.01 5.24 -39.20
C PHE A 46 -28.22 6.10 -38.19
N THR A 47 -28.47 7.41 -38.18
CA THR A 47 -27.79 8.36 -37.26
C THR A 47 -28.80 8.97 -36.26
N PRO A 48 -29.14 8.21 -35.19
CA PRO A 48 -30.09 8.63 -34.17
C PRO A 48 -30.07 10.07 -33.68
N LEU A 49 -28.88 10.66 -33.55
CA LEU A 49 -28.80 12.02 -33.05
C LEU A 49 -28.24 13.09 -33.99
N LYS A 50 -28.60 13.03 -35.27
CA LYS A 50 -28.08 14.02 -36.21
C LYS A 50 -28.65 15.41 -35.92
N GLU A 51 -27.85 16.45 -36.17
CA GLU A 51 -28.30 17.82 -35.92
C GLU A 51 -28.97 18.39 -37.18
N ARG A 52 -29.72 19.49 -37.03
CA ARG A 52 -30.41 20.08 -38.19
C ARG A 52 -30.84 21.56 -38.04
N PRO A 53 -32.05 21.97 -38.54
CA PRO A 53 -32.41 23.38 -38.37
C PRO A 53 -33.19 23.76 -37.11
N ASP A 54 -32.57 23.54 -35.95
CA ASP A 54 -33.18 23.88 -34.68
C ASP A 54 -34.65 23.48 -34.55
N LEU A 55 -34.93 22.18 -34.60
CA LEU A 55 -36.30 21.69 -34.46
C LEU A 55 -36.84 22.10 -33.08
N PRO A 56 -38.16 21.96 -32.87
CA PRO A 56 -38.74 22.33 -31.57
C PRO A 56 -38.83 21.15 -30.61
N PRO A 57 -38.26 21.28 -29.40
CA PRO A 57 -38.33 20.17 -28.45
C PRO A 57 -39.75 20.03 -27.95
N ILE A 58 -40.24 18.80 -27.92
CA ILE A 58 -41.57 18.56 -27.45
C ILE A 58 -41.52 18.22 -25.98
N GLN A 59 -41.90 19.17 -25.14
CA GLN A 59 -41.88 19.02 -23.69
C GLN A 59 -43.10 18.34 -23.12
N TYR A 60 -43.86 17.66 -23.98
CA TYR A 60 -45.04 16.94 -23.51
C TYR A 60 -44.82 15.48 -23.85
N GLU A 61 -45.38 14.60 -23.03
CA GLU A 61 -45.22 13.16 -23.26
C GLU A 61 -45.52 12.92 -24.74
N PRO A 62 -44.76 12.02 -25.37
CA PRO A 62 -44.89 11.67 -26.78
C PRO A 62 -46.24 11.15 -27.32
N VAL A 63 -46.94 10.33 -26.53
CA VAL A 63 -48.22 9.74 -26.95
C VAL A 63 -47.94 8.37 -27.59
N LEU A 64 -48.35 7.32 -26.89
CA LEU A 64 -48.12 5.97 -27.39
C LEU A 64 -49.39 5.28 -27.81
N CYS A 65 -49.26 4.19 -28.54
CA CYS A 65 -50.39 3.43 -29.01
C CYS A 65 -50.88 2.51 -27.90
N SER A 66 -52.21 2.39 -27.80
CA SER A 66 -52.83 1.55 -26.78
C SER A 66 -52.97 0.10 -27.24
N ARG A 67 -51.91 -0.68 -27.06
CA ARG A 67 -51.92 -2.09 -27.44
C ARG A 67 -50.64 -2.77 -27.00
N THR A 68 -50.64 -3.28 -25.77
CA THR A 68 -49.50 -3.97 -25.16
C THR A 68 -48.32 -4.25 -26.10
N THR A 69 -48.55 -5.04 -27.15
CA THR A 69 -47.49 -5.37 -28.08
C THR A 69 -46.92 -4.20 -28.89
N CYS A 70 -47.77 -3.56 -29.68
CA CYS A 70 -47.34 -2.44 -30.51
C CYS A 70 -46.74 -1.27 -29.73
N ARG A 71 -47.60 -0.37 -29.25
CA ARG A 71 -47.16 0.77 -28.49
C ARG A 71 -46.21 1.71 -29.26
N ALA A 72 -46.44 1.84 -30.56
CA ALA A 72 -45.61 2.72 -31.39
C ALA A 72 -45.91 4.18 -31.02
N VAL A 73 -45.12 5.11 -31.53
CA VAL A 73 -45.34 6.52 -31.22
C VAL A 73 -46.13 7.24 -32.32
N LEU A 74 -47.11 8.06 -31.90
CA LEU A 74 -47.95 8.83 -32.81
C LEU A 74 -47.07 9.55 -33.82
N ASN A 75 -47.31 9.27 -35.11
CA ASN A 75 -46.50 9.86 -36.18
C ASN A 75 -47.32 10.35 -37.38
N PRO A 76 -46.66 11.05 -38.32
CA PRO A 76 -47.35 11.56 -39.52
C PRO A 76 -48.06 10.48 -40.34
N LEU A 77 -47.62 9.24 -40.20
CA LEU A 77 -48.22 8.13 -40.93
C LEU A 77 -49.53 7.70 -40.30
N CYS A 78 -49.74 8.07 -39.04
CA CYS A 78 -50.95 7.70 -38.34
C CYS A 78 -52.17 8.40 -38.92
N GLN A 79 -53.24 7.64 -39.08
CA GLN A 79 -54.47 8.20 -39.62
C GLN A 79 -55.26 8.80 -38.45
N VAL A 80 -55.55 10.09 -38.54
CA VAL A 80 -56.26 10.79 -37.50
C VAL A 80 -57.72 11.09 -37.85
N ASP A 81 -58.49 11.49 -36.85
CA ASP A 81 -59.91 11.84 -36.99
C ASP A 81 -60.29 12.88 -35.94
N TYR A 82 -59.90 14.13 -36.20
CA TYR A 82 -60.16 15.26 -35.31
C TYR A 82 -61.59 15.39 -34.83
N ARG A 83 -62.51 14.68 -35.48
CA ARG A 83 -63.91 14.73 -35.08
C ARG A 83 -64.09 13.85 -33.85
N ALA A 84 -63.67 12.60 -33.96
CA ALA A 84 -63.80 11.63 -32.87
C ALA A 84 -62.64 11.65 -31.88
N LYS A 85 -61.74 12.62 -32.01
CA LYS A 85 -60.59 12.70 -31.12
C LYS A 85 -59.98 11.30 -31.07
N LEU A 86 -59.84 10.69 -32.25
CA LEU A 86 -59.28 9.35 -32.38
C LEU A 86 -58.24 9.24 -33.47
N TRP A 87 -57.30 8.32 -33.28
CA TRP A 87 -56.25 8.09 -34.27
C TRP A 87 -55.97 6.60 -34.35
N ALA A 88 -55.66 6.13 -35.55
CA ALA A 88 -55.37 4.72 -35.74
C ALA A 88 -53.88 4.54 -36.01
N CYS A 89 -53.24 3.75 -35.17
CA CYS A 89 -51.82 3.47 -35.31
C CYS A 89 -51.64 2.87 -36.70
N ASN A 90 -50.57 3.27 -37.37
CA ASN A 90 -50.29 2.76 -38.70
C ASN A 90 -49.64 1.38 -38.62
N PHE A 91 -49.06 1.06 -37.47
CA PHE A 91 -48.39 -0.23 -37.34
C PHE A 91 -49.30 -1.43 -37.08
N CYS A 92 -50.26 -1.31 -36.17
CA CYS A 92 -51.15 -2.42 -35.86
C CYS A 92 -52.62 -2.08 -36.11
N TYR A 93 -52.85 -0.94 -36.75
CA TYR A 93 -54.21 -0.48 -37.07
C TYR A 93 -55.04 -0.17 -35.83
N GLN A 94 -54.55 -0.58 -34.66
CA GLN A 94 -55.25 -0.33 -33.39
C GLN A 94 -55.69 1.12 -33.35
N ARG A 95 -56.91 1.36 -32.91
CA ARG A 95 -57.40 2.72 -32.86
C ARG A 95 -57.29 3.28 -31.45
N ASN A 96 -56.75 4.50 -31.36
CA ASN A 96 -56.50 5.17 -30.09
C ASN A 96 -57.36 6.36 -29.74
N GLN A 97 -57.51 6.59 -28.44
CA GLN A 97 -58.26 7.71 -27.91
C GLN A 97 -57.20 8.76 -27.56
N PHE A 98 -57.52 10.03 -27.77
CA PHE A 98 -56.53 11.03 -27.43
C PHE A 98 -56.43 11.26 -25.94
N PRO A 99 -55.22 11.60 -25.46
CA PRO A 99 -55.02 11.86 -24.04
C PRO A 99 -55.62 13.21 -23.66
N PRO A 100 -56.00 13.38 -22.38
CA PRO A 100 -56.60 14.63 -21.90
C PRO A 100 -55.95 15.91 -22.41
N SER A 101 -54.62 15.97 -22.34
CA SER A 101 -53.91 17.16 -22.79
C SER A 101 -54.10 17.46 -24.27
N TYR A 102 -54.70 16.52 -25.01
CA TYR A 102 -54.94 16.71 -26.44
C TYR A 102 -56.40 16.99 -26.73
N ALA A 103 -57.20 17.22 -25.69
CA ALA A 103 -58.62 17.47 -25.86
C ALA A 103 -58.92 18.62 -26.84
N GLY A 104 -58.21 19.73 -26.67
CA GLY A 104 -58.40 20.89 -27.52
C GLY A 104 -57.78 20.73 -28.90
N ILE A 105 -57.43 19.50 -29.23
CA ILE A 105 -56.82 19.21 -30.52
C ILE A 105 -57.76 19.71 -31.61
N SER A 106 -57.17 20.33 -32.63
CA SER A 106 -57.94 20.87 -33.75
C SER A 106 -57.22 20.69 -35.10
N GLU A 107 -57.98 20.86 -36.18
CA GLU A 107 -57.45 20.72 -37.54
C GLU A 107 -56.52 21.87 -37.91
N LEU A 108 -56.96 23.09 -37.64
CA LEU A 108 -56.19 24.28 -37.96
C LEU A 108 -55.22 24.61 -36.82
N ASN A 109 -54.74 23.56 -36.15
CA ASN A 109 -53.81 23.67 -35.04
C ASN A 109 -53.69 22.28 -34.42
N GLN A 110 -52.87 21.42 -35.05
CA GLN A 110 -52.69 20.06 -34.59
C GLN A 110 -51.31 19.81 -34.00
N PRO A 111 -51.14 18.66 -33.30
CA PRO A 111 -49.86 18.31 -32.68
C PRO A 111 -48.71 18.17 -33.67
N ALA A 112 -47.53 18.63 -33.28
CA ALA A 112 -46.35 18.57 -34.12
C ALA A 112 -46.02 17.19 -34.72
N GLU A 113 -45.96 16.16 -33.87
CA GLU A 113 -45.63 14.83 -34.34
C GLU A 113 -46.42 14.31 -35.54
N LEU A 114 -47.44 15.03 -35.98
CA LEU A 114 -48.25 14.58 -37.11
C LEU A 114 -47.85 15.22 -38.43
N LEU A 115 -47.24 16.40 -38.37
CA LEU A 115 -46.81 17.07 -39.58
C LEU A 115 -45.66 16.29 -40.21
N PRO A 116 -45.73 16.03 -41.52
CA PRO A 116 -44.70 15.29 -42.27
C PRO A 116 -43.28 15.86 -42.09
N GLN A 117 -43.22 17.09 -41.60
CA GLN A 117 -41.97 17.81 -41.36
C GLN A 117 -41.33 17.36 -40.05
N PHE A 118 -42.18 16.98 -39.10
CA PHE A 118 -41.72 16.56 -37.80
C PHE A 118 -41.66 15.06 -37.65
N SER A 119 -41.40 14.42 -38.79
CA SER A 119 -41.18 12.98 -38.82
C SER A 119 -39.82 13.20 -38.21
N SER A 120 -39.31 12.28 -37.39
CA SER A 120 -38.00 12.57 -36.81
C SER A 120 -38.16 13.83 -35.94
N ILE A 121 -38.50 13.62 -34.67
CA ILE A 121 -38.71 14.70 -33.72
C ILE A 121 -38.31 14.19 -32.34
N GLU A 122 -37.96 15.11 -31.43
CA GLU A 122 -37.52 14.72 -30.09
C GLU A 122 -38.34 15.26 -28.91
N TYR A 123 -38.78 14.37 -28.02
CA TYR A 123 -39.54 14.78 -26.85
C TYR A 123 -38.65 14.78 -25.61
N VAL A 124 -39.09 15.48 -24.57
CA VAL A 124 -38.37 15.56 -23.31
C VAL A 124 -39.25 15.00 -22.22
N VAL A 125 -38.67 14.19 -21.34
CA VAL A 125 -39.43 13.61 -20.24
C VAL A 125 -38.85 14.10 -18.93
N LEU A 126 -39.61 14.96 -18.25
CA LEU A 126 -39.21 15.51 -16.95
C LEU A 126 -40.13 14.87 -15.91
N ARG A 127 -39.55 14.23 -14.90
CA ARG A 127 -40.37 13.60 -13.87
C ARG A 127 -39.47 13.22 -12.71
N GLY A 128 -38.40 12.49 -13.02
CA GLY A 128 -37.47 12.11 -11.98
C GLY A 128 -36.39 13.16 -11.95
N PRO A 129 -35.70 13.34 -10.81
CA PRO A 129 -34.65 14.36 -10.77
C PRO A 129 -33.39 13.78 -11.44
N GLN A 130 -33.02 14.40 -12.55
CA GLN A 130 -31.88 14.01 -13.36
C GLN A 130 -30.62 13.67 -12.56
N MET A 131 -29.87 12.68 -13.05
CA MET A 131 -28.62 12.26 -12.41
C MET A 131 -27.49 13.15 -12.89
N PRO A 132 -26.53 13.46 -12.01
CA PRO A 132 -25.41 14.31 -12.43
C PRO A 132 -24.46 13.45 -13.25
N LEU A 133 -23.82 14.01 -14.27
CA LEU A 133 -22.92 13.22 -15.09
C LEU A 133 -21.67 12.81 -14.33
N ILE A 134 -21.16 11.63 -14.67
CA ILE A 134 -19.98 11.08 -14.01
C ILE A 134 -18.78 10.90 -14.92
N PHE A 135 -17.64 11.45 -14.52
CA PHE A 135 -16.41 11.31 -15.29
C PHE A 135 -15.34 10.68 -14.40
N LEU A 136 -14.71 9.62 -14.90
CA LEU A 136 -13.69 8.92 -14.15
C LEU A 136 -12.40 8.85 -14.96
N TYR A 137 -11.41 9.63 -14.54
CA TYR A 137 -10.12 9.64 -15.23
C TYR A 137 -9.30 8.47 -14.71
N VAL A 138 -8.80 7.65 -15.63
CA VAL A 138 -7.99 6.50 -15.27
C VAL A 138 -6.67 6.80 -15.95
N VAL A 139 -5.65 7.10 -15.15
CA VAL A 139 -4.35 7.52 -15.69
C VAL A 139 -3.11 6.66 -15.52
N ASP A 140 -2.45 6.39 -16.64
CA ASP A 140 -1.21 5.65 -16.64
C ASP A 140 -0.14 6.64 -16.21
N THR A 141 0.82 6.17 -15.40
CA THR A 141 1.89 7.06 -14.94
C THR A 141 3.24 6.53 -15.40
N CYS A 142 3.20 5.55 -16.29
CA CYS A 142 4.41 4.94 -16.85
C CYS A 142 4.68 5.50 -18.24
N MET A 143 5.26 6.69 -18.33
CA MET A 143 5.58 7.30 -19.61
C MET A 143 6.54 8.42 -19.36
N GLU A 144 7.13 8.98 -20.41
CA GLU A 144 8.07 10.07 -20.25
C GLU A 144 7.44 11.33 -19.63
N ASP A 145 8.27 12.08 -18.91
CA ASP A 145 7.85 13.31 -18.25
C ASP A 145 7.16 14.33 -19.15
N GLU A 146 7.77 14.65 -20.29
CA GLU A 146 7.14 15.61 -21.19
C GLU A 146 5.81 15.07 -21.64
N ASP A 147 5.72 13.74 -21.70
CA ASP A 147 4.47 13.11 -22.10
C ASP A 147 3.44 13.16 -20.96
N LEU A 148 3.92 12.97 -19.74
CA LEU A 148 3.04 13.00 -18.61
C LEU A 148 2.58 14.42 -18.31
N GLN A 149 3.46 15.40 -18.47
CA GLN A 149 3.11 16.79 -18.20
C GLN A 149 2.02 17.22 -19.18
N ALA A 150 2.21 16.87 -20.44
CA ALA A 150 1.23 17.20 -21.45
C ALA A 150 -0.11 16.65 -21.01
N LEU A 151 -0.13 15.33 -20.79
CA LEU A 151 -1.33 14.61 -20.36
C LEU A 151 -2.01 15.25 -19.16
N LYS A 152 -1.20 15.65 -18.18
CA LYS A 152 -1.71 16.29 -16.99
C LYS A 152 -2.44 17.58 -17.35
N GLU A 153 -1.79 18.39 -18.18
CA GLU A 153 -2.38 19.67 -18.58
C GLU A 153 -3.70 19.40 -19.30
N SER A 154 -3.70 18.48 -20.25
CA SER A 154 -4.89 18.13 -21.02
C SER A 154 -6.10 17.76 -20.15
N MET A 155 -5.84 17.04 -19.07
CA MET A 155 -6.89 16.60 -18.16
C MET A 155 -7.38 17.73 -17.30
N GLN A 156 -6.46 18.62 -16.95
CA GLN A 156 -6.80 19.76 -16.13
C GLN A 156 -7.70 20.68 -16.95
N MET A 157 -7.50 20.66 -18.26
CA MET A 157 -8.27 21.50 -19.16
C MET A 157 -9.70 20.97 -19.27
N SER A 158 -9.81 19.65 -19.45
CA SER A 158 -11.12 19.03 -19.55
C SER A 158 -11.94 19.31 -18.30
N LEU A 159 -11.26 19.39 -17.16
CA LEU A 159 -11.92 19.64 -15.89
C LEU A 159 -12.58 21.01 -15.82
N SER A 160 -12.06 21.97 -16.55
CA SER A 160 -12.61 23.32 -16.52
C SER A 160 -13.84 23.44 -17.40
N LEU A 161 -14.07 22.44 -18.23
CA LEU A 161 -15.22 22.45 -19.13
C LEU A 161 -16.42 21.71 -18.56
N LEU A 162 -16.16 20.76 -17.67
CA LEU A 162 -17.20 19.94 -17.06
C LEU A 162 -18.29 20.69 -16.30
N PRO A 163 -19.50 20.12 -16.28
CA PRO A 163 -20.67 20.69 -15.59
C PRO A 163 -20.46 20.73 -14.08
N PRO A 164 -20.86 21.84 -13.43
CA PRO A 164 -20.71 22.02 -11.98
C PRO A 164 -21.32 20.86 -11.21
N THR A 165 -22.33 20.26 -11.81
CA THR A 165 -23.08 19.16 -11.22
C THR A 165 -22.34 17.84 -11.30
N ALA A 166 -21.73 17.60 -12.46
CA ALA A 166 -20.99 16.37 -12.73
C ALA A 166 -20.07 15.90 -11.60
N LEU A 167 -19.98 14.59 -11.43
CA LEU A 167 -19.11 14.02 -10.40
C LEU A 167 -17.82 13.60 -11.09
N VAL A 168 -16.71 13.62 -10.36
CA VAL A 168 -15.42 13.23 -10.92
C VAL A 168 -14.70 12.28 -9.99
N GLY A 169 -13.89 11.42 -10.59
CA GLY A 169 -13.11 10.47 -9.83
C GLY A 169 -11.76 10.34 -10.51
N LEU A 170 -10.72 10.01 -9.76
CA LEU A 170 -9.41 9.88 -10.35
C LEU A 170 -8.74 8.57 -9.95
N ILE A 171 -8.25 7.84 -10.95
CA ILE A 171 -7.54 6.60 -10.68
C ILE A 171 -6.26 6.61 -11.49
N THR A 172 -5.11 6.59 -10.81
CA THR A 172 -3.81 6.55 -11.49
C THR A 172 -3.25 5.15 -11.29
N PHE A 173 -2.36 4.73 -12.17
CA PHE A 173 -1.79 3.39 -12.03
C PHE A 173 -0.43 3.26 -12.71
N GLY A 174 0.29 2.23 -12.29
CA GLY A 174 1.60 1.93 -12.84
C GLY A 174 1.80 0.47 -12.51
N ARG A 175 2.55 0.20 -11.47
CA ARG A 175 2.74 -1.18 -11.05
C ARG A 175 1.51 -1.49 -10.19
N MET A 176 1.18 -0.57 -9.29
CA MET A 176 0.01 -0.71 -8.43
C MET A 176 -1.09 0.18 -9.02
N VAL A 177 -2.29 0.04 -8.51
CA VAL A 177 -3.41 0.85 -8.97
C VAL A 177 -3.89 1.71 -7.80
N GLN A 178 -4.09 3.01 -8.04
CA GLN A 178 -4.54 3.92 -6.99
C GLN A 178 -5.88 4.61 -7.23
N VAL A 179 -6.84 4.33 -6.35
CA VAL A 179 -8.15 4.95 -6.43
C VAL A 179 -8.10 6.10 -5.44
N HIS A 180 -8.15 7.33 -5.95
CA HIS A 180 -8.06 8.50 -5.08
C HIS A 180 -9.36 8.96 -4.41
N GLU A 181 -9.29 9.19 -3.10
CA GLU A 181 -10.44 9.70 -2.35
C GLU A 181 -10.20 11.20 -2.37
N LEU A 182 -11.02 11.91 -3.14
CA LEU A 182 -10.91 13.35 -3.34
C LEU A 182 -10.98 14.34 -2.16
N GLY A 183 -10.15 15.38 -2.27
CA GLY A 183 -10.09 16.44 -1.28
C GLY A 183 -10.33 16.07 0.16
N CYS A 184 -9.50 15.19 0.69
CA CYS A 184 -9.65 14.74 2.06
C CYS A 184 -8.90 15.68 3.00
N GLU A 185 -8.75 16.94 2.61
CA GLU A 185 -8.03 17.94 3.41
C GLU A 185 -6.62 17.47 3.80
N GLY A 186 -5.86 18.37 4.41
CA GLY A 186 -4.49 18.14 4.86
C GLY A 186 -3.61 16.97 4.44
N ILE A 187 -4.20 15.85 4.04
CA ILE A 187 -3.42 14.66 3.69
C ILE A 187 -3.39 14.14 2.24
N SER A 188 -4.54 14.15 1.57
CA SER A 188 -4.63 13.64 0.20
C SER A 188 -4.31 12.13 0.15
N LYS A 189 -5.36 11.31 0.15
CA LYS A 189 -5.17 9.88 0.16
C LYS A 189 -5.78 9.09 -0.99
N SER A 190 -5.26 7.89 -1.16
CA SER A 190 -5.69 6.96 -2.20
C SER A 190 -5.60 5.53 -1.71
N TYR A 191 -6.35 4.63 -2.33
CA TYR A 191 -6.33 3.22 -1.97
C TYR A 191 -5.49 2.48 -2.99
N VAL A 192 -4.45 1.80 -2.52
CA VAL A 192 -3.54 1.06 -3.38
C VAL A 192 -3.97 -0.39 -3.56
N PHE A 193 -3.90 -0.87 -4.80
CA PHE A 193 -4.24 -2.25 -5.10
C PHE A 193 -3.21 -2.83 -6.05
N ARG A 194 -2.83 -4.08 -5.84
CA ARG A 194 -1.88 -4.72 -6.73
C ARG A 194 -2.53 -4.85 -8.10
N GLY A 195 -1.80 -4.44 -9.14
CA GLY A 195 -2.35 -4.54 -10.47
C GLY A 195 -2.02 -5.91 -11.00
N THR A 196 -1.88 -6.85 -10.07
CA THR A 196 -1.51 -8.23 -10.38
C THR A 196 -2.65 -9.25 -10.29
N LYS A 197 -3.78 -8.82 -9.74
CA LYS A 197 -4.93 -9.69 -9.61
C LYS A 197 -6.24 -8.91 -9.67
N ASP A 198 -7.17 -9.40 -10.50
CA ASP A 198 -8.48 -8.77 -10.72
C ASP A 198 -9.38 -8.81 -9.48
N LEU A 199 -10.32 -7.88 -9.45
CA LEU A 199 -11.29 -7.74 -8.37
C LEU A 199 -12.63 -7.55 -9.07
N SER A 200 -13.67 -8.18 -8.55
CA SER A 200 -14.98 -8.09 -9.16
C SER A 200 -15.58 -6.67 -9.10
N ALA A 201 -16.23 -6.37 -7.99
CA ALA A 201 -16.87 -5.08 -7.78
C ALA A 201 -17.56 -5.22 -6.43
N LYS A 202 -17.93 -6.46 -6.11
CA LYS A 202 -18.55 -6.73 -4.84
C LYS A 202 -17.37 -6.68 -3.90
N GLN A 203 -16.26 -7.28 -4.34
CA GLN A 203 -15.03 -7.29 -3.55
C GLN A 203 -14.62 -5.83 -3.34
N LEU A 204 -14.45 -5.12 -4.45
CA LEU A 204 -14.06 -3.73 -4.49
C LEU A 204 -14.94 -2.86 -3.60
N GLN A 205 -16.24 -3.14 -3.65
CA GLN A 205 -17.19 -2.39 -2.84
C GLN A 205 -16.94 -2.56 -1.34
N GLU A 206 -16.58 -3.77 -0.94
CA GLU A 206 -16.31 -4.07 0.47
C GLU A 206 -14.98 -3.48 0.88
N MET A 207 -14.00 -3.57 0.01
CA MET A 207 -12.67 -3.06 0.30
C MET A 207 -12.62 -1.54 0.45
N LEU A 208 -13.51 -0.86 -0.27
CA LEU A 208 -13.57 0.59 -0.25
C LEU A 208 -14.63 1.24 0.63
N GLY A 209 -15.72 0.53 0.91
CA GLY A 209 -16.79 1.11 1.73
C GLY A 209 -18.22 0.78 1.30
N PRO A 227 -31.57 15.63 -2.23
CA PRO A 227 -30.21 16.17 -2.35
C PRO A 227 -29.30 15.28 -3.19
N PRO A 228 -28.50 15.86 -4.09
CA PRO A 228 -27.57 15.14 -4.99
C PRO A 228 -26.61 14.16 -4.33
N PRO A 229 -26.40 12.99 -4.97
CA PRO A 229 -25.50 11.94 -4.50
C PRO A 229 -24.04 12.12 -4.93
N SER A 230 -23.13 11.44 -4.22
CA SER A 230 -21.70 11.51 -4.51
C SER A 230 -20.93 10.70 -3.48
N ASN A 231 -19.92 9.97 -3.92
CA ASN A 231 -19.09 9.17 -3.03
C ASN A 231 -17.86 9.95 -2.60
N ARG A 232 -17.01 9.29 -1.85
CA ARG A 232 -15.79 9.91 -1.41
C ARG A 232 -14.90 9.89 -2.65
N PHE A 233 -15.19 8.98 -3.57
CA PHE A 233 -14.42 8.85 -4.80
C PHE A 233 -15.02 9.56 -6.02
N LEU A 234 -16.24 10.05 -5.89
CA LEU A 234 -16.88 10.73 -7.01
C LEU A 234 -17.59 11.96 -6.47
N GLN A 235 -16.92 13.10 -6.52
CA GLN A 235 -17.50 14.31 -5.99
C GLN A 235 -17.84 15.38 -7.02
N PRO A 236 -18.87 16.18 -6.73
CA PRO A 236 -19.33 17.26 -7.60
C PRO A 236 -18.18 18.15 -7.98
N VAL A 237 -18.04 18.40 -9.27
CA VAL A 237 -16.98 19.23 -9.79
C VAL A 237 -16.84 20.58 -9.06
N GLN A 238 -17.95 21.28 -8.92
CA GLN A 238 -17.94 22.59 -8.28
C GLN A 238 -17.34 22.63 -6.87
N LYS A 239 -17.39 21.51 -6.16
CA LYS A 239 -16.85 21.50 -4.81
C LYS A 239 -15.44 20.94 -4.78
N ILE A 240 -15.14 20.08 -5.75
CA ILE A 240 -13.87 19.39 -5.82
C ILE A 240 -12.84 19.86 -6.85
N ASP A 241 -13.26 20.72 -7.77
CA ASP A 241 -12.37 21.17 -8.85
C ASP A 241 -10.99 21.77 -8.50
N MET A 242 -10.89 22.47 -7.38
CA MET A 242 -9.59 23.01 -7.05
C MET A 242 -8.64 21.95 -6.53
N ASN A 243 -9.16 20.99 -5.77
CA ASN A 243 -8.35 19.91 -5.21
C ASN A 243 -7.87 19.00 -6.35
N LEU A 244 -8.81 18.59 -7.18
CA LEU A 244 -8.51 17.71 -8.30
C LEU A 244 -7.55 18.38 -9.28
N THR A 245 -7.76 19.67 -9.51
CA THR A 245 -6.90 20.41 -10.42
C THR A 245 -5.49 20.37 -9.84
N ASP A 246 -5.36 20.55 -8.54
CA ASP A 246 -4.05 20.51 -7.91
C ASP A 246 -3.46 19.11 -7.89
N LEU A 247 -4.25 18.10 -7.51
CA LEU A 247 -3.72 16.73 -7.48
C LEU A 247 -3.22 16.34 -8.87
N LEU A 248 -4.06 16.58 -9.87
CA LEU A 248 -3.70 16.28 -11.24
C LEU A 248 -2.40 17.01 -11.59
N GLY A 249 -2.19 18.14 -10.92
CA GLY A 249 -1.00 18.94 -11.17
C GLY A 249 0.28 18.35 -10.58
N GLU A 250 0.12 17.61 -9.50
CA GLU A 250 1.27 17.01 -8.83
C GLU A 250 1.57 15.59 -9.24
N LEU A 251 0.68 14.97 -10.02
CA LEU A 251 0.88 13.59 -10.45
C LEU A 251 2.25 13.33 -11.03
N GLN A 252 2.95 12.33 -10.47
CA GLN A 252 4.28 11.95 -10.96
C GLN A 252 4.36 10.54 -11.54
N ARG A 253 5.33 10.33 -12.42
CA ARG A 253 5.52 9.03 -13.03
C ARG A 253 5.51 7.94 -11.97
N ASP A 254 5.25 6.70 -12.39
CA ASP A 254 5.21 5.56 -11.47
C ASP A 254 6.51 5.54 -10.66
N PRO A 255 6.41 5.55 -9.33
CA PRO A 255 7.61 5.53 -8.50
C PRO A 255 8.55 4.34 -8.66
N TRP A 256 8.05 3.25 -9.24
CA TRP A 256 8.85 2.05 -9.43
C TRP A 256 9.88 2.14 -10.55
N PRO A 257 11.16 1.89 -10.24
CA PRO A 257 12.22 1.94 -11.23
C PRO A 257 12.01 0.95 -12.36
N VAL A 258 12.69 1.20 -13.47
CA VAL A 258 12.62 0.34 -14.65
C VAL A 258 14.05 -0.05 -15.00
N PRO A 259 14.47 -1.27 -14.64
CA PRO A 259 15.81 -1.79 -14.91
C PRO A 259 16.17 -1.90 -16.37
N GLN A 260 17.46 -2.05 -16.65
CA GLN A 260 17.98 -2.16 -18.00
C GLN A 260 17.34 -3.26 -18.83
N GLY A 261 16.96 -2.91 -20.05
CA GLY A 261 16.35 -3.87 -20.95
C GLY A 261 14.94 -4.31 -20.62
N LYS A 262 14.32 -3.62 -19.65
CA LYS A 262 12.97 -3.94 -19.22
C LYS A 262 11.95 -2.86 -19.61
N ARG A 263 10.68 -3.27 -19.65
CA ARG A 263 9.56 -2.37 -19.92
C ARG A 263 9.04 -2.07 -18.51
N PRO A 264 8.31 -0.97 -18.33
CA PRO A 264 7.86 -0.78 -16.95
C PRO A 264 6.71 -1.76 -16.67
N LEU A 265 6.33 -1.91 -15.41
CA LEU A 265 5.23 -2.79 -15.07
C LEU A 265 3.94 -1.96 -15.05
N ARG A 266 3.16 -2.08 -16.12
CA ARG A 266 1.90 -1.36 -16.27
C ARG A 266 0.67 -2.28 -16.14
N SER A 267 -0.10 -2.07 -15.08
CA SER A 267 -1.29 -2.89 -14.77
C SER A 267 -2.58 -2.37 -15.42
N SER A 268 -2.51 -2.01 -16.69
CA SER A 268 -3.64 -1.48 -17.44
C SER A 268 -4.94 -2.26 -17.33
N GLY A 269 -4.84 -3.58 -17.26
CA GLY A 269 -6.01 -4.43 -17.19
C GLY A 269 -6.79 -4.36 -15.90
N VAL A 270 -6.09 -4.36 -14.77
CA VAL A 270 -6.77 -4.29 -13.49
C VAL A 270 -7.15 -2.85 -13.17
N ALA A 271 -6.41 -1.90 -13.72
CA ALA A 271 -6.73 -0.49 -13.53
C ALA A 271 -8.12 -0.28 -14.11
N LEU A 272 -8.31 -0.77 -15.33
CA LEU A 272 -9.60 -0.63 -16.02
C LEU A 272 -10.69 -1.36 -15.26
N SER A 273 -10.43 -2.61 -14.87
CA SER A 273 -11.43 -3.37 -14.16
C SER A 273 -11.83 -2.70 -12.84
N ILE A 274 -10.88 -2.10 -12.13
CA ILE A 274 -11.22 -1.43 -10.89
C ILE A 274 -12.06 -0.19 -11.19
N ALA A 275 -11.79 0.47 -12.31
CA ALA A 275 -12.54 1.65 -12.72
C ALA A 275 -13.99 1.22 -12.98
N VAL A 276 -14.15 0.15 -13.74
CA VAL A 276 -15.48 -0.39 -14.07
C VAL A 276 -16.20 -0.82 -12.80
N GLY A 277 -15.49 -1.55 -11.94
CA GLY A 277 -16.07 -2.02 -10.69
C GLY A 277 -16.53 -0.87 -9.82
N LEU A 278 -15.69 0.15 -9.72
CA LEU A 278 -15.99 1.33 -8.92
C LEU A 278 -17.35 1.89 -9.28
N LEU A 279 -17.52 2.22 -10.56
CA LEU A 279 -18.78 2.79 -11.00
C LEU A 279 -19.91 1.75 -10.93
N GLU A 280 -19.60 0.51 -11.24
CA GLU A 280 -20.61 -0.55 -11.24
C GLU A 280 -21.26 -0.76 -9.88
N CYS A 281 -20.57 -0.34 -8.82
CA CYS A 281 -21.14 -0.52 -7.49
C CYS A 281 -21.51 0.80 -6.87
N THR A 282 -21.25 1.89 -7.58
CA THR A 282 -21.58 3.21 -7.06
C THR A 282 -22.79 3.82 -7.80
N PHE A 283 -22.72 3.88 -9.13
CA PHE A 283 -23.80 4.43 -9.92
C PHE A 283 -24.06 3.57 -11.14
N PRO A 284 -24.67 2.39 -10.95
CA PRO A 284 -24.94 1.55 -12.11
C PRO A 284 -26.18 2.06 -12.81
N ASN A 285 -26.18 2.02 -14.14
CA ASN A 285 -27.33 2.43 -14.93
C ASN A 285 -27.60 3.94 -15.03
N THR A 286 -26.54 4.68 -15.35
CA THR A 286 -26.63 6.12 -15.55
C THR A 286 -25.38 6.60 -16.27
N GLY A 287 -25.54 7.62 -17.10
CA GLY A 287 -24.42 8.14 -17.86
C GLY A 287 -23.15 8.35 -17.06
N ALA A 288 -22.08 7.72 -17.51
CA ALA A 288 -20.77 7.83 -16.86
C ALA A 288 -19.70 7.68 -17.92
N ARG A 289 -18.57 8.33 -17.71
CA ARG A 289 -17.52 8.25 -18.69
C ARG A 289 -16.15 7.87 -18.12
N ILE A 290 -15.74 6.63 -18.42
CA ILE A 290 -14.45 6.08 -17.97
C ILE A 290 -13.41 6.40 -19.03
N MET A 291 -12.70 7.50 -18.86
CA MET A 291 -11.69 7.92 -19.81
C MET A 291 -10.31 7.43 -19.39
N MET A 292 -9.76 6.49 -20.16
CA MET A 292 -8.47 5.93 -19.84
C MET A 292 -7.36 6.50 -20.73
N PHE A 293 -6.20 6.74 -20.12
CA PHE A 293 -5.06 7.29 -20.84
C PHE A 293 -3.91 6.32 -20.75
N ILE A 294 -3.48 5.84 -21.90
CA ILE A 294 -2.42 4.85 -21.99
C ILE A 294 -1.11 5.37 -22.57
N GLY A 295 -0.01 5.01 -21.92
CA GLY A 295 1.31 5.43 -22.37
C GLY A 295 2.11 4.26 -22.92
N GLY A 296 1.52 3.07 -22.83
CA GLY A 296 2.20 1.88 -23.31
C GLY A 296 1.30 0.68 -23.17
N PRO A 297 1.74 -0.51 -23.60
CA PRO A 297 0.90 -1.71 -23.48
C PRO A 297 0.82 -2.21 -22.06
N ALA A 298 -0.12 -3.09 -21.80
CA ALA A 298 -0.24 -3.68 -20.46
C ALA A 298 0.85 -4.74 -20.42
N THR A 299 1.68 -4.68 -19.38
CA THR A 299 2.79 -5.62 -19.26
C THR A 299 2.67 -6.57 -18.07
N GLN A 300 1.50 -6.58 -17.45
CA GLN A 300 1.26 -7.41 -16.27
C GLN A 300 -0.23 -7.69 -16.22
N GLY A 301 -0.63 -8.80 -16.84
CA GLY A 301 -2.03 -9.21 -16.90
C GLY A 301 -2.67 -9.30 -15.53
N PRO A 302 -3.97 -9.60 -15.45
CA PRO A 302 -4.91 -9.86 -16.55
C PRO A 302 -5.00 -8.74 -17.57
N GLY A 303 -5.07 -9.11 -18.84
CA GLY A 303 -5.17 -8.13 -19.90
C GLY A 303 -3.80 -7.82 -20.45
N MET A 304 -2.80 -8.58 -19.97
CA MET A 304 -1.42 -8.42 -20.39
C MET A 304 -1.39 -8.46 -21.92
N VAL A 305 -0.46 -7.71 -22.50
CA VAL A 305 -0.34 -7.62 -23.94
C VAL A 305 1.03 -8.10 -24.43
N VAL A 306 2.03 -7.90 -23.59
CA VAL A 306 3.40 -8.29 -23.90
C VAL A 306 4.21 -8.38 -22.60
N GLY A 307 5.42 -8.94 -22.69
CA GLY A 307 6.27 -9.08 -21.51
C GLY A 307 7.18 -7.88 -21.28
N ASP A 308 7.73 -7.80 -20.08
CA ASP A 308 8.61 -6.70 -19.70
C ASP A 308 10.05 -6.78 -20.26
N GLU A 309 10.30 -7.77 -21.12
CA GLU A 309 11.61 -7.94 -21.74
C GLU A 309 11.65 -7.22 -23.08
N LEU A 310 12.30 -6.05 -23.11
CA LEU A 310 12.40 -5.29 -24.35
C LEU A 310 12.91 -6.15 -25.50
N LYS A 311 13.72 -7.16 -25.17
CA LYS A 311 14.28 -8.05 -26.18
C LYS A 311 13.18 -8.47 -27.15
N THR A 312 12.03 -8.86 -26.58
CA THR A 312 10.89 -9.30 -27.37
C THR A 312 9.94 -8.17 -27.73
N PRO A 313 9.64 -8.01 -29.03
CA PRO A 313 8.74 -6.96 -29.52
C PRO A 313 7.25 -7.29 -29.36
N ILE A 314 6.43 -6.25 -29.28
CA ILE A 314 4.99 -6.42 -29.16
C ILE A 314 4.55 -7.14 -30.44
N ARG A 315 3.48 -7.91 -30.34
CA ARG A 315 2.99 -8.68 -31.48
C ARG A 315 2.61 -7.91 -32.74
N SER A 316 2.84 -8.56 -33.88
CA SER A 316 2.52 -8.02 -35.20
C SER A 316 1.54 -8.99 -35.83
N TRP A 317 0.87 -8.56 -36.89
CA TRP A 317 -0.08 -9.44 -37.58
C TRP A 317 0.64 -10.71 -38.03
N HIS A 318 1.89 -10.57 -38.50
CA HIS A 318 2.62 -11.75 -38.93
C HIS A 318 2.71 -12.71 -37.75
N ASP A 319 3.11 -12.17 -36.60
CA ASP A 319 3.25 -12.97 -35.40
C ASP A 319 1.95 -13.70 -35.05
N ILE A 320 0.82 -13.00 -35.15
CA ILE A 320 -0.47 -13.58 -34.83
C ILE A 320 -0.85 -14.67 -35.82
N ASP A 321 -0.38 -14.54 -37.05
CA ASP A 321 -0.71 -15.54 -38.06
C ASP A 321 0.10 -16.81 -37.85
N LYS A 322 1.34 -16.64 -37.38
CA LYS A 322 2.22 -17.78 -37.14
C LYS A 322 2.17 -18.26 -35.69
N ASP A 323 1.03 -18.00 -35.04
CA ASP A 323 0.81 -18.41 -33.66
C ASP A 323 2.02 -18.18 -32.77
N ASN A 324 2.54 -16.96 -32.85
CA ASN A 324 3.69 -16.53 -32.07
C ASN A 324 3.29 -15.23 -31.35
N ALA A 325 2.20 -15.32 -30.58
CA ALA A 325 1.66 -14.18 -29.82
C ALA A 325 0.79 -14.73 -28.67
N LYS A 326 1.45 -15.24 -27.64
CA LYS A 326 0.79 -15.88 -26.50
C LYS A 326 -0.12 -15.11 -25.55
N TYR A 327 -0.19 -13.79 -25.68
CA TYR A 327 -1.02 -13.01 -24.79
C TYR A 327 -2.35 -12.58 -25.40
N VAL A 328 -2.33 -12.34 -26.71
CA VAL A 328 -3.50 -11.87 -27.42
C VAL A 328 -4.86 -12.38 -27.01
N LYS A 329 -5.06 -13.68 -27.08
CA LYS A 329 -6.37 -14.19 -26.75
C LYS A 329 -6.81 -13.99 -25.30
N LYS A 330 -5.97 -14.41 -24.36
CA LYS A 330 -6.27 -14.23 -22.94
C LYS A 330 -6.44 -12.74 -22.65
N GLY A 331 -5.58 -11.91 -23.22
CA GLY A 331 -5.66 -10.48 -23.00
C GLY A 331 -6.94 -9.93 -23.59
N THR A 332 -7.23 -10.36 -24.82
CA THR A 332 -8.44 -9.92 -25.50
C THR A 332 -9.67 -10.31 -24.70
N LYS A 333 -9.73 -11.57 -24.31
CA LYS A 333 -10.86 -12.09 -23.56
C LYS A 333 -11.16 -11.23 -22.31
N HIS A 334 -10.10 -10.83 -21.59
CA HIS A 334 -10.22 -10.01 -20.38
C HIS A 334 -10.91 -8.67 -20.64
N PHE A 335 -10.44 -7.93 -21.65
CA PHE A 335 -11.04 -6.63 -21.95
C PHE A 335 -12.41 -6.83 -22.58
N GLU A 336 -12.65 -8.00 -23.14
CA GLU A 336 -13.93 -8.29 -23.75
C GLU A 336 -15.00 -8.48 -22.67
N ALA A 337 -14.60 -9.13 -21.58
CA ALA A 337 -15.51 -9.34 -20.45
C ALA A 337 -15.83 -7.97 -19.84
N LEU A 338 -14.80 -7.16 -19.63
CA LEU A 338 -14.95 -5.82 -19.08
C LEU A 338 -15.86 -4.99 -19.97
N ALA A 339 -15.60 -5.06 -21.28
CA ALA A 339 -16.42 -4.32 -22.23
C ALA A 339 -17.91 -4.58 -21.96
N ASN A 340 -18.28 -5.85 -21.82
CA ASN A 340 -19.66 -6.21 -21.57
C ASN A 340 -20.14 -5.85 -20.17
N ARG A 341 -19.27 -5.95 -19.18
CA ARG A 341 -19.65 -5.59 -17.82
C ARG A 341 -20.06 -4.13 -17.82
N ALA A 342 -19.25 -3.30 -18.47
CA ALA A 342 -19.54 -1.88 -18.54
C ALA A 342 -20.76 -1.64 -19.43
N ALA A 343 -20.76 -2.25 -20.60
CA ALA A 343 -21.86 -2.07 -21.53
C ALA A 343 -23.20 -2.51 -20.92
N THR A 344 -23.14 -3.48 -20.01
CA THR A 344 -24.33 -4.02 -19.33
C THR A 344 -24.83 -3.00 -18.33
N THR A 345 -23.91 -2.50 -17.50
CA THR A 345 -24.21 -1.51 -16.49
C THR A 345 -24.62 -0.18 -17.16
N GLY A 346 -24.22 0.00 -18.42
CA GLY A 346 -24.56 1.20 -19.16
C GLY A 346 -23.56 2.35 -19.10
N HIS A 347 -22.29 1.98 -18.95
CA HIS A 347 -21.20 2.95 -18.86
C HIS A 347 -20.32 2.96 -20.10
N VAL A 348 -19.79 4.14 -20.44
CA VAL A 348 -18.92 4.31 -21.60
C VAL A 348 -17.43 4.18 -21.27
N ILE A 349 -16.68 3.50 -22.14
CA ILE A 349 -15.24 3.34 -21.92
C ILE A 349 -14.42 4.07 -23.00
N ASP A 350 -13.66 5.09 -22.58
CA ASP A 350 -12.82 5.82 -23.51
C ASP A 350 -11.40 5.30 -23.37
N ILE A 351 -10.65 5.36 -24.46
CA ILE A 351 -9.27 4.92 -24.46
C ILE A 351 -8.45 5.93 -25.25
N TYR A 352 -7.57 6.66 -24.59
CA TYR A 352 -6.71 7.58 -25.32
C TYR A 352 -5.32 6.98 -25.17
N ALA A 353 -4.76 6.49 -26.28
CA ALA A 353 -3.46 5.83 -26.26
C ALA A 353 -2.36 6.49 -27.09
N CYS A 354 -1.31 6.96 -26.44
CA CYS A 354 -0.20 7.63 -27.13
C CYS A 354 1.18 7.14 -26.70
N ALA A 355 1.92 6.59 -27.66
CA ALA A 355 3.27 6.07 -27.44
C ALA A 355 3.94 5.76 -28.78
N LEU A 356 5.23 5.48 -28.74
CA LEU A 356 5.94 5.16 -29.97
C LEU A 356 5.70 3.72 -30.39
N ASP A 357 5.63 2.81 -29.44
CA ASP A 357 5.38 1.40 -29.74
C ASP A 357 3.87 1.21 -29.71
N GLN A 358 3.41 -0.03 -29.88
CA GLN A 358 1.96 -0.29 -29.84
C GLN A 358 1.44 -0.21 -28.41
N THR A 359 0.14 -0.10 -28.25
CA THR A 359 -0.45 0.02 -26.92
C THR A 359 -1.26 -1.19 -26.47
N GLY A 360 -1.85 -1.90 -27.41
CA GLY A 360 -2.66 -3.05 -27.06
C GLY A 360 -4.11 -2.77 -27.40
N LEU A 361 -4.31 -1.97 -28.44
CA LEU A 361 -5.65 -1.63 -28.88
C LEU A 361 -6.40 -2.86 -29.37
N LEU A 362 -5.72 -3.72 -30.12
CA LEU A 362 -6.35 -4.94 -30.60
C LEU A 362 -7.03 -5.74 -29.50
N GLU A 363 -6.42 -5.75 -28.31
CA GLU A 363 -6.98 -6.49 -27.16
C GLU A 363 -8.04 -5.71 -26.41
N MET A 364 -7.94 -4.38 -26.45
CA MET A 364 -8.90 -3.55 -25.75
C MET A 364 -10.01 -2.97 -26.64
N LYS A 365 -9.93 -3.19 -27.94
CA LYS A 365 -10.90 -2.64 -28.87
C LYS A 365 -12.38 -2.68 -28.44
N CYS A 366 -12.85 -3.82 -27.96
CA CYS A 366 -14.25 -3.94 -27.57
C CYS A 366 -14.80 -2.93 -26.58
N CYS A 367 -14.02 -2.55 -25.58
CA CYS A 367 -14.47 -1.59 -24.58
C CYS A 367 -15.09 -0.35 -25.20
N PRO A 368 -14.37 0.32 -26.10
CA PRO A 368 -15.02 1.49 -26.66
C PRO A 368 -15.95 1.12 -27.83
N ASN A 369 -15.70 -0.02 -28.45
CA ASN A 369 -16.50 -0.50 -29.58
C ASN A 369 -17.93 -0.90 -29.21
N LEU A 370 -18.06 -1.63 -28.11
CA LEU A 370 -19.37 -2.07 -27.65
C LEU A 370 -20.13 -0.96 -26.93
N THR A 371 -19.41 -0.11 -26.22
CA THR A 371 -20.02 1.03 -25.54
C THR A 371 -19.78 2.09 -26.61
N GLY A 372 -20.32 3.29 -26.47
CA GLY A 372 -20.06 4.28 -27.51
C GLY A 372 -18.78 5.05 -27.22
N GLY A 373 -17.85 4.40 -26.52
CA GLY A 373 -16.60 5.03 -26.14
C GLY A 373 -15.66 5.36 -27.27
N TYR A 374 -14.88 6.41 -27.08
CA TYR A 374 -13.94 6.88 -28.09
C TYR A 374 -12.61 6.13 -28.12
N MET A 375 -11.93 6.20 -29.25
CA MET A 375 -10.62 5.56 -29.38
C MET A 375 -9.71 6.55 -30.09
N VAL A 376 -8.81 7.13 -29.32
CA VAL A 376 -7.87 8.10 -29.85
C VAL A 376 -6.52 7.44 -29.85
N MET A 377 -5.71 7.73 -30.86
CA MET A 377 -4.38 7.15 -30.99
C MET A 377 -3.39 8.14 -31.58
N GLY A 378 -2.17 8.13 -31.04
CA GLY A 378 -1.14 9.03 -31.52
C GLY A 378 0.22 8.65 -30.97
N ASP A 379 1.26 9.39 -31.35
CA ASP A 379 2.61 9.13 -30.88
C ASP A 379 2.92 9.64 -29.48
N SER A 380 2.38 10.80 -29.13
CA SER A 380 2.68 11.38 -27.83
C SER A 380 1.59 12.34 -27.37
N PHE A 381 1.31 12.33 -26.06
CA PHE A 381 0.31 13.24 -25.52
C PHE A 381 0.80 14.66 -25.71
N ASN A 382 2.11 14.80 -25.83
CA ASN A 382 2.71 16.11 -26.02
C ASN A 382 2.75 16.48 -27.51
N THR A 383 1.58 16.66 -28.11
CA THR A 383 1.45 17.01 -29.52
C THR A 383 0.14 17.78 -29.77
N SER A 384 0.11 18.58 -30.82
CA SER A 384 -1.11 19.31 -31.16
C SER A 384 -2.21 18.31 -31.43
N LEU A 385 -1.86 17.23 -32.12
CA LEU A 385 -2.77 16.15 -32.47
C LEU A 385 -3.59 15.63 -31.30
N PHE A 386 -2.92 15.10 -30.29
CA PHE A 386 -3.64 14.61 -29.14
C PHE A 386 -4.35 15.75 -28.41
N LYS A 387 -3.59 16.76 -28.00
CA LYS A 387 -4.16 17.89 -27.26
C LYS A 387 -5.42 18.41 -27.92
N GLN A 388 -5.38 18.63 -29.22
CA GLN A 388 -6.56 19.14 -29.90
C GLN A 388 -7.66 18.11 -30.02
N THR A 389 -7.31 16.87 -30.33
CA THR A 389 -8.32 15.82 -30.43
C THR A 389 -9.01 15.68 -29.08
N PHE A 390 -8.25 15.78 -28.01
CA PHE A 390 -8.81 15.62 -26.69
C PHE A 390 -9.80 16.69 -26.27
N GLN A 391 -9.59 17.93 -26.71
CA GLN A 391 -10.55 18.97 -26.31
C GLN A 391 -11.83 18.99 -27.16
N ARG A 392 -11.80 18.37 -28.36
CA ARG A 392 -13.00 18.33 -29.19
C ARG A 392 -14.02 17.51 -28.41
N VAL A 393 -13.52 16.48 -27.74
CA VAL A 393 -14.36 15.60 -26.95
C VAL A 393 -15.36 16.42 -26.15
N PHE A 394 -14.91 17.57 -25.66
CA PHE A 394 -15.78 18.40 -24.87
C PHE A 394 -16.33 19.65 -25.57
N THR A 395 -16.58 19.51 -26.86
CA THR A 395 -17.14 20.61 -27.64
C THR A 395 -18.62 20.79 -27.27
N LYS A 396 -19.05 22.03 -27.10
CA LYS A 396 -20.44 22.31 -26.74
C LYS A 396 -21.30 22.85 -27.86
N ASP A 397 -22.60 22.93 -27.60
CA ASP A 397 -23.56 23.44 -28.59
C ASP A 397 -24.13 24.81 -28.21
N MET A 398 -25.08 25.29 -29.02
CA MET A 398 -25.72 26.58 -28.81
C MET A 398 -26.34 26.79 -27.43
N HIS A 399 -25.94 25.98 -26.46
CA HIS A 399 -26.46 26.08 -25.11
C HIS A 399 -25.37 25.80 -24.08
N GLY A 400 -24.15 25.66 -24.57
CA GLY A 400 -23.03 25.40 -23.68
C GLY A 400 -23.15 24.02 -23.08
N GLN A 401 -23.53 23.06 -23.90
CA GLN A 401 -23.65 21.69 -23.41
C GLN A 401 -22.95 20.69 -24.30
N PHE A 402 -22.41 19.67 -23.68
CA PHE A 402 -21.71 18.62 -24.38
C PHE A 402 -22.51 17.95 -25.50
N LYS A 403 -21.86 17.73 -26.63
CA LYS A 403 -22.49 17.06 -27.75
C LYS A 403 -22.33 15.57 -27.50
N MET A 404 -22.98 15.09 -26.44
CA MET A 404 -22.91 13.69 -26.10
C MET A 404 -24.12 13.24 -25.31
N GLY A 405 -24.53 12.00 -25.53
CA GLY A 405 -25.66 11.45 -24.83
C GLY A 405 -25.22 10.16 -24.17
N PHE A 406 -25.93 9.76 -23.12
CA PHE A 406 -25.54 8.54 -22.42
C PHE A 406 -26.67 7.54 -22.26
N GLY A 407 -26.30 6.25 -22.16
CA GLY A 407 -27.26 5.19 -21.99
C GLY A 407 -28.46 5.24 -22.90
N GLY A 408 -28.21 5.16 -24.21
CA GLY A 408 -29.28 5.20 -25.19
C GLY A 408 -29.86 3.83 -25.47
N THR A 409 -31.18 3.80 -25.59
CA THR A 409 -31.87 2.56 -25.89
C THR A 409 -32.53 2.73 -27.25
N LEU A 410 -32.05 1.93 -28.19
CA LEU A 410 -32.54 1.96 -29.54
C LEU A 410 -33.53 0.83 -29.76
N GLU A 411 -34.77 1.18 -30.10
CA GLU A 411 -35.81 0.20 -30.34
C GLU A 411 -36.45 0.53 -31.68
N ILE A 412 -36.59 -0.48 -32.54
CA ILE A 412 -37.17 -0.27 -33.86
C ILE A 412 -38.48 -1.02 -34.11
N LYS A 413 -39.50 -0.27 -34.55
CA LYS A 413 -40.82 -0.81 -34.86
C LYS A 413 -40.92 -0.97 -36.38
N THR A 414 -41.40 -2.11 -36.85
CA THR A 414 -41.53 -2.31 -38.29
C THR A 414 -42.96 -2.65 -38.65
N SER A 415 -43.28 -2.60 -39.94
CA SER A 415 -44.61 -2.96 -40.41
C SER A 415 -44.58 -4.47 -40.24
N ARG A 416 -45.75 -5.12 -40.18
CA ARG A 416 -45.76 -6.56 -40.02
C ARG A 416 -44.94 -7.30 -41.07
N GLU A 417 -44.70 -6.66 -42.21
CA GLU A 417 -43.93 -7.28 -43.30
C GLU A 417 -42.41 -7.21 -43.17
N ILE A 418 -41.92 -6.37 -42.26
CA ILE A 418 -40.47 -6.22 -42.09
C ILE A 418 -39.93 -6.84 -40.81
N LYS A 419 -38.75 -7.45 -40.92
CA LYS A 419 -38.09 -8.06 -39.77
C LYS A 419 -36.64 -7.59 -39.70
N ILE A 420 -36.07 -7.57 -38.49
CA ILE A 420 -34.70 -7.11 -38.29
C ILE A 420 -33.69 -8.23 -38.09
N SER A 421 -32.72 -8.31 -38.98
CA SER A 421 -31.67 -9.32 -38.94
C SER A 421 -30.61 -8.94 -37.92
N GLY A 422 -30.32 -7.65 -37.83
CA GLY A 422 -29.31 -7.22 -36.88
C GLY A 422 -28.73 -5.85 -37.15
N ALA A 423 -27.79 -5.49 -36.30
CA ALA A 423 -27.14 -4.19 -36.41
C ALA A 423 -25.62 -4.30 -36.34
N ILE A 424 -24.96 -3.35 -36.97
CA ILE A 424 -23.51 -3.29 -36.95
C ILE A 424 -23.11 -1.85 -36.62
N GLY A 425 -22.46 -1.71 -35.47
CA GLY A 425 -22.02 -0.42 -35.00
C GLY A 425 -21.88 -0.42 -33.49
N PRO A 426 -21.53 0.72 -32.88
CA PRO A 426 -21.39 0.73 -31.42
C PRO A 426 -22.73 0.49 -30.72
N CYS A 427 -22.90 -0.73 -30.22
CA CYS A 427 -24.13 -1.10 -29.53
C CYS A 427 -24.02 -2.48 -28.93
N VAL A 428 -25.01 -2.80 -28.12
CA VAL A 428 -25.08 -4.08 -27.46
C VAL A 428 -26.54 -4.51 -27.55
N SER A 429 -26.77 -5.81 -27.62
CA SER A 429 -28.13 -6.29 -27.69
C SER A 429 -28.79 -6.31 -26.31
N LEU A 430 -30.04 -5.88 -26.27
CA LEU A 430 -30.83 -5.91 -25.05
C LEU A 430 -31.63 -7.19 -25.18
N ASN A 431 -31.10 -8.09 -26.00
CA ASN A 431 -31.69 -9.38 -26.28
C ASN A 431 -33.18 -9.37 -25.97
N SER A 432 -33.94 -8.71 -26.83
CA SER A 432 -35.39 -8.61 -26.67
C SER A 432 -36.08 -9.31 -27.82
N LYS A 433 -36.97 -10.24 -27.48
CA LYS A 433 -37.67 -10.99 -28.50
C LYS A 433 -39.02 -10.38 -28.88
N GLY A 434 -39.37 -10.54 -30.14
CA GLY A 434 -40.62 -10.01 -30.65
C GLY A 434 -40.70 -10.33 -32.13
N PRO A 435 -41.90 -10.44 -32.70
CA PRO A 435 -42.05 -10.76 -34.13
C PRO A 435 -41.20 -9.93 -35.10
N CYS A 436 -40.68 -8.80 -34.65
CA CYS A 436 -39.85 -7.95 -35.52
C CYS A 436 -38.48 -8.59 -35.74
N VAL A 437 -38.13 -9.54 -34.89
CA VAL A 437 -36.84 -10.22 -34.98
C VAL A 437 -36.84 -11.29 -36.06
N SER A 438 -35.77 -11.31 -36.84
CA SER A 438 -35.60 -12.29 -37.91
C SER A 438 -34.78 -13.48 -37.44
N GLU A 439 -35.04 -14.64 -38.03
CA GLU A 439 -34.32 -15.86 -37.70
C GLU A 439 -32.88 -15.63 -38.08
N ASN A 440 -32.68 -15.14 -39.29
CA ASN A 440 -31.35 -14.85 -39.81
C ASN A 440 -30.82 -13.60 -39.13
N GLU A 441 -29.80 -13.76 -38.29
CA GLU A 441 -29.24 -12.61 -37.61
C GLU A 441 -27.91 -12.15 -38.19
N ILE A 442 -27.70 -10.85 -38.16
CA ILE A 442 -26.50 -10.20 -38.67
C ILE A 442 -25.91 -9.29 -37.61
N GLY A 443 -24.59 -9.33 -37.45
CA GLY A 443 -23.95 -8.49 -36.45
C GLY A 443 -24.57 -8.75 -35.09
N THR A 444 -24.90 -7.69 -34.36
CA THR A 444 -25.56 -7.87 -33.06
C THR A 444 -27.03 -7.96 -33.43
N GLY A 445 -27.54 -9.17 -33.57
CA GLY A 445 -28.92 -9.35 -33.96
C GLY A 445 -29.75 -10.14 -32.97
N GLY A 446 -30.92 -10.58 -33.45
CA GLY A 446 -31.82 -11.34 -32.61
C GLY A 446 -32.44 -10.43 -31.58
N THR A 447 -32.65 -9.17 -31.97
CA THR A 447 -33.22 -8.19 -31.05
C THR A 447 -33.90 -7.02 -31.75
N CYS A 448 -34.80 -6.36 -31.03
CA CYS A 448 -35.50 -5.19 -31.54
C CYS A 448 -35.07 -3.99 -30.74
N GLN A 449 -34.18 -4.24 -29.76
CA GLN A 449 -33.65 -3.20 -28.90
C GLN A 449 -32.14 -3.35 -28.74
N TRP A 450 -31.42 -2.22 -28.78
CA TRP A 450 -29.98 -2.23 -28.63
C TRP A 450 -29.64 -1.14 -27.64
N LYS A 451 -28.56 -1.34 -26.90
CA LYS A 451 -28.14 -0.31 -25.97
C LYS A 451 -26.94 0.38 -26.56
N ILE A 452 -26.89 1.69 -26.40
CA ILE A 452 -25.78 2.48 -26.88
C ILE A 452 -25.39 3.38 -25.74
N CYS A 453 -24.48 2.89 -24.90
CA CYS A 453 -24.02 3.61 -23.72
C CYS A 453 -23.52 5.03 -23.97
N GLY A 454 -22.84 5.26 -25.08
CA GLY A 454 -22.35 6.60 -25.39
C GLY A 454 -22.55 7.00 -26.84
N LEU A 455 -23.23 8.12 -27.08
CA LEU A 455 -23.44 8.55 -28.45
C LEU A 455 -23.38 10.06 -28.67
N SER A 456 -23.16 10.45 -29.92
CA SER A 456 -23.07 11.85 -30.31
C SER A 456 -23.96 12.07 -31.53
N PRO A 457 -23.84 13.24 -32.18
CA PRO A 457 -24.67 13.53 -33.36
C PRO A 457 -24.06 12.88 -34.59
N THR A 458 -23.04 12.06 -34.36
CA THR A 458 -22.31 11.38 -35.43
C THR A 458 -22.51 9.87 -35.41
N THR A 459 -22.84 9.33 -34.25
CA THR A 459 -23.03 7.89 -34.12
C THR A 459 -23.91 7.34 -35.22
N THR A 460 -23.41 6.31 -35.89
CA THR A 460 -24.17 5.69 -36.96
C THR A 460 -24.15 4.17 -36.90
N LEU A 461 -25.33 3.59 -36.73
CA LEU A 461 -25.45 2.14 -36.71
C LEU A 461 -25.96 1.73 -38.07
N ALA A 462 -25.67 0.49 -38.47
CA ALA A 462 -26.18 0.00 -39.72
C ALA A 462 -27.27 -0.95 -39.25
N ILE A 463 -28.44 -0.89 -39.86
CA ILE A 463 -29.53 -1.78 -39.46
C ILE A 463 -29.95 -2.64 -40.65
N TYR A 464 -29.83 -3.95 -40.51
CA TYR A 464 -30.19 -4.85 -41.59
C TYR A 464 -31.58 -5.42 -41.43
N PHE A 465 -32.43 -5.12 -42.39
CA PHE A 465 -33.80 -5.58 -42.36
C PHE A 465 -34.00 -6.73 -43.32
N GLU A 466 -35.20 -7.31 -43.29
CA GLU A 466 -35.54 -8.44 -44.16
C GLU A 466 -37.05 -8.43 -44.35
N VAL A 467 -37.52 -8.78 -45.55
CA VAL A 467 -38.95 -8.83 -45.83
C VAL A 467 -39.49 -10.24 -45.76
N VAL A 468 -40.52 -10.42 -44.95
CA VAL A 468 -41.14 -11.73 -44.77
C VAL A 468 -42.63 -11.63 -45.06
N GLY A 478 -51.45 -0.59 -52.51
CA GLY A 478 -51.29 0.77 -52.03
C GLY A 478 -49.83 1.16 -51.86
N GLY A 479 -49.10 0.40 -51.05
CA GLY A 479 -47.69 0.68 -50.83
C GLY A 479 -47.32 1.27 -49.49
N ARG A 480 -46.03 1.48 -49.29
CA ARG A 480 -45.47 2.05 -48.06
C ARG A 480 -45.18 1.08 -46.91
N GLY A 481 -43.91 0.74 -46.74
CA GLY A 481 -43.50 -0.13 -45.66
C GLY A 481 -43.02 0.87 -44.63
N ALA A 482 -43.16 0.59 -43.33
CA ALA A 482 -42.74 1.57 -42.34
C ALA A 482 -41.85 1.07 -41.21
N ILE A 483 -40.90 1.89 -40.81
CA ILE A 483 -39.98 1.57 -39.72
C ILE A 483 -39.94 2.76 -38.77
N GLN A 484 -40.00 2.51 -37.46
CA GLN A 484 -39.93 3.59 -36.48
C GLN A 484 -38.73 3.40 -35.56
N PHE A 485 -37.86 4.42 -35.53
CA PHE A 485 -36.67 4.38 -34.69
C PHE A 485 -36.95 5.20 -33.44
N VAL A 486 -36.84 4.56 -32.29
CA VAL A 486 -37.07 5.23 -31.03
C VAL A 486 -35.81 5.20 -30.19
N THR A 487 -35.25 6.38 -29.93
CA THR A 487 -34.04 6.47 -29.13
C THR A 487 -34.21 7.21 -27.82
N GLN A 488 -34.05 6.49 -26.71
CA GLN A 488 -34.13 7.08 -25.38
C GLN A 488 -32.70 7.22 -24.89
N TYR A 489 -32.34 8.38 -24.36
CA TYR A 489 -30.98 8.57 -23.89
C TYR A 489 -30.88 9.72 -22.90
N GLN A 490 -29.84 9.69 -22.06
CA GLN A 490 -29.60 10.75 -21.09
C GLN A 490 -28.82 11.88 -21.74
N HIS A 491 -29.37 13.09 -21.64
CA HIS A 491 -28.76 14.27 -22.22
C HIS A 491 -27.67 14.84 -21.31
N SER A 492 -26.89 15.77 -21.84
CA SER A 492 -25.79 16.43 -21.10
C SER A 492 -26.40 17.26 -20.00
N SER A 493 -27.58 17.80 -20.30
CA SER A 493 -28.34 18.60 -19.39
C SER A 493 -28.78 17.75 -18.20
N GLY A 494 -28.93 16.46 -18.46
CA GLY A 494 -29.36 15.53 -17.44
C GLY A 494 -30.77 15.10 -17.81
N GLN A 495 -31.42 15.93 -18.63
CA GLN A 495 -32.78 15.64 -19.07
C GLN A 495 -32.81 14.32 -19.83
N ARG A 496 -33.91 13.59 -19.68
CA ARG A 496 -34.03 12.34 -20.41
C ARG A 496 -34.74 12.75 -21.69
N ARG A 497 -34.38 12.12 -22.79
CA ARG A 497 -34.99 12.47 -24.06
C ARG A 497 -35.32 11.29 -24.90
N ILE A 498 -36.34 11.47 -25.74
CA ILE A 498 -36.75 10.42 -26.66
C ILE A 498 -36.79 10.94 -28.08
N ARG A 499 -35.85 10.44 -28.87
CA ARG A 499 -35.76 10.84 -30.26
C ARG A 499 -36.62 9.87 -31.05
N VAL A 500 -37.43 10.41 -31.96
CA VAL A 500 -38.31 9.57 -32.74
C VAL A 500 -38.26 9.87 -34.23
N THR A 501 -37.96 8.84 -35.02
CA THR A 501 -37.93 8.97 -36.46
C THR A 501 -38.76 7.85 -37.08
N THR A 502 -39.74 8.25 -37.89
CA THR A 502 -40.60 7.30 -38.56
C THR A 502 -40.49 7.53 -40.07
N ILE A 503 -39.86 6.60 -40.77
CA ILE A 503 -39.71 6.70 -42.21
C ILE A 503 -40.70 5.74 -42.89
N ALA A 504 -40.93 5.95 -44.18
CA ALA A 504 -41.85 5.11 -44.94
C ALA A 504 -41.39 5.04 -46.38
N ARG A 505 -41.18 3.83 -46.87
CA ARG A 505 -40.74 3.60 -48.23
C ARG A 505 -41.81 2.86 -49.04
N ASN A 506 -41.88 3.15 -50.34
CA ASN A 506 -42.86 2.52 -51.22
C ASN A 506 -42.67 1.04 -51.50
N TRP A 507 -43.77 0.30 -51.46
CA TRP A 507 -43.76 -1.13 -51.76
C TRP A 507 -43.70 -1.23 -53.29
N ALA A 508 -42.84 -2.10 -53.81
CA ALA A 508 -42.71 -2.25 -55.26
C ALA A 508 -44.03 -2.59 -55.92
N ASP A 509 -44.25 -2.07 -57.13
CA ASP A 509 -45.47 -2.36 -57.88
C ASP A 509 -45.30 -3.66 -58.65
N ALA A 510 -46.17 -4.63 -58.36
CA ALA A 510 -46.12 -5.96 -58.99
C ALA A 510 -45.80 -5.99 -60.48
N GLN A 511 -46.32 -5.02 -61.22
CA GLN A 511 -46.10 -4.95 -62.66
C GLN A 511 -44.89 -4.11 -63.06
N THR A 512 -44.06 -3.75 -62.08
CA THR A 512 -42.87 -2.95 -62.32
C THR A 512 -41.84 -3.29 -61.24
N GLN A 513 -41.96 -4.49 -60.67
CA GLN A 513 -41.10 -4.91 -59.57
C GLN A 513 -39.60 -4.64 -59.47
N ILE A 514 -38.79 -5.08 -60.42
CA ILE A 514 -37.35 -4.83 -60.30
C ILE A 514 -36.91 -3.49 -60.88
N GLN A 515 -37.65 -3.00 -61.86
CA GLN A 515 -37.34 -1.73 -62.49
C GLN A 515 -37.35 -0.58 -61.47
N ASN A 516 -38.31 -0.63 -60.56
CA ASN A 516 -38.42 0.38 -59.51
C ASN A 516 -37.31 0.20 -58.49
N ILE A 517 -37.13 -1.04 -58.04
CA ILE A 517 -36.10 -1.38 -57.09
C ILE A 517 -34.76 -0.90 -57.60
N ALA A 518 -34.50 -1.16 -58.88
CA ALA A 518 -33.26 -0.73 -59.49
C ALA A 518 -33.15 0.78 -59.46
N ALA A 519 -34.27 1.48 -59.64
CA ALA A 519 -34.26 2.93 -59.64
C ALA A 519 -34.01 3.53 -58.26
N SER A 520 -34.49 2.85 -57.23
CA SER A 520 -34.36 3.33 -55.85
C SER A 520 -33.03 3.00 -55.16
N PHE A 521 -32.07 2.49 -55.93
CA PHE A 521 -30.77 2.12 -55.37
C PHE A 521 -29.88 3.29 -54.92
N ASP A 522 -29.24 3.10 -53.77
CA ASP A 522 -28.33 4.07 -53.20
C ASP A 522 -26.95 3.39 -53.23
N GLN A 523 -26.25 3.50 -54.36
CA GLN A 523 -24.95 2.87 -54.53
C GLN A 523 -23.98 3.15 -53.38
N GLU A 524 -23.90 4.40 -52.95
CA GLU A 524 -23.00 4.75 -51.85
C GLU A 524 -23.50 4.07 -50.59
N ALA A 525 -24.73 4.35 -50.18
CA ALA A 525 -25.28 3.75 -48.96
C ALA A 525 -25.04 2.25 -48.92
N ALA A 526 -25.26 1.61 -50.07
CA ALA A 526 -25.09 0.17 -50.15
C ALA A 526 -23.62 -0.24 -50.03
N ALA A 527 -22.72 0.50 -50.67
CA ALA A 527 -21.29 0.17 -50.60
C ALA A 527 -20.80 0.17 -49.15
N ILE A 528 -21.23 1.15 -48.38
CA ILE A 528 -20.82 1.21 -46.99
C ILE A 528 -21.49 0.11 -46.19
N LEU A 529 -22.74 -0.18 -46.51
CA LEU A 529 -23.48 -1.23 -45.82
C LEU A 529 -22.92 -2.61 -46.16
N MET A 530 -22.45 -2.79 -47.39
CA MET A 530 -21.88 -4.06 -47.78
C MET A 530 -20.50 -4.20 -47.14
N ALA A 531 -19.84 -3.06 -46.93
CA ALA A 531 -18.53 -3.03 -46.34
C ALA A 531 -18.62 -3.30 -44.83
N ARG A 532 -19.72 -2.87 -44.24
CA ARG A 532 -19.94 -3.08 -42.83
C ARG A 532 -19.93 -4.57 -42.55
N LEU A 533 -20.68 -5.31 -43.36
CA LEU A 533 -20.78 -6.77 -43.23
C LEU A 533 -19.45 -7.48 -43.44
N ALA A 534 -18.67 -7.00 -44.41
CA ALA A 534 -17.38 -7.59 -44.71
C ALA A 534 -16.39 -7.43 -43.55
N ILE A 535 -16.24 -6.21 -43.07
CA ILE A 535 -15.31 -5.94 -41.99
C ILE A 535 -15.75 -6.62 -40.71
N TYR A 536 -17.05 -6.67 -40.49
CA TYR A 536 -17.60 -7.32 -39.32
C TYR A 536 -17.26 -8.80 -39.34
N ARG A 537 -17.25 -9.39 -40.53
CA ARG A 537 -16.94 -10.80 -40.65
C ARG A 537 -15.45 -10.98 -40.51
N ALA A 538 -14.69 -10.04 -41.05
CA ALA A 538 -13.25 -10.12 -40.97
C ALA A 538 -12.80 -10.01 -39.52
N GLU A 539 -13.29 -8.97 -38.83
CA GLU A 539 -12.92 -8.75 -37.45
C GLU A 539 -13.45 -9.86 -36.57
N THR A 540 -14.24 -10.76 -37.17
CA THR A 540 -14.81 -11.89 -36.44
C THR A 540 -14.75 -13.16 -37.32
N GLU A 541 -13.63 -13.34 -37.99
CA GLU A 541 -13.43 -14.49 -38.87
C GLU A 541 -14.20 -15.70 -38.38
N ASP A 545 -12.81 -16.86 -47.31
CA ASP A 545 -12.30 -15.52 -47.53
C ASP A 545 -13.47 -14.54 -47.55
N VAL A 546 -13.19 -13.28 -47.21
CA VAL A 546 -14.22 -12.24 -47.18
C VAL A 546 -14.29 -11.52 -48.52
N LEU A 547 -13.16 -11.42 -49.20
CA LEU A 547 -13.13 -10.76 -50.50
C LEU A 547 -13.95 -11.60 -51.47
N ARG A 548 -13.94 -12.91 -51.23
CA ARG A 548 -14.67 -13.83 -52.07
C ARG A 548 -16.18 -13.58 -52.00
N TRP A 549 -16.70 -13.32 -50.79
CA TRP A 549 -18.12 -13.06 -50.62
C TRP A 549 -18.47 -11.69 -51.21
N LEU A 550 -17.50 -10.78 -51.13
CA LEU A 550 -17.67 -9.43 -51.61
C LEU A 550 -17.73 -9.41 -53.13
N ASP A 551 -17.09 -10.38 -53.77
CA ASP A 551 -17.05 -10.49 -55.21
C ASP A 551 -18.27 -11.18 -55.81
N ARG A 552 -18.66 -12.31 -55.22
CA ARG A 552 -19.83 -13.04 -55.71
C ARG A 552 -21.07 -12.16 -55.64
N GLN A 553 -20.99 -11.12 -54.82
CA GLN A 553 -22.12 -10.20 -54.70
C GLN A 553 -21.96 -9.06 -55.71
N LEU A 554 -20.71 -8.67 -55.98
CA LEU A 554 -20.49 -7.61 -56.96
C LEU A 554 -20.94 -8.22 -58.29
N ILE A 555 -20.42 -9.40 -58.58
CA ILE A 555 -20.75 -10.09 -59.83
C ILE A 555 -22.25 -10.29 -59.96
N ARG A 556 -22.88 -10.69 -58.85
CA ARG A 556 -24.31 -10.90 -58.88
C ARG A 556 -25.02 -9.61 -59.22
N LEU A 557 -24.74 -8.56 -58.46
CA LEU A 557 -25.35 -7.27 -58.70
C LEU A 557 -25.16 -6.85 -60.16
N CYS A 558 -23.95 -7.08 -60.67
CA CYS A 558 -23.64 -6.74 -62.05
C CYS A 558 -24.55 -7.44 -63.03
N GLN A 559 -24.85 -8.71 -62.76
CA GLN A 559 -25.71 -9.49 -63.64
C GLN A 559 -27.20 -9.18 -63.52
N LYS A 560 -27.69 -8.91 -62.32
CA LYS A 560 -29.11 -8.63 -62.18
C LYS A 560 -29.57 -7.24 -62.63
N PHE A 561 -28.72 -6.23 -62.51
CA PHE A 561 -29.11 -4.87 -62.88
C PHE A 561 -28.26 -4.24 -63.99
N GLY A 562 -27.21 -4.93 -64.40
CA GLY A 562 -26.36 -4.40 -65.45
C GLY A 562 -26.96 -4.65 -66.82
N GLU A 563 -26.31 -4.11 -67.84
CA GLU A 563 -26.75 -4.27 -69.22
C GLU A 563 -25.66 -5.03 -69.97
N TYR A 564 -26.06 -5.91 -70.90
CA TYR A 564 -25.07 -6.70 -71.66
C TYR A 564 -25.63 -7.74 -72.60
N HIS A 565 -24.73 -8.38 -73.33
CA HIS A 565 -25.05 -9.47 -74.24
C HIS A 565 -24.20 -10.59 -73.65
N LYS A 566 -24.81 -11.73 -73.35
CA LYS A 566 -24.05 -12.82 -72.76
C LYS A 566 -22.73 -13.03 -73.47
N ASP A 567 -21.75 -13.56 -72.75
CA ASP A 567 -20.42 -13.82 -73.30
C ASP A 567 -19.80 -12.66 -74.08
N ASP A 568 -20.28 -11.44 -73.83
CA ASP A 568 -19.73 -10.27 -74.51
C ASP A 568 -19.42 -9.14 -73.52
N PRO A 569 -18.25 -9.19 -72.87
CA PRO A 569 -17.79 -8.20 -71.90
C PRO A 569 -18.02 -6.74 -72.31
N SER A 570 -17.59 -6.38 -73.51
CA SER A 570 -17.74 -5.01 -74.01
C SER A 570 -19.14 -4.44 -73.89
N SER A 571 -20.14 -5.30 -73.99
CA SER A 571 -21.53 -4.86 -73.93
C SER A 571 -21.97 -4.32 -72.58
N PHE A 572 -21.31 -4.77 -71.51
CA PHE A 572 -21.67 -4.35 -70.15
C PHE A 572 -21.59 -2.86 -69.83
N ARG A 573 -22.69 -2.34 -69.30
CA ARG A 573 -22.81 -0.95 -68.89
C ARG A 573 -23.61 -0.99 -67.60
N PHE A 574 -23.64 0.13 -66.88
CA PHE A 574 -24.39 0.21 -65.62
C PHE A 574 -25.10 1.53 -65.60
N SER A 575 -26.31 1.54 -65.05
CA SER A 575 -27.06 2.79 -64.94
C SER A 575 -26.22 3.77 -64.15
N GLU A 576 -26.53 5.04 -64.29
CA GLU A 576 -25.85 6.09 -63.54
C GLU A 576 -26.12 5.73 -62.07
N THR A 577 -27.17 4.96 -61.87
CA THR A 577 -27.63 4.50 -60.57
C THR A 577 -26.71 3.46 -59.93
N PHE A 578 -25.93 2.75 -60.75
CA PHE A 578 -25.04 1.70 -60.25
C PHE A 578 -23.58 1.84 -60.67
N SER A 579 -23.33 2.62 -61.73
CA SER A 579 -21.98 2.78 -62.26
C SER A 579 -20.84 2.87 -61.24
N LEU A 580 -21.04 3.54 -60.12
CA LEU A 580 -19.96 3.67 -59.15
C LEU A 580 -19.76 2.55 -58.14
N TYR A 581 -20.75 1.70 -57.97
CA TYR A 581 -20.64 0.58 -57.02
C TYR A 581 -19.37 -0.23 -57.27
N PRO A 582 -19.02 -0.49 -58.54
CA PRO A 582 -17.82 -1.26 -58.86
C PRO A 582 -16.56 -0.59 -58.29
N GLN A 583 -16.39 0.69 -58.58
CA GLN A 583 -15.21 1.39 -58.09
C GLN A 583 -15.14 1.36 -56.56
N PHE A 584 -16.22 1.73 -55.88
CA PHE A 584 -16.21 1.70 -54.42
C PHE A 584 -15.76 0.32 -53.94
N MET A 585 -16.20 -0.72 -54.64
CA MET A 585 -15.82 -2.07 -54.28
C MET A 585 -14.33 -2.25 -54.50
N PHE A 586 -13.85 -1.81 -55.67
CA PHE A 586 -12.44 -1.89 -55.99
C PHE A 586 -11.65 -1.40 -54.79
N HIS A 587 -11.90 -0.15 -54.42
CA HIS A 587 -11.20 0.47 -53.30
C HIS A 587 -11.38 -0.20 -51.96
N LEU A 588 -12.60 -0.58 -51.62
CA LEU A 588 -12.89 -1.25 -50.36
C LEU A 588 -12.14 -2.58 -50.19
N ARG A 589 -11.95 -3.30 -51.29
CA ARG A 589 -11.29 -4.60 -51.20
C ARG A 589 -9.77 -4.48 -51.17
N ARG A 590 -9.25 -3.30 -51.46
CA ARG A 590 -7.80 -3.08 -51.46
C ARG A 590 -7.45 -2.20 -50.26
N SER A 591 -8.47 -1.62 -49.64
CA SER A 591 -8.29 -0.75 -48.48
C SER A 591 -7.55 -1.46 -47.35
N SER A 592 -7.24 -0.69 -46.32
CA SER A 592 -6.53 -1.22 -45.16
C SER A 592 -7.53 -1.78 -44.15
N PHE A 593 -8.80 -1.86 -44.53
CA PHE A 593 -9.82 -2.40 -43.65
C PHE A 593 -9.88 -3.92 -43.76
N LEU A 594 -9.42 -4.44 -44.89
CA LEU A 594 -9.44 -5.89 -45.13
C LEU A 594 -8.05 -6.45 -45.39
N GLN A 595 -7.15 -5.60 -45.88
CA GLN A 595 -5.77 -6.02 -46.13
C GLN A 595 -4.97 -5.50 -44.93
N VAL A 596 -5.01 -6.26 -43.84
CA VAL A 596 -4.36 -5.89 -42.59
C VAL A 596 -2.83 -5.84 -42.52
N PHE A 597 -2.13 -6.77 -43.16
CA PHE A 597 -0.68 -6.73 -43.10
C PHE A 597 -0.20 -5.40 -43.65
N ASN A 598 1.03 -5.00 -43.30
CA ASN A 598 1.59 -3.71 -43.71
C ASN A 598 1.01 -2.61 -42.80
N ASN A 599 0.38 -3.06 -41.72
CA ASN A 599 -0.22 -2.21 -40.72
C ASN A 599 -0.16 -2.95 -39.39
N SER A 600 -0.18 -2.23 -38.27
CA SER A 600 -0.14 -2.88 -36.98
C SER A 600 -1.56 -3.26 -36.55
N PRO A 601 -1.70 -4.36 -35.80
CA PRO A 601 -3.04 -4.75 -35.36
C PRO A 601 -3.77 -3.57 -34.75
N ASP A 602 -3.00 -2.76 -34.00
CA ASP A 602 -3.54 -1.59 -33.33
C ASP A 602 -4.02 -0.53 -34.33
N GLU A 603 -3.30 -0.36 -35.42
CA GLU A 603 -3.68 0.60 -36.44
C GLU A 603 -4.92 0.12 -37.15
N SER A 604 -5.01 -1.20 -37.30
CA SER A 604 -6.14 -1.83 -37.98
C SER A 604 -7.41 -1.74 -37.14
N SER A 605 -7.26 -2.01 -35.85
CA SER A 605 -8.40 -1.95 -34.96
C SER A 605 -8.87 -0.52 -34.83
N TYR A 606 -7.94 0.41 -34.91
CA TYR A 606 -8.24 1.84 -34.82
C TYR A 606 -9.07 2.27 -36.02
N TYR A 607 -8.62 1.94 -37.21
CA TYR A 607 -9.32 2.29 -38.45
C TYR A 607 -10.75 1.72 -38.46
N ARG A 608 -10.87 0.42 -38.23
CA ARG A 608 -12.16 -0.25 -38.23
C ARG A 608 -13.11 0.38 -37.22
N HIS A 609 -12.59 0.63 -36.02
CA HIS A 609 -13.36 1.24 -34.95
C HIS A 609 -14.10 2.48 -35.47
N HIS A 610 -13.37 3.37 -36.12
CA HIS A 610 -13.96 4.59 -36.63
C HIS A 610 -14.89 4.39 -37.82
N PHE A 611 -14.55 3.44 -38.70
CA PHE A 611 -15.40 3.20 -39.87
C PHE A 611 -16.76 2.64 -39.49
N MET A 612 -16.82 1.90 -38.39
CA MET A 612 -18.08 1.29 -37.95
C MET A 612 -18.93 2.26 -37.14
N ARG A 613 -18.52 3.53 -37.09
CA ARG A 613 -19.24 4.56 -36.32
C ARG A 613 -19.73 5.70 -37.20
N GLN A 614 -18.95 6.03 -38.22
CA GLN A 614 -19.27 7.14 -39.11
C GLN A 614 -20.53 7.05 -39.94
N ASP A 615 -20.87 8.21 -40.51
CA ASP A 615 -22.03 8.31 -41.37
C ASP A 615 -21.60 8.01 -42.77
N LEU A 616 -22.56 8.05 -43.68
CA LEU A 616 -22.25 7.75 -45.05
C LEU A 616 -21.09 8.56 -45.57
N THR A 617 -21.29 9.86 -45.75
CA THR A 617 -20.20 10.66 -46.32
C THR A 617 -18.81 10.27 -45.78
N GLN A 618 -18.52 10.52 -44.51
CA GLN A 618 -17.20 10.15 -43.99
C GLN A 618 -16.72 8.74 -44.37
N SER A 619 -17.64 7.78 -44.30
CA SER A 619 -17.32 6.41 -44.64
C SER A 619 -16.75 6.31 -46.04
N LEU A 620 -17.37 7.01 -46.99
CA LEU A 620 -16.88 6.98 -48.36
C LEU A 620 -15.47 7.57 -48.43
N ILE A 621 -15.27 8.71 -47.77
CA ILE A 621 -13.95 9.36 -47.80
C ILE A 621 -12.88 8.40 -47.29
N MET A 622 -13.24 7.58 -46.32
CA MET A 622 -12.28 6.61 -45.79
C MET A 622 -11.95 5.58 -46.86
N ILE A 623 -12.98 4.92 -47.37
CA ILE A 623 -12.83 3.89 -48.39
C ILE A 623 -12.20 4.38 -49.69
N GLN A 624 -12.57 5.59 -50.10
CA GLN A 624 -12.04 6.15 -51.34
C GLN A 624 -11.69 7.62 -51.12
N PRO A 625 -10.49 7.88 -50.59
CA PRO A 625 -10.04 9.24 -50.34
C PRO A 625 -10.30 10.19 -51.49
N ILE A 626 -10.64 11.41 -51.12
CA ILE A 626 -10.91 12.47 -52.08
C ILE A 626 -9.58 13.11 -52.43
N LEU A 627 -9.44 13.60 -53.65
CA LEU A 627 -8.19 14.20 -54.05
C LEU A 627 -8.38 15.47 -54.87
N TYR A 628 -7.80 16.57 -54.42
CA TYR A 628 -7.90 17.85 -55.12
C TYR A 628 -6.59 18.29 -55.77
N ALA A 629 -6.68 18.91 -56.94
CA ALA A 629 -5.51 19.38 -57.67
C ALA A 629 -5.44 20.91 -57.64
N TYR A 630 -4.23 21.44 -57.49
CA TYR A 630 -4.01 22.89 -57.43
C TYR A 630 -2.89 23.30 -58.38
N SER A 631 -3.23 24.09 -59.39
CA SER A 631 -2.25 24.59 -60.36
C SER A 631 -2.71 25.93 -60.92
N PHE A 632 -1.75 26.74 -61.36
CA PHE A 632 -2.08 28.06 -61.92
C PHE A 632 -3.22 27.93 -62.91
N SER A 633 -3.18 26.87 -63.70
CA SER A 633 -4.19 26.58 -64.71
C SER A 633 -5.55 26.16 -64.15
N GLY A 634 -6.25 27.12 -63.53
CA GLY A 634 -7.56 26.85 -62.98
C GLY A 634 -7.61 26.67 -61.47
N PRO A 635 -8.68 27.12 -60.80
CA PRO A 635 -8.81 26.99 -59.35
C PRO A 635 -8.83 25.52 -58.93
N PRO A 636 -8.80 25.26 -57.62
CA PRO A 636 -8.80 23.89 -57.09
C PRO A 636 -9.88 23.00 -57.71
N GLU A 637 -9.48 21.81 -58.16
CA GLU A 637 -10.39 20.86 -58.79
C GLU A 637 -10.15 19.42 -58.33
N PRO A 638 -11.23 18.66 -58.07
CA PRO A 638 -11.17 17.26 -57.62
C PRO A 638 -10.78 16.35 -58.78
N VAL A 639 -9.78 15.49 -58.59
CA VAL A 639 -9.35 14.60 -59.66
C VAL A 639 -9.30 13.15 -59.23
N LEU A 640 -9.40 12.26 -60.22
CA LEU A 640 -9.38 10.84 -59.98
C LEU A 640 -8.21 10.40 -59.10
N LEU A 641 -8.43 9.32 -58.35
CA LEU A 641 -7.39 8.73 -57.50
C LEU A 641 -6.61 7.82 -58.42
N ASP A 642 -5.91 8.41 -59.38
CA ASP A 642 -5.13 7.62 -60.32
C ASP A 642 -3.74 8.23 -60.42
N SER A 643 -2.75 7.39 -60.73
CA SER A 643 -1.39 7.90 -60.86
C SER A 643 -1.44 9.07 -61.84
N SER A 644 -2.22 8.88 -62.89
CA SER A 644 -2.38 9.89 -63.93
C SER A 644 -2.64 11.30 -63.39
N SER A 645 -3.13 11.40 -62.15
CA SER A 645 -3.42 12.70 -61.54
C SER A 645 -2.24 13.35 -60.81
N ILE A 646 -1.15 12.60 -60.66
CA ILE A 646 0.03 13.13 -59.98
C ILE A 646 0.90 13.91 -60.95
N LEU A 647 0.53 15.18 -61.19
CA LEU A 647 1.29 16.05 -62.09
C LEU A 647 2.47 16.71 -61.35
N ALA A 648 3.53 16.99 -62.09
CA ALA A 648 4.72 17.60 -61.52
C ALA A 648 4.50 19.09 -61.23
N ASP A 649 3.69 19.75 -62.05
CA ASP A 649 3.43 21.18 -61.86
C ASP A 649 2.07 21.37 -61.22
N ARG A 650 1.77 20.54 -60.23
CA ARG A 650 0.49 20.63 -59.53
C ARG A 650 0.62 20.21 -58.06
N ILE A 651 -0.18 20.84 -57.21
CA ILE A 651 -0.18 20.54 -55.77
C ILE A 651 -1.46 19.79 -55.43
N LEU A 652 -1.31 18.59 -54.89
CA LEU A 652 -2.46 17.78 -54.54
C LEU A 652 -2.80 17.82 -53.07
N LEU A 653 -4.09 17.64 -52.79
CA LEU A 653 -4.57 17.58 -51.42
C LEU A 653 -5.37 16.29 -51.35
N MET A 654 -4.89 15.33 -50.56
CA MET A 654 -5.59 14.07 -50.40
C MET A 654 -6.18 13.95 -48.99
N ASP A 655 -7.49 13.73 -48.93
CA ASP A 655 -8.17 13.58 -47.67
C ASP A 655 -8.53 12.13 -47.39
N THR A 656 -7.72 11.52 -46.56
CA THR A 656 -7.95 10.17 -46.10
C THR A 656 -8.63 10.58 -44.81
N PHE A 657 -9.86 10.17 -44.55
CA PHE A 657 -10.48 10.62 -43.30
C PHE A 657 -9.46 10.71 -42.13
N PHE A 658 -8.53 9.75 -42.10
CA PHE A 658 -7.50 9.64 -41.07
C PHE A 658 -6.29 10.54 -41.20
N GLN A 659 -6.06 11.04 -42.41
CA GLN A 659 -4.92 11.92 -42.63
C GLN A 659 -5.16 12.90 -43.78
N ILE A 660 -4.70 14.15 -43.63
CA ILE A 660 -4.83 15.14 -44.68
C ILE A 660 -3.42 15.35 -45.21
N LEU A 661 -3.23 15.05 -46.50
CA LEU A 661 -1.91 15.14 -47.12
C LEU A 661 -1.82 16.10 -48.30
N ILE A 662 -0.74 16.87 -48.35
CA ILE A 662 -0.52 17.81 -49.45
C ILE A 662 0.74 17.37 -50.20
N TYR A 663 0.63 17.29 -51.52
CA TYR A 663 1.75 16.87 -52.37
C TYR A 663 2.23 17.98 -53.32
N HIS A 664 3.55 18.07 -53.47
CA HIS A 664 4.17 19.05 -54.36
C HIS A 664 4.97 18.31 -55.41
N GLY A 665 4.42 18.23 -56.62
CA GLY A 665 5.11 17.56 -57.72
C GLY A 665 6.51 18.07 -57.91
N GLU A 666 7.38 17.21 -58.44
CA GLU A 666 8.79 17.55 -58.67
C GLU A 666 9.00 19.03 -58.95
N THR A 667 8.29 19.56 -59.93
CA THR A 667 8.42 20.97 -60.30
C THR A 667 8.19 21.93 -59.13
N ILE A 668 6.96 21.98 -58.65
CA ILE A 668 6.60 22.88 -57.55
C ILE A 668 7.39 22.64 -56.26
N ALA A 669 8.16 21.55 -56.21
CA ALA A 669 8.96 21.20 -55.05
C ALA A 669 10.00 22.28 -54.65
N GLN A 670 10.20 23.25 -55.55
CA GLN A 670 11.15 24.35 -55.33
C GLN A 670 11.16 24.82 -53.88
N GLU A 683 3.39 36.96 -55.30
CA GLU A 683 2.07 36.80 -54.71
C GLU A 683 1.32 35.64 -55.35
N ASN A 684 1.62 35.37 -56.62
CA ASN A 684 0.96 34.30 -57.36
C ASN A 684 1.35 32.92 -56.84
N PHE A 685 2.65 32.61 -56.94
CA PHE A 685 3.17 31.31 -56.50
C PHE A 685 2.70 31.02 -55.07
N ARG A 686 2.54 32.07 -54.28
CA ARG A 686 2.09 31.93 -52.90
C ARG A 686 0.63 31.47 -52.82
N HIS A 687 -0.26 32.20 -53.48
CA HIS A 687 -1.69 31.85 -53.47
C HIS A 687 -1.82 30.35 -53.71
N LEU A 688 -0.93 29.81 -54.53
CA LEU A 688 -0.92 28.40 -54.86
C LEU A 688 -0.38 27.59 -53.69
N LEU A 689 0.91 27.78 -53.40
CA LEU A 689 1.54 27.04 -52.31
C LEU A 689 0.70 26.98 -51.05
N GLN A 690 -0.17 27.97 -50.85
CA GLN A 690 -0.99 27.94 -49.65
C GLN A 690 -2.46 27.68 -49.90
N ALA A 691 -2.81 27.45 -51.16
CA ALA A 691 -4.20 27.17 -51.50
C ALA A 691 -4.61 25.89 -50.79
N PRO A 692 -3.79 24.83 -50.88
CA PRO A 692 -4.17 23.59 -50.21
C PRO A 692 -4.10 23.72 -48.69
N VAL A 693 -3.10 24.45 -48.20
CA VAL A 693 -2.91 24.64 -46.76
C VAL A 693 -4.12 25.34 -46.14
N ASP A 694 -4.74 26.22 -46.91
CA ASP A 694 -5.91 26.95 -46.43
C ASP A 694 -7.10 26.00 -46.31
N ASP A 695 -7.45 25.35 -47.43
CA ASP A 695 -8.57 24.43 -47.42
C ASP A 695 -8.38 23.37 -46.33
N ALA A 696 -7.16 22.89 -46.18
CA ALA A 696 -6.84 21.86 -45.19
C ALA A 696 -7.33 22.27 -43.80
N GLN A 697 -6.85 23.42 -43.32
CA GLN A 697 -7.24 23.93 -42.00
C GLN A 697 -8.71 23.72 -41.72
N GLU A 698 -9.56 24.21 -42.62
CA GLU A 698 -11.02 24.10 -42.47
C GLU A 698 -11.50 22.72 -42.01
N ILE A 699 -11.30 21.70 -42.85
CA ILE A 699 -11.72 20.35 -42.52
C ILE A 699 -10.89 19.78 -41.37
N LEU A 700 -9.61 20.18 -41.34
CA LEU A 700 -8.69 19.75 -40.31
C LEU A 700 -9.09 20.29 -38.95
N HIS A 701 -10.39 20.35 -38.68
CA HIS A 701 -10.90 20.84 -37.41
C HIS A 701 -12.27 20.26 -37.08
N SER A 702 -13.19 20.32 -38.04
CA SER A 702 -14.53 19.77 -37.83
C SER A 702 -14.41 18.29 -37.40
N ARG A 703 -13.70 17.53 -38.23
CA ARG A 703 -13.45 16.11 -38.00
C ARG A 703 -13.03 15.84 -36.57
N PHE A 704 -13.66 14.85 -35.94
CA PHE A 704 -13.30 14.56 -34.56
C PHE A 704 -11.87 14.09 -34.44
N PRO A 705 -11.60 12.80 -34.72
CA PRO A 705 -10.18 12.46 -34.55
C PRO A 705 -9.42 13.38 -35.49
N MET A 706 -8.69 14.35 -34.94
CA MET A 706 -7.98 15.25 -35.82
C MET A 706 -7.15 14.35 -36.71
N PRO A 707 -7.27 14.53 -38.03
CA PRO A 707 -6.49 13.69 -38.93
C PRO A 707 -5.01 14.13 -38.87
N ARG A 708 -4.10 13.21 -39.08
CA ARG A 708 -2.69 13.55 -39.06
C ARG A 708 -2.42 14.36 -40.33
N TYR A 709 -1.71 15.47 -40.20
CA TYR A 709 -1.42 16.33 -41.35
C TYR A 709 -0.06 15.98 -41.94
N ILE A 710 0.13 16.20 -43.23
CA ILE A 710 1.39 15.86 -43.88
C ILE A 710 1.71 16.75 -45.05
N ASP A 711 2.97 17.18 -45.08
CA ASP A 711 3.46 18.03 -46.13
C ASP A 711 4.67 17.31 -46.72
N THR A 712 4.52 16.80 -47.94
CA THR A 712 5.58 16.07 -48.61
C THR A 712 5.67 16.53 -50.06
N GLU A 713 6.49 15.82 -50.85
CA GLU A 713 6.66 16.15 -52.26
C GLU A 713 7.41 15.04 -52.97
N HIS A 714 7.37 15.06 -54.30
CA HIS A 714 8.05 14.05 -55.12
C HIS A 714 9.44 13.77 -54.54
N GLY A 715 9.70 12.51 -54.23
CA GLY A 715 10.99 12.15 -53.69
C GLY A 715 10.93 11.96 -52.18
N GLY A 716 10.14 12.77 -51.50
CA GLY A 716 10.01 12.66 -50.06
C GLY A 716 9.55 11.27 -49.68
N SER A 717 9.90 10.83 -48.48
CA SER A 717 9.52 9.51 -48.02
C SER A 717 8.02 9.41 -47.73
N GLN A 718 7.45 10.51 -47.25
CA GLN A 718 6.03 10.56 -46.91
C GLN A 718 5.12 10.50 -48.13
N ALA A 719 5.70 10.67 -49.31
CA ALA A 719 4.94 10.64 -50.55
C ALA A 719 4.27 9.28 -50.76
N ARG A 720 4.80 8.27 -50.08
CA ARG A 720 4.29 6.90 -50.17
C ARG A 720 2.80 6.78 -49.82
N PHE A 721 2.30 7.62 -48.92
CA PHE A 721 0.88 7.55 -48.51
C PHE A 721 -0.06 7.85 -49.68
N LEU A 722 0.37 8.76 -50.56
CA LEU A 722 -0.41 9.14 -51.72
C LEU A 722 -0.33 8.01 -52.74
N LEU A 723 0.88 7.56 -53.01
CA LEU A 723 1.14 6.50 -53.97
C LEU A 723 0.43 5.17 -53.70
N SER A 724 0.08 4.92 -52.45
CA SER A 724 -0.58 3.67 -52.08
C SER A 724 -2.12 3.71 -52.13
N LYS A 725 -2.67 4.92 -52.08
CA LYS A 725 -4.12 5.11 -52.11
C LYS A 725 -4.54 5.39 -53.56
N VAL A 726 -3.57 5.71 -54.39
CA VAL A 726 -3.81 6.04 -55.80
C VAL A 726 -4.10 4.82 -56.69
N ASN A 727 -4.00 5.00 -58.01
CA ASN A 727 -4.22 3.95 -59.01
C ASN A 727 -5.70 3.67 -59.28
N ASP A 750 -7.72 -7.71 -57.72
CA ASP A 750 -6.46 -7.99 -58.40
C ASP A 750 -5.50 -6.79 -58.43
N VAL A 751 -5.22 -6.28 -59.63
CA VAL A 751 -4.27 -5.18 -59.79
C VAL A 751 -4.93 -3.80 -59.80
N SER A 752 -4.86 -3.11 -60.93
CA SER A 752 -5.45 -1.77 -61.08
C SER A 752 -6.93 -1.86 -61.45
N LEU A 753 -7.66 -0.76 -61.25
CA LEU A 753 -9.09 -0.73 -61.53
C LEU A 753 -9.48 -1.17 -62.94
N GLN A 754 -8.69 -0.76 -63.94
CA GLN A 754 -8.95 -1.12 -65.33
C GLN A 754 -9.01 -2.62 -65.49
N VAL A 755 -7.99 -3.28 -64.94
CA VAL A 755 -7.90 -4.74 -64.98
C VAL A 755 -9.04 -5.33 -64.15
N PHE A 756 -9.28 -4.75 -62.98
CA PHE A 756 -10.35 -5.21 -62.10
C PHE A 756 -11.66 -5.18 -62.86
N MET A 757 -11.91 -4.06 -63.55
CA MET A 757 -13.15 -3.90 -64.30
C MET A 757 -13.32 -4.92 -65.40
N ASP A 758 -12.26 -5.16 -66.16
CA ASP A 758 -12.34 -6.12 -67.25
C ASP A 758 -12.67 -7.50 -66.75
N HIS A 759 -11.99 -7.94 -65.70
CA HIS A 759 -12.24 -9.26 -65.14
C HIS A 759 -13.70 -9.35 -64.65
N LEU A 760 -14.21 -8.24 -64.13
CA LEU A 760 -15.60 -8.20 -63.64
C LEU A 760 -16.57 -8.33 -64.81
N LYS A 761 -16.23 -7.73 -65.95
CA LYS A 761 -17.08 -7.78 -67.14
C LYS A 761 -17.09 -9.19 -67.71
N LYS A 762 -15.90 -9.81 -67.76
CA LYS A 762 -15.78 -11.16 -68.29
C LYS A 762 -16.65 -12.10 -67.49
N LEU A 763 -16.75 -11.86 -66.18
CA LEU A 763 -17.57 -12.71 -65.33
C LEU A 763 -19.03 -12.28 -65.35
N ALA A 764 -19.27 -10.99 -65.60
CA ALA A 764 -20.63 -10.48 -65.62
C ALA A 764 -21.43 -11.08 -66.79
N VAL A 765 -20.82 -11.03 -67.96
CA VAL A 765 -21.47 -11.51 -69.17
C VAL A 765 -21.53 -13.03 -69.36
N SER A 766 -20.79 -13.78 -68.55
CA SER A 766 -20.80 -15.23 -68.68
C SER A 766 -21.90 -15.86 -67.81
N SER A 767 -21.66 -17.09 -67.37
CA SER A 767 -22.65 -17.80 -66.57
C SER A 767 -22.95 -17.15 -65.21
N ALA A 768 -24.18 -17.35 -64.76
CA ALA A 768 -24.61 -16.79 -63.49
C ALA A 768 -24.52 -17.85 -62.40
N GLU B 6 26.11 -7.03 60.91
CA GLU B 6 26.36 -8.40 60.39
C GLU B 6 25.76 -9.44 61.35
N GLY B 7 25.97 -10.72 61.06
CA GLY B 7 25.44 -11.75 61.94
C GLY B 7 25.16 -13.11 61.35
N LEU B 8 25.69 -14.13 62.02
CA LEU B 8 25.50 -15.53 61.68
C LEU B 8 24.47 -15.99 62.71
N ARG B 9 23.52 -15.12 63.00
CA ARG B 9 22.51 -15.41 63.99
C ARG B 9 21.21 -15.97 63.43
N VAL B 10 20.57 -16.81 64.24
CA VAL B 10 19.30 -17.42 63.87
C VAL B 10 18.24 -16.45 64.33
N VAL B 11 17.08 -16.51 63.71
CA VAL B 11 16.00 -15.60 64.07
C VAL B 11 14.70 -16.36 64.22
N ASN B 12 13.85 -15.86 65.12
CA ASN B 12 12.56 -16.47 65.34
C ASN B 12 11.55 -15.47 64.79
N LEU B 13 11.04 -15.78 63.59
CA LEU B 13 10.08 -14.94 62.89
C LEU B 13 8.80 -14.65 63.64
N LEU B 14 8.50 -15.47 64.64
CA LEU B 14 7.30 -15.27 65.42
C LEU B 14 7.48 -14.22 66.51
N GLN B 15 8.71 -14.04 66.98
CA GLN B 15 8.99 -13.08 68.03
C GLN B 15 9.40 -11.69 67.52
N GLU B 16 10.25 -11.65 66.50
CA GLU B 16 10.71 -10.39 65.92
C GLU B 16 9.50 -9.61 65.41
N ARG B 17 8.89 -10.14 64.36
CA ARG B 17 7.71 -9.54 63.74
C ARG B 17 7.88 -8.05 63.42
N ASN B 18 9.12 -7.61 63.34
CA ASN B 18 9.45 -6.22 62.99
C ASN B 18 10.82 -6.26 62.36
N MET B 19 11.07 -7.38 61.69
CA MET B 19 12.34 -7.66 61.02
C MET B 19 12.77 -6.71 59.93
N LEU B 20 11.83 -6.19 59.14
CA LEU B 20 12.19 -5.27 58.06
C LEU B 20 12.98 -4.08 58.60
N PRO B 21 14.11 -3.76 57.97
CA PRO B 21 15.00 -2.66 58.33
C PRO B 21 14.54 -1.27 57.89
N SER B 22 14.90 -0.27 58.69
CA SER B 22 14.53 1.12 58.46
C SER B 22 15.28 1.80 57.31
N THR B 23 16.43 1.26 56.94
CA THR B 23 17.19 1.84 55.83
C THR B 23 17.17 0.83 54.70
N PRO B 24 17.40 1.29 53.47
CA PRO B 24 17.38 0.39 52.30
C PRO B 24 18.17 -0.88 52.51
N LEU B 25 17.70 -1.96 51.87
CA LEU B 25 18.39 -3.24 51.96
C LEU B 25 19.57 -3.14 51.03
N LYS B 26 20.65 -3.85 51.32
CA LYS B 26 21.80 -3.82 50.43
C LYS B 26 22.14 -5.24 49.98
N PRO B 27 22.51 -5.39 48.70
CA PRO B 27 22.86 -6.72 48.17
C PRO B 27 24.02 -7.36 48.93
N PRO B 28 23.99 -8.70 49.08
CA PRO B 28 25.04 -9.44 49.78
C PRO B 28 26.41 -9.22 49.15
N VAL B 29 27.45 -9.45 49.94
CA VAL B 29 28.84 -9.31 49.48
C VAL B 29 29.45 -10.71 49.41
N PRO B 30 29.73 -11.20 48.20
CA PRO B 30 30.32 -12.54 48.12
C PRO B 30 31.47 -12.66 49.11
N ASN B 31 31.55 -13.79 49.78
CA ASN B 31 32.60 -14.04 50.75
C ASN B 31 33.88 -14.35 49.95
N LEU B 32 34.53 -13.29 49.50
CA LEU B 32 35.75 -13.41 48.70
C LEU B 32 36.89 -12.59 49.27
N HIS B 33 38.12 -12.98 48.92
CA HIS B 33 39.29 -12.25 49.36
C HIS B 33 39.07 -10.78 49.02
N GLU B 34 39.61 -9.90 49.85
CA GLU B 34 39.49 -8.46 49.69
C GLU B 34 39.78 -7.96 48.27
N ASP B 35 40.96 -8.27 47.74
CA ASP B 35 41.37 -7.82 46.40
C ASP B 35 40.44 -8.23 45.28
N ILE B 36 39.87 -9.44 45.37
CA ILE B 36 38.98 -9.92 44.34
C ILE B 36 37.64 -9.24 44.42
N GLN B 37 37.08 -9.21 45.62
CA GLN B 37 35.79 -8.57 45.80
C GLN B 37 35.76 -7.13 45.28
N LYS B 38 36.85 -6.40 45.47
CA LYS B 38 36.94 -5.00 45.05
C LYS B 38 36.93 -4.81 43.53
N LEU B 39 37.07 -5.90 42.80
CA LEU B 39 37.05 -5.80 41.35
C LEU B 39 35.79 -6.45 40.84
N ASN B 40 35.04 -7.06 41.76
CA ASN B 40 33.81 -7.75 41.40
C ASN B 40 32.83 -6.84 40.70
N CYS B 41 32.04 -7.44 39.83
CA CYS B 41 31.04 -6.70 39.08
C CYS B 41 30.07 -5.97 40.01
N ASN B 42 29.42 -4.94 39.49
CA ASN B 42 28.46 -4.21 40.29
C ASN B 42 27.20 -5.07 40.45
N PRO B 43 26.74 -5.27 41.69
CA PRO B 43 25.55 -6.09 41.97
C PRO B 43 24.28 -5.59 41.28
N GLU B 44 24.26 -4.30 40.93
CA GLU B 44 23.12 -3.71 40.23
C GLU B 44 23.06 -4.23 38.80
N LEU B 45 24.22 -4.65 38.28
CA LEU B 45 24.32 -5.14 36.93
C LEU B 45 24.25 -6.65 36.82
N PHE B 46 24.86 -7.34 37.77
CA PHE B 46 24.92 -8.79 37.74
C PHE B 46 24.87 -9.32 39.16
N ARG B 47 24.06 -10.33 39.41
CA ARG B 47 24.01 -10.89 40.75
C ARG B 47 23.47 -12.31 40.80
N CYS B 48 23.82 -13.00 41.87
CA CYS B 48 23.44 -14.38 42.06
C CYS B 48 22.55 -14.59 43.27
N THR B 49 21.61 -15.53 43.14
CA THR B 49 20.69 -15.89 44.21
C THR B 49 21.44 -16.47 45.40
N LEU B 50 22.56 -17.13 45.09
CA LEU B 50 23.41 -17.75 46.11
C LEU B 50 24.86 -17.31 45.87
N THR B 51 25.30 -16.30 46.64
CA THR B 51 26.65 -15.76 46.50
C THR B 51 27.67 -16.83 46.82
N SER B 52 27.22 -17.87 47.51
CA SER B 52 28.09 -18.98 47.83
C SER B 52 27.53 -20.16 47.06
N ILE B 53 28.14 -20.42 45.91
CA ILE B 53 27.75 -21.52 45.03
C ILE B 53 27.96 -22.89 45.64
N PRO B 54 26.90 -23.70 45.73
CA PRO B 54 26.93 -25.06 46.27
C PRO B 54 27.87 -25.92 45.43
N GLN B 55 28.88 -26.53 46.05
CA GLN B 55 29.84 -27.35 45.33
C GLN B 55 29.24 -28.53 44.55
N THR B 56 28.12 -29.07 45.04
CA THR B 56 27.47 -30.18 44.36
C THR B 56 25.96 -30.01 44.28
N GLN B 57 25.39 -30.60 43.24
CA GLN B 57 23.95 -30.56 43.02
C GLN B 57 23.25 -31.17 44.26
N ALA B 58 23.89 -32.18 44.86
CA ALA B 58 23.31 -32.78 46.04
C ALA B 58 23.14 -31.68 47.09
N LEU B 59 24.22 -30.93 47.33
CA LEU B 59 24.15 -29.86 48.33
C LEU B 59 23.14 -28.81 47.94
N LEU B 60 23.08 -28.50 46.64
CA LEU B 60 22.13 -27.52 46.15
C LEU B 60 20.69 -27.95 46.43
N ASN B 61 20.39 -29.23 46.23
CA ASN B 61 19.05 -29.77 46.43
C ASN B 61 18.64 -29.83 47.88
N LYS B 62 19.59 -30.06 48.78
CA LYS B 62 19.30 -30.12 50.21
C LYS B 62 18.85 -28.75 50.67
N ALA B 63 19.54 -27.71 50.16
CA ALA B 63 19.22 -26.34 50.52
C ALA B 63 17.81 -25.91 50.08
N LYS B 64 17.28 -26.56 49.06
CA LYS B 64 15.93 -26.24 48.58
C LYS B 64 15.77 -24.76 48.21
N LEU B 65 16.83 -24.19 47.64
CA LEU B 65 16.82 -22.80 47.19
C LEU B 65 17.26 -22.80 45.73
N PRO B 66 16.59 -21.98 44.89
CA PRO B 66 16.94 -21.92 43.47
C PRO B 66 18.26 -21.23 43.17
N LEU B 67 19.02 -21.82 42.26
CA LEU B 67 20.28 -21.24 41.86
C LEU B 67 20.13 -20.57 40.49
N GLY B 68 20.48 -19.30 40.42
CA GLY B 68 20.38 -18.59 39.17
C GLY B 68 20.89 -17.16 39.25
N LEU B 69 21.01 -16.51 38.10
CA LEU B 69 21.48 -15.13 38.07
C LEU B 69 20.44 -14.17 37.53
N LEU B 70 20.57 -12.91 37.93
CA LEU B 70 19.71 -11.84 37.46
C LEU B 70 20.65 -10.77 36.89
N LEU B 71 20.31 -10.24 35.72
CA LEU B 71 21.16 -9.24 35.11
C LEU B 71 20.43 -8.10 34.46
N HIS B 72 21.10 -6.96 34.43
CA HIS B 72 20.60 -5.69 33.86
C HIS B 72 21.80 -5.16 33.03
N PRO B 73 22.33 -6.01 32.13
CA PRO B 73 23.46 -5.81 31.23
C PRO B 73 23.61 -4.53 30.42
N PHE B 74 22.51 -3.89 30.05
CA PHE B 74 22.63 -2.66 29.26
C PHE B 74 22.23 -1.41 30.04
N LYS B 75 22.28 -1.51 31.36
CA LYS B 75 21.92 -0.40 32.22
C LYS B 75 22.80 0.84 32.01
N ASP B 76 22.21 2.03 32.15
CA ASP B 76 22.97 3.26 32.00
C ASP B 76 24.01 3.28 33.10
N LEU B 77 25.28 3.37 32.71
CA LEU B 77 26.39 3.42 33.65
C LEU B 77 26.85 4.85 33.83
N VAL B 78 27.51 5.12 34.95
CA VAL B 78 28.02 6.46 35.23
C VAL B 78 29.39 6.66 34.56
N GLN B 79 30.15 5.57 34.45
CA GLN B 79 31.48 5.61 33.82
C GLN B 79 31.82 4.23 33.22
N LEU B 80 32.01 4.18 31.91
CA LEU B 80 32.31 2.92 31.24
C LEU B 80 33.65 2.87 30.50
N PRO B 81 34.48 1.85 30.82
CA PRO B 81 35.78 1.72 30.16
C PRO B 81 35.57 1.19 28.75
N VAL B 82 36.22 1.82 27.79
CA VAL B 82 36.09 1.39 26.41
C VAL B 82 37.41 0.99 25.81
N VAL B 83 37.60 -0.32 25.68
CA VAL B 83 38.81 -0.85 25.10
C VAL B 83 38.64 -0.82 23.60
N THR B 84 39.63 -0.24 22.92
CA THR B 84 39.62 -0.13 21.48
C THR B 84 40.65 -1.10 20.91
N SER B 85 41.00 -2.11 21.71
CA SER B 85 41.99 -3.12 21.33
C SER B 85 41.86 -3.57 19.90
N SER B 86 42.94 -3.43 19.14
CA SER B 86 42.96 -3.86 17.75
C SER B 86 42.79 -5.37 17.75
N THR B 87 42.80 -5.93 18.96
CA THR B 87 42.64 -7.37 19.15
C THR B 87 41.92 -7.65 20.48
N ILE B 88 40.94 -8.54 20.43
CA ILE B 88 40.18 -8.90 21.62
C ILE B 88 40.75 -10.19 22.20
N VAL B 89 41.24 -10.12 23.43
CA VAL B 89 41.79 -11.29 24.10
C VAL B 89 40.65 -12.19 24.61
N ARG B 90 40.53 -13.37 24.02
CA ARG B 90 39.47 -14.31 24.39
C ARG B 90 39.97 -15.75 24.42
N CYS B 91 39.96 -16.38 25.59
CA CYS B 91 40.40 -17.77 25.71
C CYS B 91 40.16 -18.53 24.41
N ARG B 92 41.16 -19.27 23.96
CA ARG B 92 41.07 -20.03 22.71
C ARG B 92 40.10 -21.20 22.74
N SER B 93 39.73 -21.63 23.94
CA SER B 93 38.82 -22.76 24.08
C SER B 93 37.37 -22.33 24.13
N CYS B 94 36.97 -21.76 25.26
CA CYS B 94 35.58 -21.35 25.46
C CYS B 94 35.22 -19.93 25.02
N ARG B 95 36.18 -19.22 24.43
CA ARG B 95 35.96 -17.86 23.93
C ARG B 95 35.64 -16.79 24.97
N THR B 96 35.94 -17.08 26.24
CA THR B 96 35.69 -16.13 27.32
C THR B 96 36.61 -14.89 27.25
N TYR B 97 36.04 -13.72 27.52
CA TYR B 97 36.82 -12.49 27.49
C TYR B 97 37.78 -12.38 28.68
N ILE B 98 39.06 -12.15 28.38
CA ILE B 98 40.09 -11.99 29.40
C ILE B 98 39.51 -11.03 30.43
N ASN B 99 39.15 -11.56 31.58
CA ASN B 99 38.55 -10.76 32.62
C ASN B 99 39.45 -10.60 33.84
N PRO B 100 39.01 -9.79 34.82
CA PRO B 100 39.78 -9.53 36.05
C PRO B 100 40.03 -10.75 36.90
N PHE B 101 39.26 -11.81 36.67
CA PHE B 101 39.38 -12.99 37.50
C PHE B 101 40.14 -14.14 36.90
N VAL B 102 40.86 -13.86 35.81
CA VAL B 102 41.68 -14.87 35.18
C VAL B 102 42.83 -15.16 36.14
N SER B 103 43.70 -16.07 35.78
CA SER B 103 44.81 -16.39 36.65
C SER B 103 46.11 -16.27 35.88
N PHE B 104 46.79 -15.16 36.12
CA PHE B 104 48.06 -14.91 35.46
C PHE B 104 49.18 -15.70 36.09
N LEU B 105 49.87 -16.49 35.28
CA LEU B 105 50.97 -17.29 35.79
C LEU B 105 52.28 -16.93 35.08
N ASP B 106 52.49 -17.55 33.92
CA ASP B 106 53.70 -17.32 33.14
C ASP B 106 53.83 -15.87 32.65
N GLN B 107 53.14 -14.96 33.34
CA GLN B 107 53.13 -13.53 32.99
C GLN B 107 53.17 -13.29 31.48
N ARG B 108 52.75 -14.31 30.72
CA ARG B 108 52.69 -14.26 29.27
C ARG B 108 51.72 -15.37 28.89
N ARG B 109 51.24 -16.07 29.92
CA ARG B 109 50.28 -17.15 29.78
C ARG B 109 49.26 -16.93 30.90
N TRP B 110 47.97 -17.00 30.57
CA TRP B 110 46.92 -16.81 31.57
C TRP B 110 45.93 -17.97 31.53
N LYS B 111 45.51 -18.42 32.71
CA LYS B 111 44.57 -19.52 32.83
C LYS B 111 43.13 -19.01 32.82
N CYS B 112 42.33 -19.51 31.87
CA CYS B 112 40.91 -19.13 31.76
C CYS B 112 40.14 -19.51 33.03
N ASN B 113 39.42 -18.55 33.60
CA ASN B 113 38.68 -18.85 34.83
C ASN B 113 37.33 -19.53 34.62
N LEU B 114 37.02 -19.89 33.37
CA LEU B 114 35.76 -20.58 33.11
C LEU B 114 35.94 -22.00 32.56
N CYS B 115 37.03 -22.24 31.83
CA CYS B 115 37.29 -23.56 31.28
C CYS B 115 38.74 -23.97 31.52
N TYR B 116 39.37 -23.28 32.45
CA TYR B 116 40.75 -23.51 32.89
C TYR B 116 41.86 -23.69 31.86
N ARG B 117 41.57 -23.52 30.57
CA ARG B 117 42.64 -23.65 29.60
C ARG B 117 43.58 -22.47 29.76
N VAL B 118 44.86 -22.71 29.48
CA VAL B 118 45.88 -21.69 29.58
C VAL B 118 46.03 -21.03 28.21
N ASN B 119 46.09 -19.70 28.19
CA ASN B 119 46.23 -18.97 26.94
C ASN B 119 47.49 -18.12 26.87
N ASP B 120 47.99 -17.93 25.66
CA ASP B 120 49.19 -17.15 25.43
C ASP B 120 48.83 -15.67 25.24
N VAL B 121 49.22 -14.84 26.19
CA VAL B 121 48.95 -13.41 26.09
C VAL B 121 49.72 -12.91 24.87
N PRO B 122 49.04 -12.21 23.96
CA PRO B 122 49.71 -11.69 22.75
C PRO B 122 50.59 -10.45 22.95
N GLU B 123 51.57 -10.30 22.06
CA GLU B 123 52.49 -9.16 22.09
C GLU B 123 51.74 -7.96 21.56
N GLU B 124 50.76 -7.51 22.35
CA GLU B 124 49.92 -6.37 22.04
C GLU B 124 49.28 -6.02 23.36
N PHE B 125 49.13 -7.04 24.19
CA PHE B 125 48.50 -6.90 25.49
C PHE B 125 49.47 -6.35 26.53
N LEU B 126 50.72 -6.14 26.12
CA LEU B 126 51.73 -5.59 27.01
C LEU B 126 51.96 -4.11 26.72
N GLU B 136 53.66 -5.23 32.29
CA GLU B 136 52.72 -5.75 33.28
C GLU B 136 51.38 -6.00 32.61
N PRO B 137 51.16 -7.22 32.08
CA PRO B 137 49.90 -7.55 31.41
C PRO B 137 48.70 -7.51 32.34
N HIS B 138 48.96 -7.69 33.64
CA HIS B 138 47.89 -7.69 34.64
C HIS B 138 47.42 -6.27 34.96
N ARG B 139 48.03 -5.29 34.31
CA ARG B 139 47.65 -3.90 34.55
C ARG B 139 46.68 -3.42 33.47
N ARG B 140 46.63 -4.16 32.37
CA ARG B 140 45.75 -3.87 31.24
C ARG B 140 44.31 -3.63 31.75
N PRO B 141 43.59 -2.69 31.14
CA PRO B 141 42.21 -2.35 31.52
C PRO B 141 41.21 -3.51 31.56
N GLU B 142 41.30 -4.42 30.58
CA GLU B 142 40.39 -5.58 30.50
C GLU B 142 40.47 -6.51 31.70
N VAL B 143 41.47 -6.31 32.56
CA VAL B 143 41.61 -7.16 33.72
C VAL B 143 41.37 -6.35 34.99
N GLN B 144 41.18 -5.05 34.83
CA GLN B 144 40.94 -4.17 35.97
C GLN B 144 39.47 -3.77 36.07
N ASN B 145 38.67 -4.22 35.11
CA ASN B 145 37.26 -3.87 35.13
C ASN B 145 36.32 -5.04 34.83
N ALA B 146 35.38 -5.27 35.73
CA ALA B 146 34.43 -6.37 35.59
C ALA B 146 33.46 -5.97 34.48
N THR B 147 33.22 -4.67 34.38
CA THR B 147 32.33 -4.12 33.37
C THR B 147 33.20 -3.31 32.42
N ILE B 148 33.09 -3.63 31.14
CA ILE B 148 33.89 -2.97 30.13
C ILE B 148 33.25 -3.12 28.77
N GLU B 149 33.47 -2.15 27.89
CA GLU B 149 32.90 -2.26 26.55
C GLU B 149 33.98 -2.31 25.48
N PHE B 150 33.95 -3.37 24.69
CA PHE B 150 34.90 -3.58 23.60
C PHE B 150 34.35 -3.04 22.29
N MET B 151 35.24 -2.90 21.32
CA MET B 151 34.90 -2.45 19.98
C MET B 151 35.03 -3.68 19.08
N ALA B 152 33.90 -4.23 18.67
CA ALA B 152 33.91 -5.42 17.83
C ALA B 152 34.71 -5.23 16.55
N PRO B 153 35.39 -6.29 16.10
CA PRO B 153 36.18 -6.24 14.87
C PRO B 153 35.28 -6.51 13.67
N SER B 154 35.87 -6.49 12.48
CA SER B 154 35.13 -6.71 11.23
C SER B 154 34.37 -8.03 11.15
N GLU B 155 34.78 -9.01 11.93
CA GLU B 155 34.14 -10.31 11.88
C GLU B 155 33.07 -10.56 12.93
N TYR B 156 32.75 -9.56 13.74
CA TYR B 156 31.71 -9.74 14.75
C TYR B 156 30.37 -9.19 14.27
N MET B 157 30.23 -9.11 12.95
CA MET B 157 29.01 -8.62 12.34
C MET B 157 28.77 -9.33 11.03
N LEU B 158 27.51 -9.65 10.79
CA LEU B 158 27.11 -10.36 9.59
C LEU B 158 26.85 -9.39 8.45
N ARG B 159 26.82 -8.09 8.76
CA ARG B 159 26.54 -7.10 7.74
C ARG B 159 26.86 -5.70 8.24
N PRO B 160 26.95 -4.73 7.33
CA PRO B 160 27.25 -3.35 7.72
C PRO B 160 26.30 -2.95 8.83
N PRO B 161 26.81 -2.29 9.86
CA PRO B 161 25.96 -1.87 10.97
C PRO B 161 24.67 -1.25 10.43
N GLN B 162 23.53 -1.80 10.80
CA GLN B 162 22.28 -1.24 10.30
C GLN B 162 22.09 0.13 10.91
N PRO B 163 21.40 1.02 10.20
CA PRO B 163 21.17 2.36 10.74
C PRO B 163 19.97 2.31 11.69
N PRO B 164 19.67 3.41 12.38
CA PRO B 164 18.53 3.42 13.29
C PRO B 164 17.21 3.65 12.52
N VAL B 165 16.26 2.74 12.67
CA VAL B 165 14.97 2.83 11.99
C VAL B 165 13.83 2.77 13.01
N TYR B 166 13.00 3.81 13.01
CA TYR B 166 11.88 3.90 13.93
C TYR B 166 10.57 3.93 13.17
N LEU B 167 9.75 2.90 13.35
CA LEU B 167 8.47 2.84 12.67
C LEU B 167 7.34 2.82 13.68
N PHE B 168 6.57 3.90 13.71
CA PHE B 168 5.44 3.99 14.64
C PHE B 168 4.16 3.48 13.99
N VAL B 169 3.39 2.73 14.76
CA VAL B 169 2.16 2.14 14.24
C VAL B 169 1.00 2.45 15.18
N PHE B 170 0.09 3.29 14.70
CA PHE B 170 -1.04 3.70 15.51
C PHE B 170 -2.35 3.11 15.05
N ASP B 171 -3.16 2.72 16.03
CA ASP B 171 -4.48 2.16 15.79
C ASP B 171 -5.42 3.37 15.80
N VAL B 172 -6.08 3.65 14.68
CA VAL B 172 -6.96 4.81 14.61
C VAL B 172 -8.46 4.51 14.59
N SER B 173 -8.84 3.42 15.26
CA SER B 173 -10.24 3.01 15.36
C SER B 173 -11.09 4.04 16.09
N HIS B 174 -12.40 3.80 16.12
CA HIS B 174 -13.37 4.68 16.81
C HIS B 174 -13.00 4.77 18.27
N ASN B 175 -12.87 3.61 18.92
CA ASN B 175 -12.50 3.62 20.33
C ASN B 175 -11.19 4.37 20.52
N ALA B 176 -10.18 4.02 19.71
CA ALA B 176 -8.88 4.65 19.79
C ALA B 176 -9.04 6.18 19.71
N VAL B 177 -9.77 6.64 18.72
CA VAL B 177 -9.98 8.07 18.54
C VAL B 177 -10.59 8.68 19.81
N GLU B 178 -11.48 7.92 20.45
CA GLU B 178 -12.13 8.38 21.69
C GLU B 178 -11.20 8.45 22.89
N THR B 179 -10.12 7.67 22.88
CA THR B 179 -9.19 7.68 24.00
C THR B 179 -8.32 8.92 23.95
N GLY B 180 -8.11 9.44 22.75
CA GLY B 180 -7.31 10.64 22.58
C GLY B 180 -5.83 10.48 22.86
N TYR B 181 -5.32 9.27 22.77
CA TYR B 181 -3.92 9.02 23.03
C TYR B 181 -3.04 9.55 21.90
N LEU B 182 -3.50 9.31 20.67
CA LEU B 182 -2.77 9.72 19.47
C LEU B 182 -2.17 11.12 19.56
N ASN B 183 -2.94 12.04 20.12
CA ASN B 183 -2.50 13.41 20.27
C ASN B 183 -1.18 13.55 21.03
N SER B 184 -1.15 13.15 22.30
CA SER B 184 0.07 13.29 23.10
C SER B 184 1.27 12.50 22.53
N VAL B 185 1.01 11.35 21.90
CA VAL B 185 2.10 10.57 21.34
C VAL B 185 2.77 11.41 20.26
N CYS B 186 1.96 11.95 19.35
CA CYS B 186 2.50 12.79 18.29
C CYS B 186 3.24 13.97 18.91
N GLN B 187 2.67 14.52 19.97
CA GLN B 187 3.29 15.65 20.65
C GLN B 187 4.66 15.23 21.17
N SER B 188 4.70 14.14 21.93
CA SER B 188 5.95 13.64 22.50
C SER B 188 6.98 13.49 21.42
N LEU B 189 6.58 12.84 20.31
CA LEU B 189 7.48 12.64 19.18
C LEU B 189 8.00 13.96 18.64
N LEU B 190 7.11 14.93 18.45
CA LEU B 190 7.54 16.22 17.95
C LEU B 190 8.58 16.80 18.90
N ASP B 191 8.28 16.78 20.19
CA ASP B 191 9.18 17.31 21.21
C ASP B 191 10.53 16.63 21.29
N ASN B 192 10.57 15.35 20.94
CA ASN B 192 11.80 14.57 21.04
C ASN B 192 12.39 14.10 19.71
N LEU B 193 11.91 14.67 18.61
CA LEU B 193 12.41 14.28 17.30
C LEU B 193 13.95 14.34 17.30
N ASP B 194 14.51 15.47 17.72
CA ASP B 194 15.95 15.63 17.75
C ASP B 194 16.68 14.77 18.76
N LEU B 195 15.96 14.24 19.76
CA LEU B 195 16.61 13.43 20.76
C LEU B 195 16.56 11.92 20.54
N LEU B 196 16.07 11.48 19.39
CA LEU B 196 16.03 10.05 19.12
C LEU B 196 17.45 9.57 18.87
N PRO B 197 17.86 8.48 19.52
CA PRO B 197 19.21 7.96 19.32
C PRO B 197 19.52 7.76 17.83
N GLY B 198 20.64 8.29 17.38
CA GLY B 198 20.98 8.13 15.97
C GLY B 198 21.69 9.28 15.32
N ASN B 199 22.45 8.95 14.28
CA ASN B 199 23.20 9.91 13.50
C ASN B 199 22.37 10.30 12.28
N THR B 200 23.03 10.77 11.24
CA THR B 200 22.36 11.18 10.01
C THR B 200 21.78 10.02 9.22
N ARG B 201 22.01 8.80 9.67
CA ARG B 201 21.49 7.64 8.98
C ARG B 201 20.09 7.24 9.46
N THR B 202 19.60 7.91 10.50
CA THR B 202 18.28 7.61 11.03
C THR B 202 17.12 7.69 10.03
N LYS B 203 16.26 6.68 10.06
CA LYS B 203 15.10 6.60 9.22
C LYS B 203 13.90 6.50 10.15
N ILE B 204 12.80 7.14 9.78
CA ILE B 204 11.57 7.16 10.57
C ILE B 204 10.37 6.81 9.68
N GLY B 205 9.36 6.19 10.28
CA GLY B 205 8.18 5.81 9.53
C GLY B 205 6.88 5.94 10.32
N PHE B 206 5.75 5.72 9.64
CA PHE B 206 4.44 5.84 10.26
C PHE B 206 3.41 5.02 9.52
N ILE B 207 2.51 4.41 10.29
CA ILE B 207 1.42 3.60 9.75
C ILE B 207 0.26 3.68 10.71
N THR B 208 -0.90 4.06 10.21
CA THR B 208 -2.10 4.11 11.04
C THR B 208 -2.92 2.92 10.51
N PHE B 209 -3.98 2.53 11.22
CA PHE B 209 -4.81 1.41 10.77
C PHE B 209 -6.09 1.22 11.57
N ASP B 210 -7.05 0.58 10.93
CA ASP B 210 -8.34 0.27 11.52
C ASP B 210 -8.75 -1.05 10.89
N SER B 211 -9.60 -1.00 9.87
CA SER B 211 -9.99 -2.22 9.20
C SER B 211 -9.05 -2.37 8.00
N THR B 212 -8.28 -1.31 7.73
CA THR B 212 -7.35 -1.30 6.61
C THR B 212 -6.00 -0.68 7.05
N ILE B 213 -4.92 -0.98 6.33
CA ILE B 213 -3.58 -0.47 6.66
C ILE B 213 -3.31 0.87 5.98
N HIS B 214 -2.91 1.86 6.76
CA HIS B 214 -2.65 3.19 6.20
C HIS B 214 -1.18 3.63 6.19
N PHE B 215 -0.52 3.50 5.05
CA PHE B 215 0.88 3.94 4.93
C PHE B 215 0.94 5.45 4.69
N TYR B 216 2.11 6.05 4.86
CA TYR B 216 2.27 7.50 4.67
C TYR B 216 3.57 7.83 3.94
N GLY B 217 3.44 8.39 2.75
CA GLY B 217 4.62 8.76 1.98
C GLY B 217 5.02 10.19 2.30
N LEU B 218 6.30 10.50 2.23
CA LEU B 218 6.78 11.84 2.53
C LEU B 218 7.91 12.26 1.61
N GLN B 219 7.55 13.05 0.62
CA GLN B 219 8.49 13.54 -0.39
C GLN B 219 8.48 15.06 -0.33
N GLU B 220 9.64 15.67 -0.50
CA GLU B 220 9.75 17.12 -0.45
C GLU B 220 9.15 17.78 -1.70
N SER B 221 8.94 16.98 -2.76
CA SER B 221 8.38 17.50 -3.99
C SER B 221 6.85 17.65 -3.97
N LEU B 222 6.20 17.03 -2.99
CA LEU B 222 4.75 17.09 -2.90
C LEU B 222 4.24 18.12 -1.88
N SER B 223 3.05 18.65 -2.11
CA SER B 223 2.46 19.65 -1.23
C SER B 223 2.09 19.15 0.15
N GLN B 224 1.97 17.84 0.30
CA GLN B 224 1.61 17.28 1.58
C GLN B 224 1.79 15.77 1.54
N PRO B 225 1.92 15.14 2.72
CA PRO B 225 2.09 13.69 2.79
C PRO B 225 1.01 12.93 2.03
N GLN B 226 1.25 11.65 1.76
CA GLN B 226 0.25 10.85 1.05
C GLN B 226 -0.07 9.58 1.79
N MET B 227 -1.35 9.44 2.16
CA MET B 227 -1.85 8.29 2.89
C MET B 227 -2.17 7.14 1.92
N LEU B 228 -1.28 6.15 1.85
CA LEU B 228 -1.50 5.03 0.95
C LEU B 228 -2.13 3.81 1.64
N ILE B 229 -3.42 3.63 1.36
CA ILE B 229 -4.22 2.56 1.94
C ILE B 229 -4.23 1.20 1.22
N VAL B 230 -3.93 0.14 1.95
CA VAL B 230 -3.97 -1.20 1.40
C VAL B 230 -5.14 -1.84 2.13
N SER B 231 -6.19 -2.16 1.37
CA SER B 231 -7.39 -2.74 1.94
C SER B 231 -7.42 -4.26 1.85
N ASP B 232 -6.48 -4.82 1.10
CA ASP B 232 -6.42 -6.27 0.96
C ASP B 232 -5.80 -6.87 2.21
N ILE B 233 -6.63 -6.98 3.25
CA ILE B 233 -6.26 -7.50 4.55
C ILE B 233 -5.62 -8.88 4.54
N GLU B 234 -6.06 -9.73 3.63
CA GLU B 234 -5.55 -11.09 3.54
C GLU B 234 -4.30 -11.25 2.70
N ASP B 235 -3.79 -10.15 2.18
CA ASP B 235 -2.60 -10.19 1.33
C ASP B 235 -1.92 -8.83 1.27
N VAL B 236 -1.27 -8.47 2.36
CA VAL B 236 -0.60 -7.18 2.45
C VAL B 236 0.66 -7.07 1.59
N PHE B 237 1.11 -5.84 1.34
CA PHE B 237 2.28 -5.58 0.54
C PHE B 237 2.66 -4.11 0.73
N ILE B 238 3.87 -3.74 0.34
CA ILE B 238 4.28 -2.35 0.48
C ILE B 238 3.86 -1.60 -0.79
N PRO B 239 3.09 -0.52 -0.63
CA PRO B 239 2.58 0.31 -1.73
C PRO B 239 3.58 1.17 -2.50
N MET B 240 4.77 1.35 -1.96
CA MET B 240 5.75 2.20 -2.61
C MET B 240 7.16 1.74 -2.22
N PRO B 241 8.16 2.06 -3.05
CA PRO B 241 9.52 1.63 -2.70
C PRO B 241 10.48 2.65 -2.11
N GLU B 242 10.13 3.94 -2.11
CA GLU B 242 11.10 4.90 -1.64
C GLU B 242 10.81 5.84 -0.47
N ASN B 243 9.60 6.34 -0.34
CA ASN B 243 9.37 7.30 0.73
C ASN B 243 8.51 6.97 1.93
N LEU B 244 8.40 5.69 2.27
CA LEU B 244 7.61 5.30 3.42
C LEU B 244 8.48 5.41 4.67
N LEU B 245 9.71 4.91 4.58
CA LEU B 245 10.65 5.02 5.66
C LEU B 245 11.57 6.09 5.14
N VAL B 246 11.51 7.26 5.76
CA VAL B 246 12.31 8.38 5.30
C VAL B 246 13.43 8.75 6.25
N ASN B 247 14.41 9.44 5.69
CA ASN B 247 15.58 9.91 6.42
C ASN B 247 15.08 11.07 7.27
N LEU B 248 15.17 10.92 8.59
CA LEU B 248 14.72 11.95 9.52
C LEU B 248 15.43 13.27 9.32
N ASN B 249 16.75 13.22 9.19
CA ASN B 249 17.53 14.42 9.01
C ASN B 249 17.03 15.24 7.81
N GLU B 250 17.13 14.65 6.61
CA GLU B 250 16.69 15.31 5.40
C GLU B 250 15.21 15.72 5.41
N SER B 251 14.35 14.86 5.97
CA SER B 251 12.91 15.13 5.98
C SER B 251 12.28 15.63 7.29
N LYS B 252 13.09 16.20 8.18
CA LYS B 252 12.62 16.72 9.46
C LYS B 252 11.29 17.46 9.31
N GLU B 253 11.29 18.51 8.49
CA GLU B 253 10.10 19.35 8.21
C GLU B 253 8.88 18.55 7.79
N LEU B 254 9.07 17.64 6.83
CA LEU B 254 7.97 16.84 6.32
C LEU B 254 7.28 15.99 7.38
N VAL B 255 8.02 15.30 8.23
CA VAL B 255 7.42 14.47 9.26
C VAL B 255 6.80 15.32 10.38
N GLN B 256 7.38 16.49 10.63
CA GLN B 256 6.85 17.36 11.68
C GLN B 256 5.41 17.78 11.37
N ASP B 257 5.10 18.03 10.10
CA ASP B 257 3.75 18.43 9.74
C ASP B 257 2.81 17.26 9.92
N LEU B 258 3.27 16.07 9.53
CA LEU B 258 2.45 14.87 9.64
C LEU B 258 2.12 14.57 11.09
N LEU B 259 3.06 14.86 11.98
CA LEU B 259 2.81 14.62 13.39
C LEU B 259 1.81 15.65 13.89
N LYS B 260 1.75 16.80 13.23
CA LYS B 260 0.80 17.84 13.62
C LYS B 260 -0.55 17.61 12.93
N THR B 261 -0.52 16.86 11.83
CA THR B 261 -1.72 16.59 11.05
C THR B 261 -2.47 15.33 11.43
N LEU B 262 -1.72 14.30 11.80
CA LEU B 262 -2.30 13.02 12.15
C LEU B 262 -3.47 13.02 13.13
N PRO B 263 -3.29 13.63 14.29
CA PRO B 263 -4.38 13.66 15.28
C PRO B 263 -5.70 14.18 14.73
N GLN B 264 -5.63 15.04 13.72
CA GLN B 264 -6.81 15.64 13.17
C GLN B 264 -7.46 14.86 12.03
N MET B 265 -6.78 13.84 11.53
CA MET B 265 -7.30 13.03 10.42
C MET B 265 -8.35 11.97 10.70
N PHE B 266 -8.73 11.73 11.95
CA PHE B 266 -9.71 10.67 12.21
C PHE B 266 -10.80 11.02 13.22
N THR B 267 -10.88 12.29 13.59
CA THR B 267 -11.85 12.73 14.57
C THR B 267 -13.28 12.21 14.38
N LYS B 268 -13.69 12.02 13.13
CA LYS B 268 -15.07 11.56 12.84
C LYS B 268 -15.16 10.13 12.30
N THR B 269 -14.35 9.23 12.83
CA THR B 269 -14.33 7.84 12.37
C THR B 269 -15.42 6.93 12.90
N LEU B 270 -15.81 5.97 12.06
CA LEU B 270 -16.83 4.97 12.41
C LEU B 270 -16.22 3.58 12.36
N GLU B 271 -14.91 3.53 12.20
CA GLU B 271 -14.17 2.28 12.15
C GLU B 271 -14.17 1.61 13.52
N THR B 272 -15.14 0.74 13.76
CA THR B 272 -15.28 0.05 15.04
C THR B 272 -14.30 -1.13 15.19
N GLN B 273 -13.87 -1.71 14.07
CA GLN B 273 -12.96 -2.84 14.12
C GLN B 273 -11.49 -2.52 13.88
N SER B 274 -10.61 -3.45 14.26
CA SER B 274 -9.18 -3.27 14.12
C SER B 274 -8.48 -4.53 13.60
N ALA B 275 -7.79 -4.41 12.46
CA ALA B 275 -7.07 -5.54 11.89
C ALA B 275 -5.59 -5.50 12.29
N LEU B 276 -5.33 -5.41 13.58
CA LEU B 276 -3.98 -5.36 14.10
C LEU B 276 -3.09 -6.43 13.47
N GLY B 277 -3.66 -7.61 13.22
CA GLY B 277 -2.89 -8.69 12.62
C GLY B 277 -2.25 -8.27 11.30
N PRO B 278 -3.06 -7.94 10.29
CA PRO B 278 -2.52 -7.53 8.99
C PRO B 278 -1.62 -6.32 9.11
N ALA B 279 -2.01 -5.37 9.96
CA ALA B 279 -1.22 -4.16 10.16
C ALA B 279 0.20 -4.52 10.60
N LEU B 280 0.32 -5.40 11.59
CA LEU B 280 1.64 -5.78 12.06
C LEU B 280 2.44 -6.51 10.96
N GLN B 281 1.73 -7.20 10.07
CA GLN B 281 2.43 -7.91 8.98
C GLN B 281 2.98 -6.89 7.99
N ALA B 282 2.25 -5.79 7.79
CA ALA B 282 2.71 -4.75 6.88
C ALA B 282 3.88 -4.05 7.58
N ALA B 283 3.68 -3.71 8.85
CA ALA B 283 4.73 -3.07 9.61
C ALA B 283 6.00 -3.90 9.50
N PHE B 284 5.84 -5.22 9.47
CA PHE B 284 6.97 -6.14 9.37
C PHE B 284 7.66 -6.15 8.00
N LYS B 285 6.86 -6.19 6.94
CA LYS B 285 7.40 -6.20 5.58
C LYS B 285 8.17 -4.92 5.29
N LEU B 286 7.65 -3.82 5.80
CA LEU B 286 8.29 -2.53 5.60
C LEU B 286 9.65 -2.44 6.27
N MET B 287 9.81 -3.13 7.40
CA MET B 287 11.07 -3.09 8.13
C MET B 287 12.00 -4.25 7.83
N SER B 288 11.44 -5.36 7.38
CA SER B 288 12.23 -6.54 7.09
C SER B 288 13.62 -6.20 6.51
N PRO B 289 13.67 -5.33 5.48
CA PRO B 289 14.94 -4.95 4.85
C PRO B 289 16.06 -4.40 5.74
N THR B 290 15.73 -3.66 6.79
CA THR B 290 16.78 -3.08 7.64
C THR B 290 16.67 -3.47 9.11
N GLY B 291 15.46 -3.72 9.55
CA GLY B 291 15.25 -4.06 10.95
C GLY B 291 15.19 -2.77 11.73
N GLY B 292 14.95 -2.86 13.04
CA GLY B 292 14.88 -1.65 13.85
C GLY B 292 13.78 -1.74 14.88
N ARG B 293 13.25 -0.59 15.29
CA ARG B 293 12.20 -0.61 16.30
C ARG B 293 10.80 -0.24 15.81
N MET B 294 9.85 -1.11 16.16
CA MET B 294 8.46 -0.93 15.80
C MET B 294 7.61 -0.65 17.03
N SER B 295 7.18 0.59 17.18
CA SER B 295 6.32 0.99 18.28
C SER B 295 4.87 0.79 17.82
N VAL B 296 4.14 -0.02 18.55
CA VAL B 296 2.77 -0.32 18.21
C VAL B 296 1.85 0.19 19.33
N PHE B 297 0.86 0.99 18.95
CA PHE B 297 -0.10 1.57 19.89
C PHE B 297 -1.49 1.03 19.59
N GLN B 298 -1.98 0.11 20.43
CA GLN B 298 -3.29 -0.51 20.23
C GLN B 298 -4.19 -0.20 21.42
N THR B 299 -5.49 0.00 21.17
CA THR B 299 -6.41 0.35 22.25
C THR B 299 -7.57 -0.63 22.54
N GLN B 300 -7.75 -1.64 21.68
CA GLN B 300 -8.81 -2.60 21.92
C GLN B 300 -8.52 -3.99 21.36
N LEU B 301 -9.40 -4.93 21.72
CA LEU B 301 -9.28 -6.31 21.27
C LEU B 301 -9.24 -6.36 19.72
N PRO B 302 -8.31 -7.16 19.14
CA PRO B 302 -8.18 -7.29 17.68
C PRO B 302 -9.28 -8.20 17.19
N THR B 303 -10.04 -7.76 16.20
CA THR B 303 -11.15 -8.57 15.73
C THR B 303 -11.31 -8.74 14.23
N LEU B 304 -10.51 -8.03 13.45
CA LEU B 304 -10.62 -8.13 11.99
C LEU B 304 -9.40 -8.76 11.36
N GLY B 305 -9.63 -9.72 10.49
CA GLY B 305 -8.53 -10.38 9.80
C GLY B 305 -7.73 -11.34 10.64
N VAL B 306 -6.67 -11.89 10.04
CA VAL B 306 -5.79 -12.84 10.71
C VAL B 306 -5.26 -12.23 12.02
N GLY B 307 -5.15 -13.06 13.05
CA GLY B 307 -4.67 -12.56 14.31
C GLY B 307 -5.80 -12.08 15.20
N ALA B 308 -7.04 -12.21 14.71
CA ALA B 308 -8.22 -11.79 15.48
C ALA B 308 -8.37 -12.67 16.70
N LEU B 309 -8.74 -12.04 17.82
CA LEU B 309 -8.90 -12.73 19.09
C LEU B 309 -10.33 -12.68 19.59
N LYS B 310 -10.78 -13.73 20.27
CA LYS B 310 -12.15 -13.75 20.78
C LYS B 310 -12.25 -13.00 22.11
N PRO B 311 -13.45 -12.47 22.42
CA PRO B 311 -13.61 -11.75 23.68
C PRO B 311 -13.65 -12.78 24.81
N ARG B 312 -13.36 -12.34 26.02
CA ARG B 312 -13.36 -13.23 27.18
C ARG B 312 -14.08 -12.49 28.27
N GLU B 313 -14.76 -13.23 29.13
CA GLU B 313 -15.50 -12.61 30.23
C GLU B 313 -14.59 -12.48 31.48
N GLU B 314 -14.46 -11.25 31.96
CA GLU B 314 -13.63 -10.95 33.12
C GLU B 314 -14.06 -11.68 34.37
N PRO B 315 -13.11 -12.20 35.16
CA PRO B 315 -13.40 -12.92 36.40
C PRO B 315 -13.93 -11.98 37.48
N ASN B 316 -14.17 -12.54 38.66
CA ASN B 316 -14.63 -11.78 39.80
C ASN B 316 -13.95 -12.36 41.03
N HIS B 317 -14.06 -11.68 42.16
CA HIS B 317 -13.45 -12.15 43.39
C HIS B 317 -13.86 -13.60 43.69
N ARG B 318 -14.98 -14.02 43.10
CA ARG B 318 -15.52 -15.35 43.30
C ARG B 318 -14.75 -16.45 42.57
N SER B 319 -14.69 -16.36 41.25
CA SER B 319 -13.99 -17.35 40.43
C SER B 319 -12.67 -17.83 41.03
N SER B 320 -12.48 -19.15 41.04
CA SER B 320 -11.28 -19.77 41.60
C SER B 320 -10.06 -19.56 40.69
N ALA B 321 -9.03 -20.38 40.91
CA ALA B 321 -7.81 -20.28 40.10
C ALA B 321 -7.84 -21.22 38.89
N LYS B 322 -8.97 -21.23 38.19
CA LYS B 322 -9.17 -22.05 37.00
C LYS B 322 -9.11 -21.16 35.76
N MET B 326 -4.71 -16.81 31.11
CA MET B 326 -3.26 -16.88 31.32
C MET B 326 -2.50 -17.01 30.00
N THR B 327 -2.68 -18.17 29.38
CA THR B 327 -2.03 -18.53 28.13
C THR B 327 -2.59 -17.85 26.86
N PRO B 328 -1.82 -17.88 25.76
CA PRO B 328 -2.24 -17.26 24.50
C PRO B 328 -3.37 -18.10 23.88
N SER B 329 -4.37 -17.43 23.33
CA SER B 329 -5.48 -18.13 22.68
C SER B 329 -5.15 -18.41 21.20
N THR B 330 -3.98 -17.96 20.78
CA THR B 330 -3.51 -18.18 19.41
C THR B 330 -1.99 -18.05 19.46
N ASP B 331 -1.31 -18.47 18.41
CA ASP B 331 0.14 -18.36 18.38
C ASP B 331 0.60 -17.37 17.32
N PHE B 332 -0.35 -16.80 16.60
CA PHE B 332 -0.05 -15.84 15.55
C PHE B 332 0.99 -14.79 15.97
N TYR B 333 0.76 -14.14 17.10
CA TYR B 333 1.66 -13.12 17.60
C TYR B 333 3.01 -13.66 18.04
N LYS B 334 3.06 -14.94 18.40
CA LYS B 334 4.33 -15.55 18.79
C LYS B 334 5.15 -15.82 17.51
N LYS B 335 4.50 -16.34 16.48
CA LYS B 335 5.17 -16.64 15.22
C LYS B 335 5.68 -15.36 14.58
N LEU B 336 4.81 -14.36 14.51
CA LEU B 336 5.17 -13.07 13.92
C LEU B 336 6.38 -12.47 14.61
N ALA B 337 6.43 -12.60 15.94
CA ALA B 337 7.54 -12.09 16.72
C ALA B 337 8.85 -12.76 16.31
N LEU B 338 8.80 -14.08 16.12
CA LEU B 338 9.98 -14.82 15.70
C LEU B 338 10.40 -14.35 14.32
N ASP B 339 9.42 -14.02 13.48
CA ASP B 339 9.75 -13.54 12.14
C ASP B 339 10.45 -12.18 12.24
N CYS B 340 9.91 -11.29 13.07
CA CYS B 340 10.52 -9.97 13.25
C CYS B 340 11.92 -10.20 13.73
N SER B 341 12.02 -11.04 14.76
CA SER B 341 13.29 -11.38 15.37
C SER B 341 14.35 -11.79 14.35
N GLY B 342 13.97 -12.64 13.41
CA GLY B 342 14.92 -13.09 12.43
C GLY B 342 15.36 -12.01 11.47
N GLN B 343 14.68 -10.87 11.50
CA GLN B 343 15.01 -9.74 10.63
C GLN B 343 15.54 -8.55 11.40
N GLN B 344 15.90 -8.79 12.65
CA GLN B 344 16.45 -7.75 13.52
C GLN B 344 15.44 -6.66 13.83
N VAL B 345 14.17 -7.06 13.90
CA VAL B 345 13.05 -6.18 14.18
C VAL B 345 12.42 -6.50 15.55
N ALA B 346 12.44 -5.53 16.46
CA ALA B 346 11.85 -5.73 17.77
C ALA B 346 10.51 -4.98 17.80
N VAL B 347 9.55 -5.48 18.57
CA VAL B 347 8.25 -4.83 18.65
C VAL B 347 7.87 -4.40 20.06
N ASP B 348 7.51 -3.13 20.24
CA ASP B 348 7.11 -2.61 21.54
C ASP B 348 5.60 -2.39 21.61
N LEU B 349 4.94 -3.02 22.57
CA LEU B 349 3.49 -2.90 22.70
C LEU B 349 2.97 -1.87 23.68
N PHE B 350 2.16 -0.94 23.16
CA PHE B 350 1.54 0.13 23.95
C PHE B 350 0.03 -0.10 23.92
N LEU B 351 -0.48 -0.78 24.93
CA LEU B 351 -1.91 -1.08 25.01
C LEU B 351 -2.63 -0.12 25.94
N LEU B 352 -3.52 0.69 25.37
CA LEU B 352 -4.30 1.64 26.16
C LEU B 352 -5.75 1.20 25.98
N SER B 353 -6.05 0.02 26.50
CA SER B 353 -7.37 -0.56 26.37
C SER B 353 -8.27 -0.32 27.57
N GLY B 354 -9.54 -0.07 27.27
CA GLY B 354 -10.53 0.15 28.31
C GLY B 354 -11.32 -1.13 28.58
N GLN B 355 -11.02 -2.17 27.81
CA GLN B 355 -11.67 -3.47 27.95
C GLN B 355 -10.67 -4.56 27.60
N TYR B 356 -11.02 -5.78 27.96
CA TYR B 356 -10.20 -6.95 27.69
C TYR B 356 -9.66 -6.88 26.26
N SER B 357 -8.40 -7.23 26.08
CA SER B 357 -7.82 -7.20 24.75
C SER B 357 -6.97 -8.41 24.50
N ASP B 358 -7.07 -9.39 25.39
CA ASP B 358 -6.30 -10.63 25.24
C ASP B 358 -4.79 -10.33 25.15
N LEU B 359 -4.28 -9.59 26.13
CA LEU B 359 -2.85 -9.28 26.17
C LEU B 359 -2.05 -10.58 26.34
N ALA B 360 -2.70 -11.62 26.86
CA ALA B 360 -2.03 -12.91 27.06
C ALA B 360 -1.56 -13.43 25.72
N SER B 361 -2.13 -12.90 24.66
CA SER B 361 -1.75 -13.29 23.30
C SER B 361 -0.92 -12.16 22.69
N LEU B 362 -1.44 -10.94 22.78
CA LEU B 362 -0.77 -9.77 22.23
C LEU B 362 0.64 -9.58 22.77
N GLY B 363 0.87 -10.00 24.00
CA GLY B 363 2.18 -9.82 24.59
C GLY B 363 3.26 -10.56 23.85
N CYS B 364 2.90 -11.69 23.28
CA CYS B 364 3.88 -12.51 22.58
C CYS B 364 4.66 -11.77 21.51
N ILE B 365 4.04 -10.74 20.93
CA ILE B 365 4.70 -9.96 19.89
C ILE B 365 5.95 -9.27 20.46
N SER B 366 5.88 -8.90 21.74
CA SER B 366 7.00 -8.23 22.38
C SER B 366 7.93 -9.17 23.14
N ARG B 367 7.35 -10.18 23.79
CA ARG B 367 8.12 -11.16 24.56
C ARG B 367 9.19 -11.87 23.74
N TYR B 368 8.83 -12.33 22.54
CA TYR B 368 9.79 -13.06 21.71
C TYR B 368 10.59 -12.25 20.71
N SER B 369 10.53 -10.92 20.79
CA SER B 369 11.29 -10.09 19.87
C SER B 369 12.18 -9.13 20.65
N ALA B 370 12.28 -9.40 21.95
CA ALA B 370 13.12 -8.61 22.85
C ALA B 370 12.60 -7.19 22.96
N GLY B 371 11.29 -7.04 22.88
CA GLY B 371 10.68 -5.72 23.01
C GLY B 371 10.28 -5.51 24.45
N SER B 372 9.18 -4.80 24.64
CA SER B 372 8.64 -4.53 25.95
C SER B 372 7.22 -4.01 25.77
N VAL B 373 6.34 -4.38 26.68
CA VAL B 373 4.96 -3.96 26.60
C VAL B 373 4.72 -2.90 27.65
N TYR B 374 3.91 -1.92 27.30
CA TYR B 374 3.56 -0.84 28.20
C TYR B 374 2.04 -0.88 28.34
N TYR B 375 1.54 -0.67 29.54
CA TYR B 375 0.11 -0.76 29.76
C TYR B 375 -0.52 0.44 30.44
N TYR B 376 -1.52 1.00 29.78
CA TYR B 376 -2.21 2.14 30.30
C TYR B 376 -3.70 1.78 30.31
N PRO B 377 -4.14 1.12 31.38
CA PRO B 377 -5.51 0.66 31.62
C PRO B 377 -6.53 1.80 31.66
N SER B 378 -7.51 1.72 30.77
CA SER B 378 -8.58 2.71 30.67
C SER B 378 -8.05 4.13 30.42
N TYR B 379 -7.14 4.24 29.45
CA TYR B 379 -6.54 5.51 29.09
C TYR B 379 -7.57 6.43 28.49
N HIS B 380 -7.53 7.70 28.88
CA HIS B 380 -8.45 8.69 28.34
C HIS B 380 -7.85 10.10 28.49
N HIS B 381 -7.93 10.89 27.43
CA HIS B 381 -7.36 12.24 27.46
C HIS B 381 -7.97 13.17 28.51
N GLN B 382 -9.27 13.04 28.76
CA GLN B 382 -9.92 13.89 29.75
C GLN B 382 -10.17 13.13 31.03
N HIS B 383 -10.85 12.00 30.90
CA HIS B 383 -11.21 11.17 32.04
C HIS B 383 -10.08 10.64 32.96
N ASN B 384 -9.01 10.12 32.40
CA ASN B 384 -7.93 9.52 33.20
C ASN B 384 -6.63 10.32 33.26
N PRO B 385 -6.64 11.48 33.94
CA PRO B 385 -5.43 12.31 34.04
C PRO B 385 -4.14 11.58 34.45
N VAL B 386 -4.27 10.56 35.30
CA VAL B 386 -3.10 9.82 35.77
C VAL B 386 -2.44 8.98 34.67
N GLN B 387 -3.24 8.24 33.90
CA GLN B 387 -2.68 7.43 32.81
C GLN B 387 -2.00 8.34 31.81
N VAL B 388 -2.60 9.50 31.58
CA VAL B 388 -2.08 10.50 30.64
C VAL B 388 -0.68 10.93 31.03
N GLN B 389 -0.52 11.48 32.22
CA GLN B 389 0.80 11.92 32.65
C GLN B 389 1.79 10.74 32.66
N LYS B 390 1.30 9.56 33.02
CA LYS B 390 2.15 8.38 33.07
C LYS B 390 2.71 8.08 31.68
N LEU B 391 1.81 7.93 30.71
CA LEU B 391 2.22 7.65 29.34
C LEU B 391 3.21 8.71 28.90
N GLN B 392 2.97 9.95 29.29
CA GLN B 392 3.83 11.06 28.92
C GLN B 392 5.27 10.82 29.34
N LYS B 393 5.48 10.63 30.65
CA LYS B 393 6.82 10.42 31.19
C LYS B 393 7.45 9.08 30.75
N GLU B 394 6.61 8.08 30.49
CA GLU B 394 7.12 6.80 30.04
C GLU B 394 7.57 6.91 28.60
N LEU B 395 6.86 7.73 27.82
CA LEU B 395 7.22 7.94 26.42
C LEU B 395 8.49 8.77 26.35
N GLN B 396 8.65 9.67 27.31
CA GLN B 396 9.84 10.51 27.40
C GLN B 396 11.05 9.58 27.48
N ARG B 397 11.03 8.67 28.45
CA ARG B 397 12.11 7.70 28.64
C ARG B 397 12.33 6.90 27.37
N TYR B 398 11.26 6.23 26.95
CA TYR B 398 11.26 5.40 25.75
C TYR B 398 11.94 6.06 24.55
N LEU B 399 11.57 7.32 24.30
CA LEU B 399 12.09 8.07 23.17
C LEU B 399 13.50 8.60 23.29
N THR B 400 13.97 8.87 24.50
CA THR B 400 15.32 9.43 24.63
C THR B 400 16.40 8.52 25.21
N ARG B 401 16.02 7.32 25.65
CA ARG B 401 16.98 6.39 26.25
C ARG B 401 17.84 5.80 25.15
N LYS B 402 18.99 5.24 25.52
CA LYS B 402 19.87 4.65 24.51
C LYS B 402 19.29 3.38 23.93
N ILE B 403 19.89 2.93 22.85
CA ILE B 403 19.41 1.74 22.18
C ILE B 403 20.53 1.07 21.38
N GLY B 404 20.45 -0.25 21.32
CA GLY B 404 21.41 -1.04 20.57
C GLY B 404 20.59 -1.77 19.54
N PHE B 405 21.17 -2.03 18.38
CA PHE B 405 20.44 -2.73 17.31
C PHE B 405 21.06 -4.05 16.91
N GLU B 406 20.22 -4.93 16.35
CA GLU B 406 20.64 -6.25 15.89
C GLU B 406 21.70 -6.89 16.78
N ALA B 407 21.38 -7.07 18.05
CA ALA B 407 22.33 -7.64 19.00
C ALA B 407 22.01 -9.05 19.48
N VAL B 408 22.99 -9.64 20.14
CA VAL B 408 22.89 -10.97 20.71
C VAL B 408 23.69 -10.97 22.00
N MET B 409 23.27 -11.79 22.95
CA MET B 409 23.94 -11.91 24.23
C MET B 409 24.12 -13.38 24.54
N ARG B 410 25.23 -13.71 25.19
CA ARG B 410 25.49 -15.07 25.60
C ARG B 410 25.91 -14.98 27.07
N ILE B 411 25.56 -15.99 27.87
CA ILE B 411 25.93 -15.99 29.27
C ILE B 411 26.80 -17.21 29.51
N ARG B 412 28.05 -17.00 29.90
CA ARG B 412 28.97 -18.12 30.16
C ARG B 412 29.15 -18.31 31.65
N CYS B 413 29.56 -19.51 32.06
CA CYS B 413 29.78 -19.76 33.49
C CYS B 413 30.53 -21.04 33.87
N THR B 414 31.81 -20.87 34.18
CA THR B 414 32.73 -21.95 34.60
C THR B 414 32.26 -23.40 34.51
N LYS B 415 33.12 -24.25 33.94
CA LYS B 415 32.82 -25.68 33.79
C LYS B 415 32.30 -26.26 35.10
N GLY B 416 31.16 -26.92 35.02
CA GLY B 416 30.56 -27.50 36.21
C GLY B 416 29.19 -26.87 36.39
N LEU B 417 29.10 -25.58 36.08
CA LEU B 417 27.85 -24.85 36.19
C LEU B 417 27.17 -24.72 34.83
N SER B 418 25.93 -25.18 34.75
CA SER B 418 25.19 -25.10 33.49
C SER B 418 23.86 -24.35 33.62
N ILE B 419 23.62 -23.44 32.68
CA ILE B 419 22.38 -22.68 32.66
C ILE B 419 21.34 -23.52 31.93
N HIS B 420 20.15 -23.69 32.51
CA HIS B 420 19.13 -24.50 31.83
C HIS B 420 17.82 -23.82 31.46
N THR B 421 17.50 -22.71 32.09
CA THR B 421 16.28 -21.97 31.77
C THR B 421 16.55 -20.47 31.71
N PHE B 422 15.98 -19.81 30.70
CA PHE B 422 16.19 -18.38 30.53
C PHE B 422 14.92 -17.60 30.79
N HIS B 423 15.06 -16.40 31.36
CA HIS B 423 13.91 -15.55 31.65
C HIS B 423 14.09 -14.14 31.10
N GLY B 424 13.15 -13.72 30.26
CA GLY B 424 13.20 -12.39 29.69
C GLY B 424 12.65 -12.25 28.28
N ASN B 425 12.70 -11.03 27.75
CA ASN B 425 12.21 -10.77 26.41
C ASN B 425 13.34 -10.91 25.39
N PHE B 426 13.30 -12.01 24.65
CA PHE B 426 14.31 -12.32 23.65
C PHE B 426 13.95 -13.65 22.98
N PHE B 427 14.82 -14.10 22.10
CA PHE B 427 14.61 -15.37 21.42
C PHE B 427 15.88 -16.21 21.60
N VAL B 428 15.74 -17.35 22.24
CA VAL B 428 16.87 -18.23 22.49
C VAL B 428 17.15 -19.13 21.29
N ARG B 429 18.22 -18.84 20.56
CA ARG B 429 18.63 -19.63 19.41
C ARG B 429 19.15 -20.94 20.00
N SER B 430 20.45 -21.15 20.00
CA SER B 430 21.01 -22.34 20.62
C SER B 430 21.29 -21.93 22.07
N THR B 431 21.08 -22.84 23.02
CA THR B 431 21.31 -22.50 24.42
C THR B 431 22.40 -21.44 24.45
N ASP B 432 22.18 -20.41 25.25
CA ASP B 432 23.13 -19.31 25.33
C ASP B 432 23.43 -18.75 23.97
N LEU B 433 22.68 -17.72 23.67
CA LEU B 433 22.78 -16.95 22.44
C LEU B 433 21.39 -16.40 22.38
N LEU B 434 21.19 -15.38 23.20
CA LEU B 434 19.92 -14.74 23.26
C LEU B 434 19.91 -13.75 22.11
N SER B 435 18.87 -13.84 21.31
CA SER B 435 18.70 -12.96 20.17
C SER B 435 17.95 -11.73 20.70
N LEU B 436 18.49 -10.55 20.43
CA LEU B 436 17.88 -9.28 20.88
C LEU B 436 17.77 -8.27 19.72
N PRO B 437 16.67 -8.34 18.94
CA PRO B 437 16.48 -7.41 17.81
C PRO B 437 16.74 -5.95 18.21
N ASN B 438 16.57 -5.67 19.50
CA ASN B 438 16.85 -4.37 20.11
C ASN B 438 17.31 -4.71 21.51
N VAL B 439 18.09 -3.82 22.11
CA VAL B 439 18.52 -4.00 23.48
C VAL B 439 18.35 -2.65 24.18
N ASN B 440 17.40 -2.57 25.09
CA ASN B 440 17.16 -1.33 25.83
C ASN B 440 17.73 -1.42 27.24
N PRO B 441 18.11 -0.27 27.80
CA PRO B 441 18.68 -0.13 29.13
C PRO B 441 17.72 -0.35 30.30
N ASP B 442 16.49 -0.70 30.00
CA ASP B 442 15.53 -0.93 31.07
C ASP B 442 15.03 -2.35 31.13
N ALA B 443 15.68 -3.23 30.36
CA ALA B 443 15.29 -4.63 30.33
C ALA B 443 16.07 -5.44 31.36
N GLY B 444 15.41 -6.43 31.94
CA GLY B 444 16.03 -7.28 32.92
C GLY B 444 15.98 -8.73 32.48
N TYR B 445 16.96 -9.52 32.90
CA TYR B 445 16.98 -10.92 32.52
C TYR B 445 17.33 -11.77 33.72
N ALA B 446 16.91 -13.03 33.68
CA ALA B 446 17.19 -13.98 34.75
C ALA B 446 17.50 -15.37 34.19
N VAL B 447 18.36 -16.08 34.89
CA VAL B 447 18.74 -17.42 34.45
C VAL B 447 18.75 -18.42 35.59
N GLN B 448 18.43 -19.66 35.25
CA GLN B 448 18.41 -20.75 36.22
C GLN B 448 19.52 -21.76 35.90
N MET B 449 20.31 -22.10 36.92
CA MET B 449 21.42 -23.03 36.73
C MET B 449 21.41 -24.19 37.70
N SER B 450 22.27 -25.15 37.42
CA SER B 450 22.39 -26.33 38.28
C SER B 450 23.82 -26.82 38.15
N VAL B 451 24.27 -27.59 39.13
CA VAL B 451 25.63 -28.11 39.12
C VAL B 451 25.68 -29.41 38.31
N GLU B 452 26.12 -29.31 37.07
CA GLU B 452 26.19 -30.46 36.20
C GLU B 452 27.37 -31.34 36.57
N GLU B 453 28.42 -30.72 37.11
CA GLU B 453 29.61 -31.44 37.53
C GLU B 453 30.10 -30.86 38.84
N SER B 454 30.25 -31.72 39.85
CA SER B 454 30.68 -31.29 41.18
C SER B 454 31.91 -30.41 41.14
N LEU B 455 31.87 -29.33 41.90
CA LEU B 455 32.95 -28.35 41.95
C LEU B 455 34.04 -28.67 42.96
N THR B 456 34.52 -29.90 42.93
CA THR B 456 35.57 -30.32 43.84
C THR B 456 36.87 -29.63 43.44
N ASP B 457 37.13 -29.58 42.14
CA ASP B 457 38.33 -28.93 41.66
C ASP B 457 38.44 -27.50 42.19
N THR B 458 37.63 -26.61 41.60
CA THR B 458 37.64 -25.20 41.97
C THR B 458 37.03 -24.78 43.29
N GLN B 459 37.38 -23.57 43.68
CA GLN B 459 36.89 -22.95 44.89
C GLN B 459 36.35 -21.57 44.50
N LEU B 460 36.41 -21.30 43.21
CA LEU B 460 35.91 -20.06 42.64
C LEU B 460 35.31 -20.36 41.28
N VAL B 461 34.24 -19.65 40.95
CA VAL B 461 33.57 -19.81 39.68
C VAL B 461 33.15 -18.42 39.20
N SER B 462 33.06 -18.26 37.88
CA SER B 462 32.70 -16.97 37.33
C SER B 462 31.59 -17.04 36.30
N PHE B 463 30.98 -15.88 36.06
CA PHE B 463 29.89 -15.75 35.11
C PHE B 463 30.19 -14.51 34.26
N GLN B 464 30.08 -14.67 32.95
CA GLN B 464 30.34 -13.56 32.05
C GLN B 464 29.25 -13.46 31.00
N SER B 465 28.59 -12.31 30.95
CA SER B 465 27.57 -12.09 29.94
C SER B 465 28.22 -11.17 28.93
N ALA B 466 27.90 -11.34 27.66
CA ALA B 466 28.47 -10.50 26.61
C ALA B 466 27.38 -9.98 25.70
N LEU B 467 27.33 -8.67 25.53
CA LEU B 467 26.31 -8.07 24.68
C LEU B 467 26.94 -7.55 23.39
N LEU B 468 26.65 -8.21 22.27
CA LEU B 468 27.17 -7.78 20.96
C LEU B 468 26.05 -7.03 20.22
N TYR B 469 26.27 -5.74 19.99
CA TYR B 469 25.23 -4.94 19.33
C TYR B 469 25.76 -3.82 18.44
N THR B 470 24.82 -3.15 17.79
CA THR B 470 25.14 -2.02 16.92
C THR B 470 24.60 -0.77 17.61
N SER B 471 25.44 0.25 17.72
CA SER B 471 25.05 1.49 18.37
C SER B 471 24.23 2.36 17.45
N SER B 472 23.60 3.38 18.04
CA SER B 472 22.78 4.31 17.29
C SER B 472 23.69 5.10 16.36
N LYS B 473 25.00 5.04 16.62
CA LYS B 473 25.99 5.75 15.80
C LYS B 473 26.69 4.82 14.82
N GLY B 474 26.10 3.66 14.55
CA GLY B 474 26.65 2.69 13.61
C GLY B 474 27.97 2.00 13.93
N GLU B 475 28.22 1.72 15.21
CA GLU B 475 29.46 1.06 15.64
C GLU B 475 29.20 -0.25 16.37
N ARG B 476 29.81 -1.35 15.93
CA ARG B 476 29.64 -2.65 16.59
C ARG B 476 30.40 -2.71 17.89
N ARG B 477 29.69 -2.97 18.99
CA ARG B 477 30.33 -3.03 20.29
C ARG B 477 29.93 -4.25 21.12
N ILE B 478 30.79 -4.58 22.07
CA ILE B 478 30.54 -5.69 22.94
C ILE B 478 30.64 -5.23 24.39
N ARG B 479 29.56 -5.37 25.15
CA ARG B 479 29.61 -4.98 26.53
C ARG B 479 29.69 -6.26 27.32
N VAL B 480 30.70 -6.35 28.17
CA VAL B 480 30.93 -7.55 28.96
C VAL B 480 30.98 -7.29 30.46
N HIS B 481 30.29 -8.14 31.20
CA HIS B 481 30.25 -8.07 32.66
C HIS B 481 30.74 -9.42 33.13
N THR B 482 31.45 -9.44 34.25
CA THR B 482 31.96 -10.70 34.76
C THR B 482 31.74 -10.74 36.26
N LEU B 483 31.25 -11.89 36.73
CA LEU B 483 30.96 -12.13 38.14
C LEU B 483 31.74 -13.32 38.68
N CYS B 484 32.44 -13.11 39.78
CA CYS B 484 33.23 -14.16 40.42
C CYS B 484 32.68 -14.41 41.82
N LEU B 485 32.44 -15.68 42.14
CA LEU B 485 31.92 -16.07 43.45
C LEU B 485 32.69 -17.29 43.99
N PRO B 486 32.61 -17.52 45.32
CA PRO B 486 33.29 -18.65 45.98
C PRO B 486 32.40 -19.89 46.02
N VAL B 487 33.01 -21.06 46.13
CA VAL B 487 32.26 -22.30 46.23
C VAL B 487 32.33 -22.80 47.68
N VAL B 488 31.25 -23.39 48.16
CA VAL B 488 31.25 -23.92 49.52
C VAL B 488 30.61 -25.31 49.54
N SER B 489 30.82 -26.05 50.61
CA SER B 489 30.27 -27.40 50.70
C SER B 489 29.42 -27.63 51.95
N THR B 490 29.06 -26.55 52.62
CA THR B 490 28.28 -26.61 53.85
C THR B 490 26.89 -26.02 53.67
N LEU B 491 25.86 -26.75 54.08
CA LEU B 491 24.50 -26.24 53.97
C LEU B 491 24.47 -24.85 54.58
N ASN B 492 24.95 -24.75 55.81
CA ASN B 492 24.96 -23.48 56.51
C ASN B 492 25.61 -22.39 55.68
N ASP B 493 26.69 -22.71 54.99
CA ASP B 493 27.37 -21.73 54.16
C ASP B 493 26.49 -21.27 52.99
N VAL B 494 25.79 -22.23 52.37
CA VAL B 494 24.93 -21.92 51.24
C VAL B 494 23.88 -20.93 51.73
N PHE B 495 23.43 -21.13 52.97
CA PHE B 495 22.45 -20.25 53.58
C PHE B 495 23.03 -18.88 53.92
N LEU B 496 24.25 -18.88 54.46
CA LEU B 496 24.90 -17.64 54.84
C LEU B 496 25.06 -16.68 53.68
N GLY B 497 25.00 -17.20 52.46
CA GLY B 497 25.16 -16.35 51.30
C GLY B 497 23.88 -16.07 50.53
N ALA B 498 22.78 -16.62 51.00
CA ALA B 498 21.50 -16.44 50.35
C ALA B 498 21.19 -14.96 50.12
N ASP B 499 20.73 -14.63 48.91
CA ASP B 499 20.32 -13.27 48.59
C ASP B 499 18.80 -13.37 48.53
N VAL B 500 18.13 -12.95 49.58
CA VAL B 500 16.69 -13.03 49.63
C VAL B 500 15.94 -12.36 48.48
N GLN B 501 16.30 -11.12 48.12
CA GLN B 501 15.62 -10.44 47.02
C GLN B 501 15.83 -11.16 45.68
N ALA B 502 17.07 -11.57 45.41
CA ALA B 502 17.40 -12.28 44.18
C ALA B 502 16.58 -13.56 44.05
N ILE B 503 16.50 -14.33 45.13
CA ILE B 503 15.72 -15.56 45.13
C ILE B 503 14.26 -15.22 44.84
N SER B 504 13.74 -14.21 45.51
CA SER B 504 12.37 -13.75 45.30
C SER B 504 12.13 -13.51 43.82
N GLY B 505 13.04 -12.74 43.21
CA GLY B 505 12.96 -12.43 41.80
C GLY B 505 12.99 -13.67 40.92
N LEU B 506 13.99 -14.51 41.11
CA LEU B 506 14.11 -15.75 40.34
C LEU B 506 12.87 -16.64 40.51
N LEU B 507 12.30 -16.65 41.71
CA LEU B 507 11.10 -17.43 41.97
C LEU B 507 9.91 -16.84 41.20
N ALA B 508 9.80 -15.52 41.17
CA ALA B 508 8.71 -14.88 40.45
C ALA B 508 8.67 -15.31 39.00
N ASN B 509 9.82 -15.26 38.35
CA ASN B 509 9.94 -15.66 36.95
C ASN B 509 9.54 -17.11 36.83
N MET B 510 10.02 -17.92 37.75
CA MET B 510 9.70 -19.33 37.77
C MET B 510 8.19 -19.53 37.95
N ALA B 511 7.59 -18.75 38.85
CA ALA B 511 6.17 -18.83 39.12
C ALA B 511 5.32 -18.47 37.89
N VAL B 512 5.78 -17.47 37.14
CA VAL B 512 5.08 -17.05 35.92
C VAL B 512 5.05 -18.22 34.92
N ASP B 513 6.19 -18.86 34.70
CA ASP B 513 6.27 -19.99 33.79
C ASP B 513 5.41 -21.14 34.27
N ARG B 514 5.43 -21.34 35.58
CA ARG B 514 4.66 -22.41 36.18
C ARG B 514 3.20 -22.22 35.78
N SER B 515 2.71 -20.98 35.83
CA SER B 515 1.34 -20.67 35.48
C SER B 515 1.03 -21.04 34.03
N MET B 516 1.76 -20.45 33.09
CA MET B 516 1.57 -20.71 31.67
C MET B 516 1.61 -22.20 31.35
N THR B 517 2.47 -22.90 32.07
CA THR B 517 2.69 -24.32 31.90
C THR B 517 1.68 -25.22 32.62
N ALA B 518 1.32 -24.87 33.85
CA ALA B 518 0.34 -25.62 34.63
C ALA B 518 -0.81 -24.68 34.95
N SER B 519 -0.82 -24.09 36.14
CA SER B 519 -1.88 -23.15 36.50
C SER B 519 -1.44 -22.16 37.57
N LEU B 520 -2.31 -21.19 37.84
CA LEU B 520 -2.06 -20.17 38.85
C LEU B 520 -1.92 -20.85 40.21
N SER B 521 -2.75 -21.86 40.44
CA SER B 521 -2.74 -22.60 41.70
C SER B 521 -1.37 -23.22 41.92
N ASP B 522 -0.90 -23.97 40.92
CA ASP B 522 0.40 -24.62 41.00
C ASP B 522 1.49 -23.59 41.19
N ALA B 523 1.34 -22.45 40.51
CA ALA B 523 2.33 -21.39 40.62
C ALA B 523 2.37 -20.91 42.06
N ARG B 524 1.20 -20.58 42.61
CA ARG B 524 1.12 -20.10 43.98
C ARG B 524 1.67 -21.10 44.99
N ASP B 525 1.42 -22.38 44.75
CA ASP B 525 1.88 -23.44 45.65
C ASP B 525 3.39 -23.60 45.64
N ALA B 526 3.95 -23.73 44.44
CA ALA B 526 5.39 -23.87 44.31
C ALA B 526 6.07 -22.73 45.06
N LEU B 527 5.47 -21.55 45.00
CA LEU B 527 6.01 -20.39 45.69
C LEU B 527 5.99 -20.70 47.19
N VAL B 528 4.80 -20.98 47.72
CA VAL B 528 4.66 -21.29 49.13
C VAL B 528 5.59 -22.45 49.49
N ASN B 529 5.72 -23.44 48.61
CA ASN B 529 6.59 -24.58 48.89
C ASN B 529 8.07 -24.24 48.98
N ALA B 530 8.49 -23.17 48.28
CA ALA B 530 9.89 -22.74 48.31
C ALA B 530 10.29 -22.27 49.71
N VAL B 531 9.41 -21.52 50.38
CA VAL B 531 9.68 -21.05 51.72
C VAL B 531 9.69 -22.22 52.69
N ILE B 532 8.67 -23.07 52.61
CA ILE B 532 8.56 -24.23 53.47
C ILE B 532 9.74 -25.21 53.32
N ASP B 533 9.98 -25.68 52.11
CA ASP B 533 11.07 -26.62 51.90
C ASP B 533 12.47 -26.11 52.27
N SER B 534 12.67 -24.79 52.26
CA SER B 534 13.97 -24.23 52.59
C SER B 534 14.14 -24.06 54.10
N LEU B 535 13.09 -23.56 54.74
CA LEU B 535 13.12 -23.36 56.18
C LEU B 535 13.03 -24.71 56.88
N SER B 536 12.38 -25.66 56.21
CA SER B 536 12.25 -26.98 56.78
C SER B 536 13.61 -27.62 56.66
N ALA B 537 14.23 -27.48 55.49
CA ALA B 537 15.56 -28.05 55.27
C ALA B 537 16.50 -27.45 56.30
N TYR B 538 16.32 -26.16 56.58
CA TYR B 538 17.15 -25.45 57.54
C TYR B 538 17.03 -26.11 58.90
N ARG B 539 15.80 -26.23 59.37
CA ARG B 539 15.51 -26.82 60.66
C ARG B 539 16.08 -28.23 60.84
N SER B 540 15.90 -29.09 59.84
CA SER B 540 16.41 -30.44 59.92
C SER B 540 17.92 -30.45 60.13
N SER B 541 18.54 -29.28 60.03
CA SER B 541 19.98 -29.18 60.22
C SER B 541 20.42 -28.14 61.28
N VAL B 542 19.63 -28.01 62.36
CA VAL B 542 19.94 -27.09 63.46
C VAL B 542 19.32 -27.60 64.76
N PRO B 548 11.14 -24.87 68.61
CA PRO B 548 9.79 -24.42 68.96
C PRO B 548 9.18 -23.39 67.97
N GLY B 549 9.71 -22.17 67.95
CA GLY B 549 9.20 -21.15 67.05
C GLY B 549 9.65 -21.30 65.60
N LEU B 550 9.49 -20.25 64.81
CA LEU B 550 9.90 -20.31 63.41
C LEU B 550 11.32 -19.78 63.19
N MET B 551 12.28 -20.70 63.22
CA MET B 551 13.69 -20.35 63.07
C MET B 551 14.20 -20.36 61.65
N VAL B 552 14.91 -19.28 61.30
CA VAL B 552 15.49 -19.13 59.98
C VAL B 552 16.81 -18.40 60.14
N PRO B 553 17.73 -18.56 59.18
CA PRO B 553 19.01 -17.86 59.31
C PRO B 553 18.79 -16.37 58.99
N PHE B 554 19.69 -15.53 59.46
CA PHE B 554 19.60 -14.09 59.25
C PHE B 554 19.34 -13.68 57.80
N SER B 555 20.00 -14.36 56.87
CA SER B 555 19.84 -14.04 55.46
C SER B 555 18.42 -14.25 54.91
N LEU B 556 17.60 -15.01 55.63
CA LEU B 556 16.24 -15.31 55.17
C LEU B 556 15.10 -14.75 56.02
N ARG B 557 15.41 -13.85 56.95
CA ARG B 557 14.37 -13.27 57.81
C ARG B 557 13.27 -12.54 57.03
N LEU B 558 13.55 -12.20 55.78
CA LEU B 558 12.56 -11.51 54.98
C LEU B 558 12.06 -12.38 53.84
N PHE B 559 12.36 -13.67 53.88
CA PHE B 559 11.95 -14.60 52.83
C PHE B 559 10.43 -14.88 52.82
N PRO B 560 9.83 -15.14 54.00
CA PRO B 560 8.39 -15.39 53.95
C PRO B 560 7.62 -14.12 53.59
N LEU B 561 8.10 -12.97 54.06
CA LEU B 561 7.47 -11.67 53.81
C LEU B 561 7.43 -11.27 52.34
N PHE B 562 8.53 -11.49 51.63
CA PHE B 562 8.58 -11.13 50.24
C PHE B 562 7.77 -12.10 49.38
N VAL B 563 7.78 -13.39 49.76
CA VAL B 563 7.02 -14.40 49.03
C VAL B 563 5.53 -14.11 49.22
N LEU B 564 5.15 -13.79 50.44
CA LEU B 564 3.77 -13.45 50.73
C LEU B 564 3.39 -12.23 49.88
N ALA B 565 4.26 -11.21 49.85
CA ALA B 565 4.02 -9.99 49.08
C ALA B 565 3.84 -10.36 47.62
N LEU B 566 4.64 -11.32 47.20
CA LEU B 566 4.61 -11.82 45.85
C LEU B 566 3.23 -12.43 45.64
N LEU B 567 2.80 -13.25 46.61
CA LEU B 567 1.50 -13.89 46.53
C LEU B 567 0.33 -12.91 46.51
N LYS B 568 0.50 -11.72 47.05
CA LYS B 568 -0.59 -10.74 47.04
C LYS B 568 -0.52 -9.78 45.86
N GLN B 569 0.62 -9.75 45.18
CA GLN B 569 0.82 -8.89 44.02
C GLN B 569 -0.24 -9.21 42.95
N LYS B 570 -0.47 -8.26 42.04
CA LYS B 570 -1.45 -8.43 40.99
C LYS B 570 -1.08 -9.54 39.99
N SER B 571 0.11 -10.10 40.14
CA SER B 571 0.56 -11.16 39.25
C SER B 571 0.03 -12.53 39.66
N PHE B 572 0.07 -12.81 40.96
CA PHE B 572 -0.40 -14.10 41.48
C PHE B 572 -1.53 -14.01 42.50
N GLN B 573 -1.89 -12.81 42.95
CA GLN B 573 -2.98 -12.66 43.92
C GLN B 573 -4.20 -13.41 43.38
N THR B 574 -5.11 -13.82 44.25
CA THR B 574 -6.28 -14.53 43.78
C THR B 574 -7.61 -13.88 44.16
N GLY B 575 -7.97 -13.97 45.43
CA GLY B 575 -9.22 -13.40 45.90
C GLY B 575 -9.65 -12.07 45.31
N THR B 576 -8.69 -11.26 44.90
CA THR B 576 -8.96 -9.94 44.34
C THR B 576 -9.94 -9.91 43.16
N ASN B 577 -10.33 -8.68 42.79
CA ASN B 577 -11.28 -8.41 41.72
C ASN B 577 -10.49 -7.96 40.48
N ALA B 578 -9.20 -8.28 40.47
CA ALA B 578 -8.29 -7.93 39.37
C ALA B 578 -8.70 -8.52 38.02
N ARG B 579 -8.51 -7.75 36.94
CA ARG B 579 -8.88 -8.21 35.61
C ARG B 579 -7.79 -8.98 34.87
N LEU B 580 -8.20 -9.64 33.79
CA LEU B 580 -7.28 -10.46 33.00
C LEU B 580 -5.99 -9.79 32.57
N ASP B 581 -6.08 -8.81 31.68
CA ASP B 581 -4.90 -8.11 31.18
C ASP B 581 -4.02 -7.53 32.26
N GLU B 582 -4.60 -7.17 33.41
CA GLU B 582 -3.81 -6.61 34.50
C GLU B 582 -2.79 -7.65 34.97
N ARG B 583 -3.28 -8.83 35.28
CA ARG B 583 -2.44 -9.91 35.76
C ARG B 583 -1.34 -10.23 34.73
N ILE B 584 -1.73 -10.37 33.47
CA ILE B 584 -0.79 -10.65 32.39
C ILE B 584 0.30 -9.58 32.34
N PHE B 585 -0.12 -8.31 32.34
CA PHE B 585 0.83 -7.20 32.31
C PHE B 585 1.75 -7.27 33.53
N ALA B 586 1.20 -7.73 34.65
CA ALA B 586 1.96 -7.86 35.88
C ALA B 586 3.05 -8.93 35.70
N MET B 587 2.72 -9.98 34.95
CA MET B 587 3.66 -11.07 34.69
C MET B 587 4.67 -10.66 33.63
N CYS B 588 4.24 -9.78 32.72
CA CYS B 588 5.10 -9.29 31.66
C CYS B 588 6.21 -8.46 32.28
N GLN B 589 5.84 -7.67 33.29
CA GLN B 589 6.78 -6.83 34.00
C GLN B 589 7.76 -7.67 34.81
N VAL B 590 7.26 -8.74 35.42
CA VAL B 590 8.11 -9.63 36.22
C VAL B 590 9.18 -10.24 35.33
N LYS B 591 8.75 -10.64 34.14
CA LYS B 591 9.62 -11.27 33.16
C LYS B 591 10.61 -10.34 32.49
N ASN B 592 10.31 -9.05 32.48
CA ASN B 592 11.14 -8.06 31.78
C ASN B 592 11.91 -7.02 32.62
N GLN B 593 11.50 -6.83 33.87
CA GLN B 593 12.13 -5.85 34.75
C GLN B 593 13.32 -6.27 35.61
N PRO B 594 14.25 -5.34 35.86
CA PRO B 594 15.45 -5.55 36.67
C PRO B 594 15.04 -5.75 38.15
N LEU B 595 15.69 -6.69 38.83
CA LEU B 595 15.37 -7.00 40.23
C LEU B 595 14.81 -5.84 41.05
N VAL B 596 15.50 -4.72 41.04
CA VAL B 596 15.10 -3.53 41.80
C VAL B 596 13.63 -3.12 41.71
N TYR B 597 13.12 -3.02 40.49
CA TYR B 597 11.73 -2.63 40.28
C TYR B 597 10.77 -3.75 40.63
N LEU B 598 11.22 -4.99 40.52
CA LEU B 598 10.34 -6.09 40.90
C LEU B 598 10.06 -5.87 42.39
N MET B 599 11.14 -5.68 43.15
CA MET B 599 11.03 -5.46 44.59
C MET B 599 10.23 -4.20 44.92
N LEU B 600 10.50 -3.10 44.23
CA LEU B 600 9.77 -1.86 44.49
C LEU B 600 8.29 -2.02 44.24
N THR B 601 7.95 -2.81 43.23
CA THR B 601 6.56 -3.05 42.89
C THR B 601 5.89 -3.98 43.91
N THR B 602 6.49 -5.15 44.08
CA THR B 602 5.98 -6.16 45.00
C THR B 602 5.91 -5.68 46.44
N HIS B 603 7.00 -5.07 46.91
CA HIS B 603 7.04 -4.58 48.28
C HIS B 603 7.46 -3.11 48.29
N PRO B 604 6.49 -2.21 48.03
CA PRO B 604 6.74 -0.76 48.01
C PRO B 604 7.38 -0.25 49.30
N SER B 605 8.20 0.79 49.19
CA SER B 605 8.80 1.38 50.36
C SER B 605 7.81 2.42 50.89
N LEU B 606 7.50 2.37 52.18
CA LEU B 606 6.55 3.29 52.81
C LEU B 606 7.21 4.18 53.86
N TYR B 607 7.08 5.50 53.67
CA TYR B 607 7.68 6.46 54.60
C TYR B 607 6.61 7.43 55.09
N ARG B 608 6.76 7.93 56.32
CA ARG B 608 5.82 8.93 56.85
C ARG B 608 6.45 10.25 56.40
N VAL B 609 5.64 11.18 55.90
CA VAL B 609 6.19 12.43 55.40
C VAL B 609 5.63 13.78 55.84
N ASP B 610 4.77 13.79 56.85
CA ASP B 610 4.21 15.06 57.32
C ASP B 610 5.03 15.66 58.47
N ASN B 611 6.20 15.08 58.72
CA ASN B 611 7.06 15.53 59.80
C ASN B 611 8.53 15.18 59.55
N LEU B 612 9.00 15.40 58.33
CA LEU B 612 10.38 15.09 57.98
C LEU B 612 11.35 16.05 58.68
N SER B 613 12.57 15.60 58.93
CA SER B 613 13.54 16.43 59.63
C SER B 613 14.96 16.46 59.08
N ASP B 614 15.96 16.47 59.97
CA ASP B 614 17.37 16.57 59.57
C ASP B 614 18.29 15.37 59.67
N GLU B 615 17.79 14.21 60.04
CA GLU B 615 18.67 13.05 60.11
C GLU B 615 18.96 12.63 58.67
N GLY B 616 18.73 13.58 57.77
CA GLY B 616 18.91 13.36 56.35
C GLY B 616 20.31 13.35 55.80
N ALA B 617 20.38 13.29 54.48
CA ALA B 617 21.65 13.28 53.77
C ALA B 617 21.93 14.71 53.35
N LEU B 618 21.92 15.62 54.33
CA LEU B 618 22.20 17.03 54.04
C LEU B 618 23.67 17.19 53.81
N ASN B 619 24.16 16.49 52.79
CA ASN B 619 25.56 16.54 52.42
C ASN B 619 25.61 17.13 51.04
N ILE B 620 24.55 16.88 50.30
CA ILE B 620 24.44 17.35 48.93
C ILE B 620 24.51 18.87 48.86
N SER B 621 25.66 19.41 49.24
CA SER B 621 25.92 20.85 49.23
C SER B 621 24.85 21.81 49.75
N ASP B 622 23.86 22.12 48.91
CA ASP B 622 22.81 23.04 49.33
C ASP B 622 21.44 22.43 49.67
N ARG B 623 21.23 21.18 49.28
CA ARG B 623 19.98 20.51 49.58
C ARG B 623 20.22 19.61 50.80
N THR B 624 19.19 19.39 51.61
CA THR B 624 19.37 18.52 52.76
C THR B 624 18.85 17.13 52.42
N ILE B 625 17.54 16.97 52.29
CA ILE B 625 17.01 15.65 51.94
C ILE B 625 16.84 14.73 53.12
N PRO B 626 15.64 14.75 53.72
CA PRO B 626 15.36 13.92 54.87
C PRO B 626 15.43 12.44 54.55
N GLN B 627 15.77 11.65 55.56
CA GLN B 627 15.86 10.22 55.38
C GLN B 627 14.91 9.60 56.39
N PRO B 628 13.60 9.62 56.10
CA PRO B 628 12.62 9.03 57.02
C PRO B 628 12.72 7.51 56.97
N PRO B 629 12.47 6.85 58.10
CA PRO B 629 12.56 5.38 58.17
C PRO B 629 11.54 4.61 57.35
N ILE B 630 11.98 3.51 56.76
CA ILE B 630 11.12 2.64 55.98
C ILE B 630 10.22 1.90 56.98
N LEU B 631 8.92 1.91 56.72
CA LEU B 631 7.95 1.24 57.57
C LEU B 631 7.46 0.00 56.86
N GLN B 632 7.06 -1.01 57.63
CA GLN B 632 6.56 -2.24 57.04
C GLN B 632 5.13 -2.03 56.55
N LEU B 633 4.79 -2.71 55.45
CA LEU B 633 3.49 -2.59 54.80
C LEU B 633 2.25 -3.10 55.52
N SER B 634 1.79 -2.32 56.50
CA SER B 634 0.61 -2.67 57.27
C SER B 634 -0.11 -1.42 57.75
N VAL B 635 -1.43 -1.42 57.67
CA VAL B 635 -2.22 -0.29 58.09
C VAL B 635 -1.98 0.03 59.55
N GLU B 636 -1.44 -0.95 60.28
CA GLU B 636 -1.16 -0.74 61.70
C GLU B 636 -0.04 0.29 61.85
N LYS B 637 0.51 0.71 60.72
CA LYS B 637 1.60 1.69 60.72
C LYS B 637 1.17 3.09 60.26
N LEU B 638 0.06 3.16 59.55
CA LEU B 638 -0.42 4.46 59.08
C LEU B 638 -0.87 5.24 60.30
N SER B 639 -1.58 6.34 60.05
CA SER B 639 -2.07 7.19 61.12
C SER B 639 -2.98 8.24 60.51
N ARG B 640 -4.13 8.45 61.12
CA ARG B 640 -5.09 9.43 60.61
C ARG B 640 -4.61 10.85 60.92
N ASP B 641 -3.57 10.96 61.74
CA ASP B 641 -3.02 12.25 62.13
C ASP B 641 -1.89 12.69 61.20
N GLY B 642 -1.38 11.76 60.40
CA GLY B 642 -0.29 12.08 59.51
C GLY B 642 -0.55 11.85 58.04
N ALA B 643 0.53 11.89 57.26
CA ALA B 643 0.48 11.68 55.82
C ALA B 643 1.58 10.70 55.50
N PHE B 644 1.29 9.74 54.62
CA PHE B 644 2.25 8.72 54.27
C PHE B 644 2.51 8.58 52.77
N LEU B 645 3.79 8.49 52.41
CA LEU B 645 4.17 8.32 51.00
C LEU B 645 4.66 6.90 50.75
N MET B 646 4.11 6.27 49.71
CA MET B 646 4.49 4.92 49.35
C MET B 646 5.20 4.93 48.01
N ASP B 647 6.43 4.41 47.98
CA ASP B 647 7.21 4.35 46.75
C ASP B 647 6.98 2.97 46.13
N ALA B 648 6.22 2.93 45.05
CA ALA B 648 5.93 1.67 44.38
C ALA B 648 6.85 1.50 43.17
N GLY B 649 7.92 2.27 43.13
CA GLY B 649 8.87 2.18 42.03
C GLY B 649 8.47 2.97 40.79
N SER B 650 7.29 2.66 40.25
CA SER B 650 6.79 3.33 39.04
C SER B 650 5.98 4.57 39.40
N VAL B 651 5.42 4.60 40.60
CA VAL B 651 4.63 5.74 41.04
C VAL B 651 4.94 6.04 42.51
N LEU B 652 4.41 7.16 43.01
CA LEU B 652 4.67 7.53 44.38
C LEU B 652 3.43 8.01 45.13
N MET B 653 2.38 7.20 45.17
CA MET B 653 1.14 7.57 45.87
C MET B 653 1.35 8.15 47.27
N LEU B 654 0.84 9.36 47.49
CA LEU B 654 0.96 10.03 48.79
C LEU B 654 -0.40 10.02 49.48
N TRP B 655 -0.55 9.15 50.47
CA TRP B 655 -1.78 9.00 51.21
C TRP B 655 -1.84 10.00 52.36
N VAL B 656 -2.94 10.74 52.44
CA VAL B 656 -3.12 11.73 53.49
C VAL B 656 -4.14 11.18 54.50
N GLY B 657 -3.97 11.56 55.77
CA GLY B 657 -4.87 11.11 56.79
C GLY B 657 -6.06 12.05 56.94
N LYS B 658 -7.14 11.55 57.51
CA LYS B 658 -8.32 12.38 57.70
C LYS B 658 -8.05 13.44 58.76
N ASN B 659 -7.57 12.99 59.92
CA ASN B 659 -7.27 13.91 61.03
C ASN B 659 -5.89 14.53 60.83
N CYS B 660 -5.47 14.57 59.57
CA CYS B 660 -4.19 15.14 59.16
C CYS B 660 -4.02 16.54 59.75
N THR B 661 -2.79 16.88 60.13
CA THR B 661 -2.49 18.17 60.71
C THR B 661 -2.74 19.36 59.76
N GLN B 662 -3.03 20.53 60.33
CA GLN B 662 -3.29 21.74 59.55
C GLN B 662 -2.03 22.31 58.89
N ASN B 663 -0.91 22.27 59.60
CA ASN B 663 0.34 22.78 59.05
C ASN B 663 0.68 22.09 57.73
N PHE B 664 0.38 20.80 57.66
CA PHE B 664 0.65 20.01 56.46
C PHE B 664 -0.31 20.39 55.34
N LEU B 665 -1.54 20.71 55.69
CA LEU B 665 -2.53 21.09 54.71
C LEU B 665 -2.19 22.37 53.97
N SER B 666 -2.02 23.46 54.72
CA SER B 666 -1.72 24.77 54.14
C SER B 666 -0.31 24.95 53.61
N GLN B 667 0.68 24.46 54.36
CA GLN B 667 2.07 24.61 54.00
C GLN B 667 2.67 23.57 53.05
N VAL B 668 2.03 22.41 52.95
CA VAL B 668 2.55 21.38 52.05
C VAL B 668 1.58 21.08 50.92
N LEU B 669 0.28 21.04 51.22
CA LEU B 669 -0.70 20.75 50.19
C LEU B 669 -1.25 22.03 49.58
N GLY B 670 -1.22 23.13 50.33
CA GLY B 670 -1.72 24.38 49.83
C GLY B 670 -3.23 24.45 49.88
N VAL B 671 -3.78 23.86 50.93
CA VAL B 671 -5.22 23.80 51.15
C VAL B 671 -5.48 24.25 52.58
N GLN B 672 -6.73 24.57 52.91
CA GLN B 672 -7.05 25.01 54.26
C GLN B 672 -7.68 23.94 55.14
N ASN B 673 -8.16 22.87 54.52
CA ASN B 673 -8.77 21.78 55.25
C ASN B 673 -8.86 20.53 54.39
N TYR B 674 -8.83 19.38 55.05
CA TYR B 674 -8.89 18.09 54.36
C TYR B 674 -9.89 18.08 53.19
N ALA B 675 -11.11 18.56 53.45
CA ALA B 675 -12.18 18.58 52.46
C ALA B 675 -11.88 19.23 51.10
N SER B 676 -10.98 20.21 51.09
CA SER B 676 -10.67 20.88 49.84
C SER B 676 -9.39 20.41 49.14
N ILE B 677 -8.98 19.17 49.42
CA ILE B 677 -7.80 18.62 48.76
C ILE B 677 -8.26 18.05 47.43
N PRO B 678 -8.08 18.83 46.35
CA PRO B 678 -8.47 18.46 44.98
C PRO B 678 -8.46 16.97 44.71
N GLN B 679 -9.59 16.45 44.25
CA GLN B 679 -9.76 15.02 43.95
C GLN B 679 -8.52 14.49 43.24
N PRO B 680 -8.53 14.41 41.89
CA PRO B 680 -7.25 13.88 41.42
C PRO B 680 -6.18 14.97 41.54
N MET B 681 -5.14 14.69 42.32
CA MET B 681 -4.06 15.65 42.47
C MET B 681 -2.84 15.04 41.79
N THR B 682 -2.57 15.50 40.58
CA THR B 682 -1.45 15.00 39.78
C THR B 682 -0.06 15.23 40.40
N ASP B 683 0.06 16.15 41.34
CA ASP B 683 1.34 16.42 41.98
C ASP B 683 1.21 17.50 43.05
N LEU B 684 2.22 17.60 43.91
CA LEU B 684 2.24 18.59 44.98
C LEU B 684 2.63 19.95 44.44
N PRO B 685 2.19 21.02 45.11
CA PRO B 685 2.53 22.37 44.65
C PRO B 685 3.87 22.70 45.31
N GLU B 686 4.62 23.61 44.71
CA GLU B 686 5.89 23.99 45.31
C GLU B 686 5.69 25.34 46.00
N LEU B 687 5.32 25.26 47.26
CA LEU B 687 5.06 26.44 48.07
C LEU B 687 6.33 26.93 48.78
N ASP B 688 6.36 28.23 49.07
CA ASP B 688 7.48 28.82 49.77
C ASP B 688 7.33 28.52 51.26
N THR B 689 7.66 27.30 51.64
CA THR B 689 7.58 26.90 53.03
C THR B 689 8.73 25.94 53.27
N PRO B 690 9.33 25.99 54.47
CA PRO B 690 10.44 25.07 54.72
C PRO B 690 9.96 23.64 54.63
N GLU B 691 8.72 23.42 55.02
CA GLU B 691 8.10 22.10 54.98
C GLU B 691 8.00 21.60 53.54
N SER B 692 7.52 22.44 52.64
CA SER B 692 7.42 22.04 51.24
C SER B 692 8.80 21.74 50.67
N ALA B 693 9.75 22.60 50.97
CA ALA B 693 11.11 22.40 50.49
C ALA B 693 11.62 21.03 50.94
N ARG B 694 11.25 20.65 52.16
CA ARG B 694 11.68 19.35 52.67
C ARG B 694 11.02 18.18 51.95
N ILE B 695 9.71 18.21 51.79
CA ILE B 695 9.06 17.10 51.12
C ILE B 695 9.42 17.03 49.64
N ILE B 696 9.60 18.18 49.00
CA ILE B 696 9.96 18.23 47.59
C ILE B 696 11.38 17.70 47.44
N ALA B 697 12.19 17.90 48.47
CA ALA B 697 13.57 17.42 48.46
C ALA B 697 13.60 15.90 48.55
N PHE B 698 12.75 15.35 49.42
CA PHE B 698 12.70 13.89 49.57
C PHE B 698 12.20 13.23 48.28
N ILE B 699 11.14 13.77 47.69
CA ILE B 699 10.57 13.21 46.48
C ILE B 699 11.54 13.28 45.30
N SER B 700 12.21 14.42 45.11
CA SER B 700 13.14 14.58 44.00
C SER B 700 14.34 13.63 44.13
N TRP B 701 14.74 13.35 45.36
CA TRP B 701 15.85 12.44 45.61
C TRP B 701 15.42 11.00 45.30
N LEU B 702 14.16 10.68 45.56
CA LEU B 702 13.63 9.36 45.25
C LEU B 702 13.64 9.10 43.74
N ARG B 703 13.02 10.00 42.98
CA ARG B 703 12.96 9.84 41.52
C ARG B 703 14.28 10.06 40.78
N GLU B 704 15.29 10.54 41.49
CA GLU B 704 16.63 10.74 40.90
C GLU B 704 17.37 9.43 41.01
N GLN B 705 16.81 8.50 41.78
CA GLN B 705 17.41 7.18 42.00
C GLN B 705 16.98 6.22 40.90
N ARG B 706 16.29 6.74 39.90
CA ARG B 706 15.81 5.93 38.78
C ARG B 706 15.73 6.76 37.50
N PRO B 707 15.72 6.09 36.35
CA PRO B 707 15.63 6.79 35.07
C PRO B 707 14.20 6.91 34.52
N PHE B 708 13.25 6.26 35.19
CA PHE B 708 11.86 6.28 34.75
C PHE B 708 10.98 7.17 35.65
N PHE B 709 11.09 8.49 35.50
CA PHE B 709 10.32 9.47 36.31
C PHE B 709 8.94 8.95 36.72
N PRO B 710 8.74 8.69 38.02
CA PRO B 710 7.45 8.19 38.47
C PRO B 710 6.50 9.33 38.83
N ILE B 711 5.30 9.33 38.26
CA ILE B 711 4.36 10.39 38.60
C ILE B 711 4.00 10.18 40.07
N LEU B 712 3.48 11.23 40.70
CA LEU B 712 3.10 11.19 42.12
C LEU B 712 1.70 11.72 42.32
N TYR B 713 0.79 10.90 42.83
CA TYR B 713 -0.56 11.40 43.05
C TYR B 713 -1.02 11.24 44.50
N VAL B 714 -1.45 12.37 45.06
CA VAL B 714 -1.93 12.46 46.44
C VAL B 714 -3.39 12.04 46.52
N ILE B 715 -4.02 11.94 45.35
CA ILE B 715 -5.43 11.56 45.23
C ILE B 715 -5.80 10.56 46.30
N ARG B 716 -4.80 9.81 46.76
CA ARG B 716 -5.01 8.84 47.81
C ARG B 716 -5.52 9.62 49.04
N ASP B 717 -6.84 9.82 49.07
CA ASP B 717 -7.50 10.50 50.17
C ASP B 717 -8.10 9.36 50.97
N GLU B 718 -8.80 9.66 52.04
CA GLU B 718 -9.41 8.61 52.84
C GLU B 718 -10.80 8.31 52.26
N SER B 719 -11.00 8.70 51.01
CA SER B 719 -12.28 8.49 50.33
C SER B 719 -12.31 8.97 48.88
N PRO B 720 -11.25 8.71 48.09
CA PRO B 720 -11.23 9.15 46.71
C PRO B 720 -11.54 7.97 45.79
N MET B 721 -11.81 6.83 46.42
CA MET B 721 -12.12 5.62 45.68
C MET B 721 -10.91 5.29 44.80
N LYS B 722 -9.73 5.52 45.36
CA LYS B 722 -8.47 5.25 44.68
C LYS B 722 -7.51 4.81 45.76
N ALA B 723 -8.06 4.20 46.80
CA ALA B 723 -7.29 3.72 47.92
C ALA B 723 -6.58 2.42 47.58
N ASN B 724 -6.22 2.23 46.31
CA ASN B 724 -5.50 1.03 45.89
C ASN B 724 -4.10 1.08 46.50
N PHE B 725 -3.96 2.05 47.41
CA PHE B 725 -2.76 2.31 48.18
C PHE B 725 -2.74 1.19 49.21
N LEU B 726 -3.93 0.86 49.68
CA LEU B 726 -4.15 -0.19 50.67
C LEU B 726 -3.87 -1.57 50.10
N GLN B 727 -4.17 -1.76 48.82
CA GLN B 727 -3.93 -3.06 48.17
C GLN B 727 -2.46 -3.44 48.34
N ASN B 728 -1.65 -2.49 48.77
CA ASN B 728 -0.22 -2.73 48.96
C ASN B 728 0.19 -3.02 50.41
N MET B 729 -0.80 -3.00 51.30
CA MET B 729 -0.56 -3.29 52.72
C MET B 729 -0.58 -4.81 52.82
N ILE B 730 0.46 -5.43 52.29
CA ILE B 730 0.54 -6.89 52.25
C ILE B 730 0.71 -7.66 53.54
N GLU B 731 0.71 -6.97 54.68
CA GLU B 731 0.85 -7.69 55.95
C GLU B 731 -0.49 -7.93 56.63
N ASP B 732 -1.46 -7.06 56.35
CA ASP B 732 -2.78 -7.20 56.94
C ASP B 732 -3.45 -8.33 56.19
N ARG B 733 -4.49 -8.89 56.78
CA ARG B 733 -5.20 -9.98 56.12
C ARG B 733 -6.36 -9.36 55.37
N THR B 734 -6.85 -10.10 54.38
CA THR B 734 -7.98 -9.62 53.61
C THR B 734 -9.02 -10.74 53.59
N GLU B 735 -10.22 -10.43 53.16
CA GLU B 735 -11.27 -11.44 53.12
C GLU B 735 -10.81 -12.69 52.41
N SER B 736 -9.92 -12.53 51.41
CA SER B 736 -9.45 -13.68 50.65
C SER B 736 -7.93 -13.91 50.61
N ALA B 737 -7.20 -13.38 51.60
CA ALA B 737 -5.75 -13.54 51.67
C ALA B 737 -5.29 -13.55 53.12
N LEU B 738 -4.28 -14.33 53.44
CA LEU B 738 -3.80 -14.37 54.81
C LEU B 738 -2.99 -13.14 55.17
N SER B 739 -2.87 -12.87 56.46
CA SER B 739 -2.08 -11.76 56.94
C SER B 739 -0.65 -12.26 57.07
N TYR B 740 0.31 -11.36 57.24
CA TYR B 740 1.69 -11.81 57.38
C TYR B 740 1.81 -12.78 58.55
N TYR B 741 1.08 -12.53 59.62
CA TYR B 741 1.14 -13.39 60.80
C TYR B 741 0.55 -14.76 60.54
N GLU B 742 -0.60 -14.80 59.87
CA GLU B 742 -1.25 -16.07 59.55
C GLU B 742 -0.28 -16.88 58.72
N PHE B 743 0.25 -16.25 57.67
CA PHE B 743 1.20 -16.89 56.75
C PHE B 743 2.37 -17.51 57.51
N LEU B 744 2.86 -16.81 58.53
CA LEU B 744 3.97 -17.32 59.32
C LEU B 744 3.47 -18.53 60.06
N LEU B 745 2.25 -18.41 60.59
CA LEU B 745 1.63 -19.49 61.34
C LEU B 745 1.44 -20.73 60.47
N HIS B 746 1.11 -20.50 59.19
CA HIS B 746 0.91 -21.60 58.24
C HIS B 746 2.22 -22.25 57.82
N ILE B 747 3.29 -21.48 57.78
CA ILE B 747 4.58 -22.02 57.42
C ILE B 747 5.09 -22.89 58.55
N GLN B 748 5.08 -22.36 59.77
CA GLN B 748 5.56 -23.12 60.91
C GLN B 748 4.82 -24.45 61.03
N GLN B 749 3.54 -24.46 60.67
CA GLN B 749 2.77 -25.69 60.75
C GLN B 749 3.25 -26.70 59.72
N GLN B 750 3.79 -26.20 58.61
CA GLN B 750 4.29 -27.06 57.57
C GLN B 750 5.74 -27.47 57.83
N VAL B 751 6.55 -26.51 58.27
CA VAL B 751 7.96 -26.76 58.56
C VAL B 751 8.21 -27.95 59.46
N ASN B 752 7.55 -27.99 60.61
CA ASN B 752 7.75 -29.11 61.52
C ASN B 752 6.62 -30.14 61.51
N LYS B 753 6.01 -30.36 60.35
CA LYS B 753 4.92 -31.32 60.24
C LYS B 753 5.43 -32.71 60.60
N MET C 2 21.45 -6.52 -12.40
CA MET C 2 20.97 -5.10 -12.51
C MET C 2 20.74 -4.57 -11.12
N VAL C 3 21.02 -5.42 -10.16
CA VAL C 3 20.77 -4.98 -8.84
C VAL C 3 21.95 -4.42 -8.10
N LEU C 4 21.78 -4.25 -6.79
CA LEU C 4 22.79 -3.67 -5.92
C LEU C 4 23.64 -4.58 -5.01
N LEU C 5 24.68 -3.94 -4.48
CA LEU C 5 25.68 -4.47 -3.54
C LEU C 5 26.98 -3.68 -3.67
N THR C 6 27.16 -2.66 -2.82
CA THR C 6 28.34 -1.82 -2.87
C THR C 6 29.20 -1.84 -1.60
N MET C 7 30.52 -1.99 -1.77
CA MET C 7 31.46 -2.02 -0.65
C MET C 7 32.75 -1.28 -0.98
N ILE C 8 33.16 -0.41 -0.06
CA ILE C 8 34.39 0.36 -0.22
C ILE C 8 35.30 -0.10 0.90
N ALA C 9 36.48 -0.61 0.56
CA ALA C 9 37.41 -1.10 1.59
C ALA C 9 38.87 -0.73 1.35
N ARG C 10 39.58 -0.47 2.44
CA ARG C 10 40.99 -0.13 2.39
C ARG C 10 41.76 -1.38 1.91
N VAL C 11 42.43 -1.27 0.77
CA VAL C 11 43.17 -2.37 0.13
C VAL C 11 44.20 -3.12 0.97
N ALA C 12 45.01 -2.39 1.72
CA ALA C 12 46.04 -3.01 2.55
C ALA C 12 45.53 -4.19 3.35
N ASP C 13 44.68 -3.93 4.33
CA ASP C 13 44.13 -4.98 5.18
C ASP C 13 42.71 -5.44 4.80
N GLY C 14 42.04 -4.66 3.98
CA GLY C 14 40.69 -5.03 3.60
C GLY C 14 39.71 -4.48 4.61
N LEU C 15 40.12 -3.46 5.37
CA LEU C 15 39.22 -2.89 6.36
C LEU C 15 38.01 -2.26 5.68
N PRO C 16 36.81 -2.76 6.00
CA PRO C 16 35.59 -2.24 5.41
C PRO C 16 35.47 -0.75 5.76
N LEU C 17 35.15 0.08 4.77
CA LEU C 17 35.02 1.52 4.98
C LEU C 17 33.58 1.99 4.96
N ALA C 18 32.84 1.57 3.94
CA ALA C 18 31.42 1.92 3.79
C ALA C 18 30.77 0.89 2.88
N ALA C 19 29.50 0.58 3.14
CA ALA C 19 28.77 -0.40 2.34
C ALA C 19 27.28 -0.04 2.19
N SER C 20 26.52 -0.88 1.50
CA SER C 20 25.10 -0.64 1.27
C SER C 20 24.44 -1.91 0.75
N MET C 21 23.39 -2.36 1.42
CA MET C 21 22.69 -3.58 1.03
C MET C 21 21.21 -3.56 1.41
N GLN C 22 20.37 -4.13 0.54
CA GLN C 22 18.92 -4.19 0.76
C GLN C 22 18.38 -5.43 0.05
N GLU C 23 17.68 -6.30 0.77
CA GLU C 23 17.15 -7.52 0.18
C GLU C 23 15.67 -7.52 -0.20
N ASP C 24 14.81 -7.06 0.70
CA ASP C 24 13.37 -7.04 0.43
C ASP C 24 12.90 -5.75 -0.22
N ASP C 30 21.82 -15.21 -1.77
CA ASP C 30 21.67 -14.23 -0.68
C ASP C 30 22.92 -13.41 -0.45
N LEU C 31 22.71 -12.28 0.21
CA LEU C 31 23.79 -11.36 0.54
C LEU C 31 24.92 -12.17 1.17
N GLN C 32 24.54 -13.12 2.01
CA GLN C 32 25.48 -13.99 2.71
C GLN C 32 26.67 -14.46 1.87
N GLN C 33 26.40 -15.23 0.83
CA GLN C 33 27.44 -15.77 -0.01
C GLN C 33 28.31 -14.71 -0.68
N TYR C 34 27.71 -13.97 -1.60
CA TYR C 34 28.45 -12.94 -2.31
C TYR C 34 29.16 -11.95 -1.39
N GLN C 35 28.71 -11.85 -0.14
CA GLN C 35 29.36 -10.95 0.79
C GLN C 35 30.73 -11.54 1.15
N SER C 36 30.76 -12.84 1.40
CA SER C 36 32.00 -13.51 1.75
C SER C 36 32.97 -13.31 0.60
N GLN C 37 32.54 -13.66 -0.61
CA GLN C 37 33.39 -13.50 -1.77
C GLN C 37 33.98 -12.10 -1.81
N ALA C 38 33.13 -11.09 -1.65
CA ALA C 38 33.57 -9.70 -1.67
C ALA C 38 34.73 -9.50 -0.71
N LYS C 39 34.57 -9.99 0.51
CA LYS C 39 35.59 -9.86 1.53
C LYS C 39 36.78 -10.75 1.20
N GLN C 40 36.56 -11.79 0.40
CA GLN C 40 37.63 -12.69 0.01
C GLN C 40 38.55 -11.89 -0.90
N LEU C 41 37.92 -11.19 -1.83
CA LEU C 41 38.63 -10.37 -2.80
C LEU C 41 39.47 -9.30 -2.11
N PHE C 42 38.83 -8.52 -1.23
CA PHE C 42 39.52 -7.46 -0.49
C PHE C 42 40.81 -7.96 0.13
N ARG C 43 40.73 -9.16 0.70
CA ARG C 43 41.88 -9.79 1.33
C ARG C 43 42.99 -10.01 0.31
N LYS C 44 42.65 -10.65 -0.80
CA LYS C 44 43.63 -10.94 -1.85
C LYS C 44 44.23 -9.69 -2.48
N LEU C 45 43.39 -8.67 -2.70
CA LEU C 45 43.83 -7.43 -3.32
C LEU C 45 45.04 -6.84 -2.61
N ASN C 46 46.04 -6.48 -3.40
CA ASN C 46 47.28 -5.90 -2.89
C ASN C 46 47.81 -4.83 -3.84
N GLU C 47 49.04 -4.39 -3.59
CA GLU C 47 49.69 -3.35 -4.38
C GLU C 47 50.09 -3.84 -5.77
N GLN C 48 49.89 -5.12 -6.03
CA GLN C 48 50.25 -5.69 -7.31
C GLN C 48 49.02 -6.06 -8.12
N SER C 49 47.85 -5.95 -7.47
CA SER C 49 46.57 -6.28 -8.10
C SER C 49 46.16 -5.25 -9.16
N PRO C 50 45.35 -5.67 -10.14
CA PRO C 50 44.86 -4.81 -11.23
C PRO C 50 44.00 -3.67 -10.68
N THR C 51 44.29 -2.44 -11.08
CA THR C 51 43.55 -1.28 -10.61
C THR C 51 42.08 -1.24 -11.02
N ARG C 52 41.73 -1.95 -12.08
CA ARG C 52 40.36 -1.97 -12.55
C ARG C 52 40.11 -3.32 -13.17
N CYS C 53 39.26 -4.11 -12.51
CA CYS C 53 38.96 -5.45 -12.98
C CYS C 53 37.48 -5.84 -12.91
N THR C 54 37.12 -6.89 -13.65
CA THR C 54 35.76 -7.41 -13.69
C THR C 54 35.83 -8.92 -13.48
N LEU C 55 35.00 -9.44 -12.59
CA LEU C 55 34.99 -10.87 -12.31
C LEU C 55 33.65 -11.48 -12.68
N GLU C 56 33.66 -12.73 -13.14
CA GLU C 56 32.43 -13.41 -13.52
C GLU C 56 32.11 -14.56 -12.56
N ALA C 57 30.98 -14.46 -11.87
CA ALA C 57 30.58 -15.49 -10.92
C ALA C 57 29.18 -16.02 -11.19
N GLY C 58 28.99 -16.56 -12.39
CA GLY C 58 27.69 -17.11 -12.76
C GLY C 58 26.72 -16.04 -13.23
N ALA C 59 25.50 -16.09 -12.68
CA ALA C 59 24.48 -15.12 -13.04
C ALA C 59 24.91 -13.76 -12.50
N MET C 60 26.01 -13.77 -11.77
CA MET C 60 26.56 -12.57 -11.16
C MET C 60 27.87 -12.09 -11.79
N THR C 61 28.21 -10.84 -11.50
CA THR C 61 29.40 -10.23 -12.05
C THR C 61 29.93 -9.11 -11.17
N PHE C 62 31.14 -9.27 -10.67
CA PHE C 62 31.76 -8.26 -9.82
C PHE C 62 32.51 -7.21 -10.64
N HIS C 63 32.45 -5.96 -10.21
CA HIS C 63 33.11 -4.85 -10.89
C HIS C 63 33.79 -3.95 -9.85
N TYR C 64 35.07 -3.65 -10.04
CA TYR C 64 35.78 -2.80 -9.10
C TYR C 64 36.86 -1.92 -9.68
N ILE C 65 37.33 -0.98 -8.87
CA ILE C 65 38.40 -0.07 -9.22
C ILE C 65 39.14 0.24 -7.92
N ILE C 66 40.37 0.73 -8.01
CA ILE C 66 41.17 1.05 -6.82
C ILE C 66 41.83 2.41 -6.97
N GLU C 67 41.83 3.19 -5.90
CA GLU C 67 42.41 4.52 -5.95
C GLU C 67 42.87 4.95 -4.56
N GLN C 68 44.13 5.37 -4.45
CA GLN C 68 44.68 5.79 -3.17
C GLN C 68 44.46 4.71 -2.12
N GLY C 69 44.79 3.46 -2.48
CA GLY C 69 44.65 2.36 -1.55
C GLY C 69 43.24 1.99 -1.11
N VAL C 70 42.24 2.49 -1.82
CA VAL C 70 40.85 2.21 -1.51
C VAL C 70 40.15 1.48 -2.65
N CYS C 71 39.50 0.37 -2.34
CA CYS C 71 38.81 -0.41 -3.37
C CYS C 71 37.32 -0.19 -3.40
N TYR C 72 36.79 0.09 -4.59
CA TYR C 72 35.36 0.29 -4.77
C TYR C 72 34.82 -0.94 -5.49
N LEU C 73 34.08 -1.76 -4.75
CA LEU C 73 33.55 -2.99 -5.32
C LEU C 73 32.04 -2.98 -5.47
N VAL C 74 31.56 -3.57 -6.56
CA VAL C 74 30.12 -3.65 -6.82
C VAL C 74 29.76 -5.01 -7.40
N LEU C 75 28.58 -5.50 -7.03
CA LEU C 75 28.08 -6.77 -7.54
C LEU C 75 26.78 -6.45 -8.26
N CYS C 76 26.30 -7.40 -9.05
CA CYS C 76 25.04 -7.21 -9.78
C CYS C 76 24.89 -8.32 -10.81
N GLU C 77 23.68 -8.47 -11.34
CA GLU C 77 23.45 -9.50 -12.34
C GLU C 77 24.31 -9.15 -13.55
N ALA C 78 25.07 -10.13 -14.04
CA ALA C 78 25.95 -9.93 -15.18
C ALA C 78 25.29 -9.07 -16.25
N ALA C 79 24.01 -9.34 -16.51
CA ALA C 79 23.26 -8.61 -17.50
C ALA C 79 23.48 -7.11 -17.41
N PHE C 80 23.69 -6.61 -16.20
CA PHE C 80 23.90 -5.18 -16.00
C PHE C 80 25.06 -4.65 -16.82
N PRO C 81 24.91 -3.44 -17.39
CA PRO C 81 25.94 -2.78 -18.22
C PRO C 81 27.26 -2.60 -17.50
N LYS C 82 28.30 -3.29 -17.97
CA LYS C 82 29.63 -3.19 -17.39
C LYS C 82 30.07 -1.74 -17.51
N LYS C 83 29.56 -1.09 -18.55
CA LYS C 83 29.86 0.30 -18.82
C LYS C 83 29.31 1.21 -17.71
N LEU C 84 28.08 0.92 -17.28
CA LEU C 84 27.43 1.68 -16.22
C LEU C 84 27.97 1.38 -14.82
N ALA C 85 28.45 0.14 -14.65
CA ALA C 85 29.01 -0.30 -13.38
C ALA C 85 30.19 0.55 -12.89
N PHE C 86 31.16 0.79 -13.78
CA PHE C 86 32.34 1.59 -13.41
C PHE C 86 32.01 3.08 -13.23
N ALA C 87 31.13 3.61 -14.06
CA ALA C 87 30.74 5.01 -13.96
C ALA C 87 30.20 5.21 -12.54
N TYR C 88 29.42 4.23 -12.10
CA TYR C 88 28.83 4.24 -10.76
C TYR C 88 29.93 4.28 -9.69
N LEU C 89 30.98 3.47 -9.89
CA LEU C 89 32.10 3.40 -8.98
C LEU C 89 32.92 4.69 -8.99
N GLU C 90 33.13 5.24 -10.19
CA GLU C 90 33.88 6.48 -10.33
C GLU C 90 33.25 7.59 -9.51
N ASP C 91 31.93 7.75 -9.65
CA ASP C 91 31.19 8.77 -8.91
C ASP C 91 31.42 8.63 -7.41
N LEU C 92 31.43 7.39 -6.95
CA LEU C 92 31.65 7.14 -5.55
C LEU C 92 33.06 7.57 -5.16
N HIS C 93 34.06 7.14 -5.93
CA HIS C 93 35.45 7.49 -5.65
C HIS C 93 35.64 8.96 -5.36
N SER C 94 35.59 9.78 -6.42
CA SER C 94 35.78 11.23 -6.30
C SER C 94 35.12 11.79 -5.06
N GLU C 95 33.83 11.50 -4.89
CA GLU C 95 33.09 11.97 -3.75
C GLU C 95 33.78 11.52 -2.45
N PHE C 96 34.05 10.22 -2.37
CA PHE C 96 34.68 9.66 -1.19
C PHE C 96 36.08 10.22 -0.95
N ASP C 97 36.94 10.16 -1.96
CA ASP C 97 38.31 10.67 -1.82
C ASP C 97 38.31 12.12 -1.41
N GLU C 98 37.44 12.89 -2.04
CA GLU C 98 37.29 14.30 -1.77
C GLU C 98 36.89 14.49 -0.30
N GLN C 99 35.93 13.70 0.15
CA GLN C 99 35.43 13.80 1.52
C GLN C 99 36.24 13.11 2.62
N HIS C 100 36.71 11.90 2.37
CA HIS C 100 37.46 11.16 3.38
C HIS C 100 38.81 10.62 2.92
N GLY C 101 39.18 10.89 1.68
CA GLY C 101 40.44 10.40 1.16
C GLY C 101 41.66 10.53 2.06
N LYS C 102 41.76 11.64 2.79
CA LYS C 102 42.92 11.88 3.66
C LYS C 102 42.89 11.25 5.05
N LYS C 103 41.74 10.76 5.48
CA LYS C 103 41.66 10.14 6.81
C LYS C 103 41.71 8.61 6.75
N VAL C 104 41.37 8.06 5.60
CA VAL C 104 41.37 6.60 5.40
C VAL C 104 42.56 5.83 5.98
N PRO C 105 43.79 6.23 5.63
CA PRO C 105 44.96 5.54 6.15
C PRO C 105 45.24 5.69 7.64
N THR C 106 44.31 6.27 8.40
CA THR C 106 44.53 6.46 9.83
C THR C 106 43.54 5.70 10.71
N VAL C 107 42.31 5.55 10.22
CA VAL C 107 41.27 4.83 10.96
C VAL C 107 41.61 3.36 11.17
N SER C 108 40.83 2.68 12.00
CA SER C 108 41.08 1.27 12.29
C SER C 108 39.83 0.51 12.65
N ARG C 109 38.72 1.23 12.84
CA ARG C 109 37.44 0.61 13.17
C ARG C 109 36.77 0.14 11.91
N PRO C 110 35.94 -0.92 12.01
CA PRO C 110 35.25 -1.41 10.81
C PRO C 110 34.17 -0.39 10.47
N TYR C 111 34.02 -0.09 9.18
CA TYR C 111 33.00 0.85 8.74
C TYR C 111 33.03 2.23 9.38
N SER C 112 34.22 2.80 9.58
CA SER C 112 34.34 4.13 10.18
C SER C 112 33.76 5.25 9.32
N PHE C 113 33.02 4.89 8.28
CA PHE C 113 32.37 5.86 7.40
C PHE C 113 30.97 5.34 7.05
N ILE C 114 30.24 4.79 8.02
CA ILE C 114 28.90 4.29 7.70
C ILE C 114 28.05 5.42 7.16
N GLU C 115 28.32 6.64 7.61
CA GLU C 115 27.55 7.78 7.17
C GLU C 115 27.69 8.09 5.67
N PHE C 116 28.59 7.38 4.99
CA PHE C 116 28.76 7.57 3.56
C PHE C 116 27.64 6.73 2.92
N ASP C 117 26.84 6.13 3.80
CA ASP C 117 25.71 5.29 3.43
C ASP C 117 24.75 6.07 2.53
N THR C 118 24.47 7.32 2.96
CA THR C 118 23.56 8.20 2.25
C THR C 118 23.92 8.45 0.78
N PHE C 119 25.10 9.03 0.54
CA PHE C 119 25.54 9.30 -0.82
C PHE C 119 25.48 8.04 -1.70
N ILE C 120 26.00 6.93 -1.20
CA ILE C 120 25.98 5.66 -1.92
C ILE C 120 24.61 5.33 -2.51
N GLN C 121 23.58 5.41 -1.68
CA GLN C 121 22.23 5.10 -2.10
C GLN C 121 21.55 6.15 -2.96
N LYS C 122 21.86 7.43 -2.75
CA LYS C 122 21.24 8.47 -3.58
C LYS C 122 21.87 8.41 -4.97
N THR C 123 23.09 7.90 -5.03
CA THR C 123 23.81 7.77 -6.29
C THR C 123 23.47 6.42 -6.92
N LYS C 124 23.27 5.43 -6.07
CA LYS C 124 22.93 4.09 -6.55
C LYS C 124 21.66 4.11 -7.38
N LYS C 125 20.67 4.90 -6.97
CA LYS C 125 19.42 4.95 -7.72
C LYS C 125 19.56 5.60 -9.09
N LEU C 126 20.50 6.52 -9.23
CA LEU C 126 20.69 7.19 -10.52
C LEU C 126 21.28 6.28 -11.59
N TYR C 127 21.49 5.02 -11.24
CA TYR C 127 22.05 4.05 -12.19
C TYR C 127 21.18 2.80 -12.36
N ILE C 128 20.22 2.63 -11.47
CA ILE C 128 19.35 1.47 -11.51
C ILE C 128 17.93 1.85 -11.91
N ASP C 129 17.84 2.57 -13.02
CA ASP C 129 16.57 3.01 -13.57
C ASP C 129 16.81 3.54 -14.98
N SER C 130 16.62 2.68 -15.96
CA SER C 130 16.83 3.03 -17.36
C SER C 130 16.18 4.35 -17.75
N ARG C 131 15.25 4.84 -16.94
CA ARG C 131 14.58 6.10 -17.22
C ARG C 131 15.14 7.21 -16.35
N ALA C 132 16.37 7.58 -16.64
CA ALA C 132 17.09 8.62 -15.92
C ALA C 132 18.47 8.63 -16.57
N ARG C 133 18.81 7.48 -17.16
CA ARG C 133 20.06 7.25 -17.86
C ARG C 133 21.26 7.90 -17.15
N ILE C 149 40.83 -2.36 -17.89
CA ILE C 149 39.85 -3.34 -17.47
C ILE C 149 40.35 -4.76 -17.68
N MET C 150 39.73 -5.71 -16.99
CA MET C 150 40.13 -7.10 -17.04
C MET C 150 38.94 -7.95 -16.69
N VAL C 151 38.89 -9.17 -17.20
CA VAL C 151 37.79 -10.07 -16.91
C VAL C 151 38.34 -11.44 -16.54
N ALA C 152 37.88 -11.97 -15.42
CA ALA C 152 38.34 -13.28 -14.97
C ALA C 152 37.28 -13.91 -14.08
N ASN C 153 37.12 -15.21 -14.18
CA ASN C 153 36.15 -15.90 -13.35
C ASN C 153 36.59 -15.73 -11.92
N ILE C 154 35.79 -14.98 -11.16
CA ILE C 154 36.07 -14.72 -9.77
C ILE C 154 36.62 -15.95 -9.07
N GLU C 155 36.05 -17.11 -9.38
CA GLU C 155 36.45 -18.39 -8.79
C GLU C 155 37.96 -18.59 -8.86
N GLU C 156 38.60 -17.88 -9.78
CA GLU C 156 40.04 -17.97 -9.93
C GLU C 156 40.76 -17.21 -8.83
N VAL C 157 40.83 -15.88 -9.00
CA VAL C 157 41.51 -15.01 -8.04
C VAL C 157 41.36 -15.52 -6.61
N LEU C 158 40.16 -15.98 -6.27
CA LEU C 158 39.88 -16.49 -4.94
C LEU C 158 40.66 -17.79 -4.68
ZN ZN D . -50.13 0.25 -32.63
ZN ZN E . 38.28 -21.01 28.45
#